data_8UQT
# 
_entry.id   8UQT 
# 
_audit_conform.dict_name       mmcif_pdbx.dic 
_audit_conform.dict_version    5.383 
_audit_conform.dict_location   http://mmcif.pdb.org/dictionaries/ascii/mmcif_pdbx.dic 
# 
loop_
_database_2.database_id 
_database_2.database_code 
_database_2.pdbx_database_accession 
_database_2.pdbx_DOI 
PDB   8UQT         pdb_00008uqt 10.2210/pdb8uqt/pdb 
WWPDB D_1000277958 ?            ?                   
# 
_pdbx_database_status.status_code                     REL 
_pdbx_database_status.status_code_sf                  REL 
_pdbx_database_status.status_code_mr                  ? 
_pdbx_database_status.entry_id                        8UQT 
_pdbx_database_status.recvd_initial_deposition_date   2023-10-24 
_pdbx_database_status.SG_entry                        N 
_pdbx_database_status.deposit_site                    RCSB 
_pdbx_database_status.process_site                    RCSB 
_pdbx_database_status.status_code_cs                  ? 
_pdbx_database_status.status_code_nmr_data            ? 
_pdbx_database_status.methods_development_category    ? 
_pdbx_database_status.pdb_format_compatible           Y 
# 
loop_
_audit_author.name 
_audit_author.pdbx_ordinal 
_audit_author.identifier_ORCID 
'Wahba, H.M.'      1 ? 
'Sakaguchi, S.'    2 ? 
'Nakagawa, N.'     3 ? 
'Wada, J.'         4 ? 
'Kamada, R.'       5 ? 
'Sakaguchi, K.'    6 ? 
'Omichinski, J.G.' 7 ? 
# 
_citation.abstract                  ? 
_citation.abstract_id_CAS           ? 
_citation.book_id_ISBN              ? 
_citation.book_publisher            ? 
_citation.book_publisher_city       ? 
_citation.book_title                ? 
_citation.coordinate_linkage        ? 
_citation.country                   CH 
_citation.database_id_Medline       ? 
_citation.details                   ? 
_citation.id                        primary 
_citation.journal_abbrev            'Int J Mol Sci' 
_citation.journal_id_ASTM           ? 
_citation.journal_id_CSD            ? 
_citation.journal_id_ISSN           1422-0067 
_citation.journal_full              ? 
_citation.journal_issue             ? 
_citation.journal_volume            24 
_citation.language                  ? 
_citation.page_first                ? 
_citation.page_last                 ? 
_citation.title                     
;Highly Similar Tetramerization Domains from the p53 Protein of Different Mammalian Species Possess Varying Biophysical, Functional and Structural Properties.
;
_citation.year                      2023 
_citation.database_id_CSD           ? 
_citation.pdbx_database_id_DOI      10.3390/ijms242316620 
_citation.pdbx_database_id_PubMed   38068946 
_citation.pdbx_database_id_patent   ? 
_citation.unpublished_flag          ? 
# 
loop_
_citation_author.citation_id 
_citation_author.name 
_citation_author.ordinal 
_citation_author.identifier_ORCID 
primary 'Sakaguchi, S.'    1 ?                   
primary 'Nakagawa, N.'     2 0000-0002-6712-9381 
primary 'Wahba, H.M.'      3 ?                   
primary 'Wada, J.'         4 ?                   
primary 'Kamada, R.'       5 0000-0002-6118-5091 
primary 'Omichinski, J.G.' 6 0000-0002-3543-1914 
primary 'Sakaguchi, K.'    7 0000-0002-8434-4171 
# 
_cell.angle_alpha                  90.00 
_cell.angle_alpha_esd              ? 
_cell.angle_beta                   90.00 
_cell.angle_beta_esd               ? 
_cell.angle_gamma                  90.00 
_cell.angle_gamma_esd              ? 
_cell.entry_id                     8UQT 
_cell.details                      ? 
_cell.formula_units_Z              ? 
_cell.length_a                     62.871 
_cell.length_a_esd                 ? 
_cell.length_b                     65.806 
_cell.length_b_esd                 ? 
_cell.length_c                     32.511 
_cell.length_c_esd                 ? 
_cell.volume                       ? 
_cell.volume_esd                   ? 
_cell.Z_PDB                        16 
_cell.reciprocal_angle_alpha       ? 
_cell.reciprocal_angle_beta        ? 
_cell.reciprocal_angle_gamma       ? 
_cell.reciprocal_angle_alpha_esd   ? 
_cell.reciprocal_angle_beta_esd    ? 
_cell.reciprocal_angle_gamma_esd   ? 
_cell.reciprocal_length_a          ? 
_cell.reciprocal_length_b          ? 
_cell.reciprocal_length_c          ? 
_cell.reciprocal_length_a_esd      ? 
_cell.reciprocal_length_b_esd      ? 
_cell.reciprocal_length_c_esd      ? 
_cell.pdbx_unique_axis             ? 
_cell.pdbx_esd_method              ? 
# 
_symmetry.entry_id                         8UQT 
_symmetry.cell_setting                     ? 
_symmetry.Int_Tables_number                21 
_symmetry.space_group_name_Hall            ? 
_symmetry.space_group_name_H-M             'C 2 2 2' 
_symmetry.pdbx_full_space_group_name_H-M   ? 
# 
loop_
_entity.id 
_entity.type 
_entity.src_method 
_entity.pdbx_description 
_entity.formula_weight 
_entity.pdbx_number_of_molecules 
_entity.pdbx_ec 
_entity.pdbx_mutation 
_entity.pdbx_fragment 
_entity.details 
1 polymer     man 'Cellular tumor antigen p53' 3879.402 2  ? ? ? ? 
2 non-polymer syn 'SULFATE ION'                96.063   1  ? ? ? ? 
3 water       nat water                        18.015   99 ? ? ? ? 
# 
_entity_poly.entity_id                      1 
_entity_poly.type                           'polypeptide(L)' 
_entity_poly.nstd_linkage                   no 
_entity_poly.nstd_monomer                   no 
_entity_poly.pdbx_seq_one_letter_code       GSEYFTLQIRGRERFEMLREINEALELKDAMAG 
_entity_poly.pdbx_seq_one_letter_code_can   GSEYFTLQIRGRERFEMLREINEALELKDAMAG 
_entity_poly.pdbx_strand_id                 A,B 
_entity_poly.pdbx_target_identifier         ? 
# 
loop_
_entity_poly_seq.entity_id 
_entity_poly_seq.num 
_entity_poly_seq.mon_id 
_entity_poly_seq.hetero 
1 1  GLY n 
1 2  SER n 
1 3  GLU n 
1 4  TYR n 
1 5  PHE n 
1 6  THR n 
1 7  LEU n 
1 8  GLN n 
1 9  ILE n 
1 10 ARG n 
1 11 GLY n 
1 12 ARG n 
1 13 GLU n 
1 14 ARG n 
1 15 PHE n 
1 16 GLU n 
1 17 MET n 
1 18 LEU n 
1 19 ARG n 
1 20 GLU n 
1 21 ILE n 
1 22 ASN n 
1 23 GLU n 
1 24 ALA n 
1 25 LEU n 
1 26 GLU n 
1 27 LEU n 
1 28 LYS n 
1 29 ASP n 
1 30 ALA n 
1 31 MET n 
1 32 ALA n 
1 33 GLY n 
# 
_entity_src_gen.entity_id                          1 
_entity_src_gen.pdbx_src_id                        1 
_entity_src_gen.pdbx_alt_source_flag               sample 
_entity_src_gen.pdbx_seq_type                      'Biological sequence' 
_entity_src_gen.pdbx_beg_seq_num                   1 
_entity_src_gen.pdbx_end_seq_num                   33 
_entity_src_gen.gene_src_common_name               'Chinese tree shrew' 
_entity_src_gen.gene_src_genus                     ? 
_entity_src_gen.pdbx_gene_src_gene                 ? 
_entity_src_gen.gene_src_species                   ? 
_entity_src_gen.gene_src_strain                    ? 
_entity_src_gen.gene_src_tissue                    ? 
_entity_src_gen.gene_src_tissue_fraction           ? 
_entity_src_gen.gene_src_details                   ? 
_entity_src_gen.pdbx_gene_src_fragment             ? 
_entity_src_gen.pdbx_gene_src_scientific_name      'Tupaia chinensis' 
_entity_src_gen.pdbx_gene_src_ncbi_taxonomy_id     246437 
_entity_src_gen.pdbx_gene_src_variant              ? 
_entity_src_gen.pdbx_gene_src_cell_line            ? 
_entity_src_gen.pdbx_gene_src_atcc                 ? 
_entity_src_gen.pdbx_gene_src_organ                ? 
_entity_src_gen.pdbx_gene_src_organelle            ? 
_entity_src_gen.pdbx_gene_src_cell                 ? 
_entity_src_gen.pdbx_gene_src_cellular_location    ? 
_entity_src_gen.host_org_common_name               ? 
_entity_src_gen.pdbx_host_org_scientific_name      'Escherichia coli' 
_entity_src_gen.pdbx_host_org_ncbi_taxonomy_id     562 
_entity_src_gen.host_org_genus                     ? 
_entity_src_gen.pdbx_host_org_gene                 ? 
_entity_src_gen.pdbx_host_org_organ                ? 
_entity_src_gen.host_org_species                   ? 
_entity_src_gen.pdbx_host_org_tissue               ? 
_entity_src_gen.pdbx_host_org_tissue_fraction      ? 
_entity_src_gen.pdbx_host_org_strain               ? 
_entity_src_gen.pdbx_host_org_variant              ? 
_entity_src_gen.pdbx_host_org_cell_line            ? 
_entity_src_gen.pdbx_host_org_atcc                 ? 
_entity_src_gen.pdbx_host_org_culture_collection   ? 
_entity_src_gen.pdbx_host_org_cell                 ? 
_entity_src_gen.pdbx_host_org_organelle            ? 
_entity_src_gen.pdbx_host_org_cellular_location    ? 
_entity_src_gen.pdbx_host_org_vector_type          ? 
_entity_src_gen.pdbx_host_org_vector               ? 
_entity_src_gen.host_org_details                   ? 
_entity_src_gen.expression_system_id               ? 
_entity_src_gen.plasmid_name                       ? 
_entity_src_gen.plasmid_details                    ? 
_entity_src_gen.pdbx_description                   ? 
# 
_struct_ref.id                         1 
_struct_ref.db_name                    UNP 
_struct_ref.db_code                    W8FSP6_TUPCH 
_struct_ref.pdbx_db_accession          W8FSP6 
_struct_ref.pdbx_db_isoform            ? 
_struct_ref.entity_id                  1 
_struct_ref.pdbx_seq_one_letter_code   EYFTLQIRGRERFEMLREINEALELKDAMAG 
_struct_ref.pdbx_align_begin           316 
# 
loop_
_struct_ref_seq.align_id 
_struct_ref_seq.ref_id 
_struct_ref_seq.pdbx_PDB_id_code 
_struct_ref_seq.pdbx_strand_id 
_struct_ref_seq.seq_align_beg 
_struct_ref_seq.pdbx_seq_align_beg_ins_code 
_struct_ref_seq.seq_align_end 
_struct_ref_seq.pdbx_seq_align_end_ins_code 
_struct_ref_seq.pdbx_db_accession 
_struct_ref_seq.db_align_beg 
_struct_ref_seq.pdbx_db_align_beg_ins_code 
_struct_ref_seq.db_align_end 
_struct_ref_seq.pdbx_db_align_end_ins_code 
_struct_ref_seq.pdbx_auth_seq_align_beg 
_struct_ref_seq.pdbx_auth_seq_align_end 
1 1 8UQT A 3 ? 33 ? W8FSP6 316 ? 346 ? 326 356 
2 1 8UQT B 3 ? 33 ? W8FSP6 316 ? 346 ? 326 356 
# 
loop_
_struct_ref_seq_dif.align_id 
_struct_ref_seq_dif.pdbx_pdb_id_code 
_struct_ref_seq_dif.mon_id 
_struct_ref_seq_dif.pdbx_pdb_strand_id 
_struct_ref_seq_dif.seq_num 
_struct_ref_seq_dif.pdbx_pdb_ins_code 
_struct_ref_seq_dif.pdbx_seq_db_name 
_struct_ref_seq_dif.pdbx_seq_db_accession_code 
_struct_ref_seq_dif.db_mon_id 
_struct_ref_seq_dif.pdbx_seq_db_seq_num 
_struct_ref_seq_dif.details 
_struct_ref_seq_dif.pdbx_auth_seq_num 
_struct_ref_seq_dif.pdbx_ordinal 
1 8UQT GLY A 1 ? UNP W8FSP6 ? ? 'expression tag' 324 1 
1 8UQT SER A 2 ? UNP W8FSP6 ? ? 'expression tag' 325 2 
2 8UQT GLY B 1 ? UNP W8FSP6 ? ? 'expression tag' 324 3 
2 8UQT SER B 2 ? UNP W8FSP6 ? ? 'expression tag' 325 4 
# 
loop_
_chem_comp.id 
_chem_comp.type 
_chem_comp.mon_nstd_flag 
_chem_comp.name 
_chem_comp.pdbx_synonyms 
_chem_comp.formula 
_chem_comp.formula_weight 
ALA 'L-peptide linking' y ALANINE         ? 'C3 H7 N O2'     89.093  
ARG 'L-peptide linking' y ARGININE        ? 'C6 H15 N4 O2 1' 175.209 
ASN 'L-peptide linking' y ASPARAGINE      ? 'C4 H8 N2 O3'    132.118 
ASP 'L-peptide linking' y 'ASPARTIC ACID' ? 'C4 H7 N O4'     133.103 
GLN 'L-peptide linking' y GLUTAMINE       ? 'C5 H10 N2 O3'   146.144 
GLU 'L-peptide linking' y 'GLUTAMIC ACID' ? 'C5 H9 N O4'     147.129 
GLY 'peptide linking'   y GLYCINE         ? 'C2 H5 N O2'     75.067  
HOH non-polymer         . WATER           ? 'H2 O'           18.015  
ILE 'L-peptide linking' y ISOLEUCINE      ? 'C6 H13 N O2'    131.173 
LEU 'L-peptide linking' y LEUCINE         ? 'C6 H13 N O2'    131.173 
LYS 'L-peptide linking' y LYSINE          ? 'C6 H15 N2 O2 1' 147.195 
MET 'L-peptide linking' y METHIONINE      ? 'C5 H11 N O2 S'  149.211 
PHE 'L-peptide linking' y PHENYLALANINE   ? 'C9 H11 N O2'    165.189 
SER 'L-peptide linking' y SERINE          ? 'C3 H7 N O3'     105.093 
SO4 non-polymer         . 'SULFATE ION'   ? 'O4 S -2'        96.063  
THR 'L-peptide linking' y THREONINE       ? 'C4 H9 N O3'     119.119 
TYR 'L-peptide linking' y TYROSINE        ? 'C9 H11 N O3'    181.189 
# 
_exptl.absorpt_coefficient_mu     ? 
_exptl.absorpt_correction_T_max   ? 
_exptl.absorpt_correction_T_min   ? 
_exptl.absorpt_correction_type    ? 
_exptl.absorpt_process_details    ? 
_exptl.entry_id                   8UQT 
_exptl.crystals_number            1 
_exptl.details                    ? 
_exptl.method                     'X-RAY DIFFRACTION' 
_exptl.method_details             ? 
# 
_exptl_crystal.colour                       ? 
_exptl_crystal.density_diffrn               ? 
_exptl_crystal.density_Matthews             2.17 
_exptl_crystal.density_method               ? 
_exptl_crystal.density_percent_sol          43.24 
_exptl_crystal.description                  ? 
_exptl_crystal.F_000                        ? 
_exptl_crystal.id                           1 
_exptl_crystal.preparation                  ? 
_exptl_crystal.size_max                     ? 
_exptl_crystal.size_mid                     ? 
_exptl_crystal.size_min                     ? 
_exptl_crystal.size_rad                     ? 
_exptl_crystal.colour_lustre                ? 
_exptl_crystal.colour_modifier              ? 
_exptl_crystal.colour_primary               ? 
_exptl_crystal.density_meas                 ? 
_exptl_crystal.density_meas_esd             ? 
_exptl_crystal.density_meas_gt              ? 
_exptl_crystal.density_meas_lt              ? 
_exptl_crystal.density_meas_temp            ? 
_exptl_crystal.density_meas_temp_esd        ? 
_exptl_crystal.density_meas_temp_gt         ? 
_exptl_crystal.density_meas_temp_lt         ? 
_exptl_crystal.pdbx_crystal_image_url       ? 
_exptl_crystal.pdbx_crystal_image_format    ? 
_exptl_crystal.pdbx_mosaicity               ? 
_exptl_crystal.pdbx_mosaicity_esd           ? 
_exptl_crystal.pdbx_mosaic_method           ? 
_exptl_crystal.pdbx_mosaic_block_size       ? 
_exptl_crystal.pdbx_mosaic_block_size_esd   ? 
# 
_exptl_crystal_grow.apparatus       ? 
_exptl_crystal_grow.atmosphere      ? 
_exptl_crystal_grow.crystal_id      1 
_exptl_crystal_grow.details         ? 
_exptl_crystal_grow.method          'VAPOR DIFFUSION, HANGING DROP' 
_exptl_crystal_grow.method_ref      ? 
_exptl_crystal_grow.pH              ? 
_exptl_crystal_grow.pressure        ? 
_exptl_crystal_grow.pressure_esd    ? 
_exptl_crystal_grow.seeding         ? 
_exptl_crystal_grow.seeding_ref     ? 
_exptl_crystal_grow.temp_details    ? 
_exptl_crystal_grow.temp_esd        ? 
_exptl_crystal_grow.time            ? 
_exptl_crystal_grow.pdbx_details    '0.6 M Lithium sulfate monohydrate, 2% PEG 8000, 10% glycerol' 
_exptl_crystal_grow.pdbx_pH_range   ? 
_exptl_crystal_grow.temp            296 
# 
_diffrn.ambient_environment              ? 
_diffrn.ambient_temp                     100 
_diffrn.ambient_temp_details             ? 
_diffrn.ambient_temp_esd                 ? 
_diffrn.crystal_id                       1 
_diffrn.crystal_support                  ? 
_diffrn.crystal_treatment                ? 
_diffrn.details                          ? 
_diffrn.id                               1 
_diffrn.ambient_pressure                 ? 
_diffrn.ambient_pressure_esd             ? 
_diffrn.ambient_pressure_gt              ? 
_diffrn.ambient_pressure_lt              ? 
_diffrn.ambient_temp_gt                  ? 
_diffrn.ambient_temp_lt                  ? 
_diffrn.pdbx_serial_crystal_experiment   N 
# 
_diffrn_detector.details                      ? 
_diffrn_detector.detector                     PIXEL 
_diffrn_detector.diffrn_id                    1 
_diffrn_detector.type                         'DECTRIS PILATUS 6M' 
_diffrn_detector.area_resol_mean              ? 
_diffrn_detector.dtime                        ? 
_diffrn_detector.pdbx_frames_total            ? 
_diffrn_detector.pdbx_collection_time_total   ? 
_diffrn_detector.pdbx_collection_date         2020-10-19 
_diffrn_detector.pdbx_frequency               ? 
_diffrn_detector.id                           ? 
_diffrn_detector.number_of_axes               ? 
# 
_diffrn_radiation.collimation                      ? 
_diffrn_radiation.diffrn_id                        1 
_diffrn_radiation.filter_edge                      ? 
_diffrn_radiation.inhomogeneity                    ? 
_diffrn_radiation.monochromator                    ? 
_diffrn_radiation.polarisn_norm                    ? 
_diffrn_radiation.polarisn_ratio                   ? 
_diffrn_radiation.probe                            ? 
_diffrn_radiation.type                             ? 
_diffrn_radiation.xray_symbol                      ? 
_diffrn_radiation.wavelength_id                    1 
_diffrn_radiation.pdbx_monochromatic_or_laue_m_l   M 
_diffrn_radiation.pdbx_wavelength_list             ? 
_diffrn_radiation.pdbx_wavelength                  ? 
_diffrn_radiation.pdbx_diffrn_protocol             'SINGLE WAVELENGTH' 
_diffrn_radiation.pdbx_analyzer                    ? 
_diffrn_radiation.pdbx_scattering_type             x-ray 
# 
_diffrn_radiation_wavelength.id           1 
_diffrn_radiation_wavelength.wavelength   1.0000 
_diffrn_radiation_wavelength.wt           1.0 
# 
_diffrn_source.current                     ? 
_diffrn_source.details                     ? 
_diffrn_source.diffrn_id                   1 
_diffrn_source.power                       ? 
_diffrn_source.size                        ? 
_diffrn_source.source                      SYNCHROTRON 
_diffrn_source.target                      ? 
_diffrn_source.type                        'CHESS BEAMLINE 7B2' 
_diffrn_source.voltage                     ? 
_diffrn_source.take-off_angle              ? 
_diffrn_source.pdbx_wavelength_list        1.0000 
_diffrn_source.pdbx_wavelength             ? 
_diffrn_source.pdbx_synchrotron_beamline   7B2 
_diffrn_source.pdbx_synchrotron_site       CHESS 
# 
_reflns.B_iso_Wilson_estimate                          ? 
_reflns.entry_id                                       8UQT 
_reflns.data_reduction_details                         ? 
_reflns.data_reduction_method                          ? 
_reflns.d_resolution_high                              1.16 
_reflns.d_resolution_low                               45.46 
_reflns.details                                        ? 
_reflns.limit_h_max                                    ? 
_reflns.limit_h_min                                    ? 
_reflns.limit_k_max                                    ? 
_reflns.limit_k_min                                    ? 
_reflns.limit_l_max                                    ? 
_reflns.limit_l_min                                    ? 
_reflns.number_all                                     ? 
_reflns.number_obs                                     21880 
_reflns.observed_criterion                             ? 
_reflns.observed_criterion_F_max                       ? 
_reflns.observed_criterion_F_min                       ? 
_reflns.observed_criterion_I_max                       ? 
_reflns.observed_criterion_I_min                       ? 
_reflns.observed_criterion_sigma_F                     ? 
_reflns.observed_criterion_sigma_I                     ? 
_reflns.percent_possible_obs                           91.70 
_reflns.R_free_details                                 ? 
_reflns.Rmerge_F_all                                   ? 
_reflns.Rmerge_F_obs                                   ? 
_reflns.Friedel_coverage                               ? 
_reflns.number_gt                                      ? 
_reflns.threshold_expression                           ? 
_reflns.pdbx_redundancy                                9.9 
_reflns.pdbx_netI_over_av_sigmaI                       ? 
_reflns.pdbx_netI_over_sigmaI                          28.35 
_reflns.pdbx_res_netI_over_av_sigmaI_2                 ? 
_reflns.pdbx_res_netI_over_sigmaI_2                    ? 
_reflns.pdbx_chi_squared                               ? 
_reflns.pdbx_scaling_rejects                           ? 
_reflns.pdbx_d_res_high_opt                            ? 
_reflns.pdbx_d_res_low_opt                             ? 
_reflns.pdbx_d_res_opt_method                          ? 
_reflns.phase_calculation_details                      ? 
_reflns.pdbx_Rrim_I_all                                ? 
_reflns.pdbx_Rpim_I_all                                ? 
_reflns.pdbx_d_opt                                     ? 
_reflns.pdbx_number_measured_all                       ? 
_reflns.pdbx_diffrn_id                                 1 
_reflns.pdbx_ordinal                                   1 
_reflns.pdbx_CC_half                                   1 
_reflns.pdbx_CC_star                                   ? 
_reflns.pdbx_R_split                                   ? 
_reflns.pdbx_Rmerge_I_obs                              ? 
_reflns.pdbx_Rmerge_I_all                              ? 
_reflns.pdbx_Rsym_value                                ? 
_reflns.pdbx_CC_split_method                           ? 
_reflns.pdbx_aniso_diffraction_limit_axis_1_ortho[1]   ? 
_reflns.pdbx_aniso_diffraction_limit_axis_1_ortho[2]   ? 
_reflns.pdbx_aniso_diffraction_limit_axis_1_ortho[3]   ? 
_reflns.pdbx_aniso_diffraction_limit_axis_2_ortho[1]   ? 
_reflns.pdbx_aniso_diffraction_limit_axis_2_ortho[2]   ? 
_reflns.pdbx_aniso_diffraction_limit_axis_2_ortho[3]   ? 
_reflns.pdbx_aniso_diffraction_limit_axis_3_ortho[1]   ? 
_reflns.pdbx_aniso_diffraction_limit_axis_3_ortho[2]   ? 
_reflns.pdbx_aniso_diffraction_limit_axis_3_ortho[3]   ? 
_reflns.pdbx_aniso_diffraction_limit_1                 ? 
_reflns.pdbx_aniso_diffraction_limit_2                 ? 
_reflns.pdbx_aniso_diffraction_limit_3                 ? 
_reflns.pdbx_aniso_B_tensor_eigenvector_1_ortho[1]     ? 
_reflns.pdbx_aniso_B_tensor_eigenvector_1_ortho[2]     ? 
_reflns.pdbx_aniso_B_tensor_eigenvector_1_ortho[3]     ? 
_reflns.pdbx_aniso_B_tensor_eigenvector_2_ortho[1]     ? 
_reflns.pdbx_aniso_B_tensor_eigenvector_2_ortho[2]     ? 
_reflns.pdbx_aniso_B_tensor_eigenvector_2_ortho[3]     ? 
_reflns.pdbx_aniso_B_tensor_eigenvector_3_ortho[1]     ? 
_reflns.pdbx_aniso_B_tensor_eigenvector_3_ortho[2]     ? 
_reflns.pdbx_aniso_B_tensor_eigenvector_3_ortho[3]     ? 
_reflns.pdbx_aniso_B_tensor_eigenvalue_1               ? 
_reflns.pdbx_aniso_B_tensor_eigenvalue_2               ? 
_reflns.pdbx_aniso_B_tensor_eigenvalue_3               ? 
_reflns.pdbx_orthogonalization_convention              ? 
_reflns.pdbx_percent_possible_ellipsoidal              ? 
_reflns.pdbx_percent_possible_spherical                ? 
_reflns.pdbx_percent_possible_ellipsoidal_anomalous    ? 
_reflns.pdbx_percent_possible_spherical_anomalous      ? 
_reflns.pdbx_redundancy_anomalous                      ? 
_reflns.pdbx_CC_half_anomalous                         ? 
_reflns.pdbx_absDiff_over_sigma_anomalous              ? 
_reflns.pdbx_percent_possible_anomalous                ? 
_reflns.pdbx_observed_signal_threshold                 ? 
_reflns.pdbx_signal_type                               ? 
_reflns.pdbx_signal_details                            ? 
_reflns.pdbx_signal_software_id                        ? 
# 
_reflns_shell.d_res_high                                    1.16 
_reflns_shell.d_res_low                                     1.201 
_reflns_shell.meanI_over_sigI_all                           ? 
_reflns_shell.meanI_over_sigI_obs                           ? 
_reflns_shell.number_measured_all                           ? 
_reflns_shell.number_measured_obs                           ? 
_reflns_shell.number_possible                               ? 
_reflns_shell.number_unique_all                             ? 
_reflns_shell.number_unique_obs                             21822 
_reflns_shell.percent_possible_obs                          ? 
_reflns_shell.Rmerge_F_all                                  ? 
_reflns_shell.Rmerge_F_obs                                  ? 
_reflns_shell.meanI_over_sigI_gt                            ? 
_reflns_shell.meanI_over_uI_all                             ? 
_reflns_shell.meanI_over_uI_gt                              ? 
_reflns_shell.number_measured_gt                            ? 
_reflns_shell.number_unique_gt                              ? 
_reflns_shell.percent_possible_gt                           ? 
_reflns_shell.Rmerge_F_gt                                   ? 
_reflns_shell.Rmerge_I_gt                                   ? 
_reflns_shell.pdbx_redundancy                               ? 
_reflns_shell.pdbx_chi_squared                              ? 
_reflns_shell.pdbx_netI_over_sigmaI_all                     ? 
_reflns_shell.pdbx_netI_over_sigmaI_obs                     ? 
_reflns_shell.pdbx_Rrim_I_all                               ? 
_reflns_shell.pdbx_Rpim_I_all                               ? 
_reflns_shell.pdbx_rejects                                  ? 
_reflns_shell.pdbx_ordinal                                  1 
_reflns_shell.pdbx_diffrn_id                                1 
_reflns_shell.pdbx_CC_half                                  0.84 
_reflns_shell.pdbx_CC_star                                  ? 
_reflns_shell.pdbx_R_split                                  ? 
_reflns_shell.percent_possible_all                          ? 
_reflns_shell.Rmerge_I_all                                  ? 
_reflns_shell.Rmerge_I_obs                                  ? 
_reflns_shell.pdbx_Rsym_value                               ? 
_reflns_shell.pdbx_percent_possible_ellipsoidal             ? 
_reflns_shell.pdbx_percent_possible_spherical               ? 
_reflns_shell.pdbx_percent_possible_ellipsoidal_anomalous   ? 
_reflns_shell.pdbx_percent_possible_spherical_anomalous     ? 
_reflns_shell.pdbx_redundancy_anomalous                     ? 
_reflns_shell.pdbx_CC_half_anomalous                        ? 
_reflns_shell.pdbx_absDiff_over_sigma_anomalous             ? 
_reflns_shell.pdbx_percent_possible_anomalous               ? 
# 
_refine.aniso_B[1][1]                            ? 
_refine.aniso_B[1][2]                            ? 
_refine.aniso_B[1][3]                            ? 
_refine.aniso_B[2][2]                            ? 
_refine.aniso_B[2][3]                            ? 
_refine.aniso_B[3][3]                            ? 
_refine.B_iso_max                                ? 
_refine.B_iso_mean                               ? 
_refine.B_iso_min                                ? 
_refine.correlation_coeff_Fo_to_Fc               ? 
_refine.correlation_coeff_Fo_to_Fc_free          ? 
_refine.details                                  ? 
_refine.diff_density_max                         ? 
_refine.diff_density_max_esd                     ? 
_refine.diff_density_min                         ? 
_refine.diff_density_min_esd                     ? 
_refine.diff_density_rms                         ? 
_refine.diff_density_rms_esd                     ? 
_refine.entry_id                                 8UQT 
_refine.pdbx_refine_id                           'X-RAY DIFFRACTION' 
_refine.ls_abs_structure_details                 ? 
_refine.ls_abs_structure_Flack                   ? 
_refine.ls_abs_structure_Flack_esd               ? 
_refine.ls_abs_structure_Rogers                  ? 
_refine.ls_abs_structure_Rogers_esd              ? 
_refine.ls_d_res_high                            1.16 
_refine.ls_d_res_low                             45.46 
_refine.ls_extinction_coef                       ? 
_refine.ls_extinction_coef_esd                   ? 
_refine.ls_extinction_expression                 ? 
_refine.ls_extinction_method                     ? 
_refine.ls_goodness_of_fit_all                   ? 
_refine.ls_goodness_of_fit_all_esd               ? 
_refine.ls_goodness_of_fit_obs                   ? 
_refine.ls_goodness_of_fit_obs_esd               ? 
_refine.ls_hydrogen_treatment                    ? 
_refine.ls_matrix_type                           ? 
_refine.ls_number_constraints                    ? 
_refine.ls_number_parameters                     ? 
_refine.ls_number_reflns_all                     ? 
_refine.ls_number_reflns_obs                     21880 
_refine.ls_number_reflns_R_free                  2005 
_refine.ls_number_reflns_R_work                  ? 
_refine.ls_number_restraints                     ? 
_refine.ls_percent_reflns_obs                    91.09 
_refine.ls_percent_reflns_R_free                 9.16 
_refine.ls_R_factor_all                          ? 
_refine.ls_R_factor_obs                          0.1732 
_refine.ls_R_factor_R_free                       0.1890 
_refine.ls_R_factor_R_free_error                 ? 
_refine.ls_R_factor_R_free_error_details         ? 
_refine.ls_R_factor_R_work                       0.1716 
_refine.ls_R_Fsqd_factor_obs                     ? 
_refine.ls_R_I_factor_obs                        ? 
_refine.ls_redundancy_reflns_all                 ? 
_refine.ls_redundancy_reflns_obs                 ? 
_refine.ls_restrained_S_all                      ? 
_refine.ls_restrained_S_obs                      ? 
_refine.ls_shift_over_esd_max                    ? 
_refine.ls_shift_over_esd_mean                   ? 
_refine.ls_structure_factor_coef                 ? 
_refine.ls_weighting_details                     ? 
_refine.ls_weighting_scheme                      ? 
_refine.ls_wR_factor_all                         ? 
_refine.ls_wR_factor_obs                         ? 
_refine.ls_wR_factor_R_free                      ? 
_refine.ls_wR_factor_R_work                      ? 
_refine.occupancy_max                            ? 
_refine.occupancy_min                            ? 
_refine.solvent_model_details                    'FLAT BULK SOLVENT MODEL' 
_refine.solvent_model_param_bsol                 ? 
_refine.solvent_model_param_ksol                 ? 
_refine.pdbx_R_complete                          ? 
_refine.ls_R_factor_gt                           ? 
_refine.ls_goodness_of_fit_gt                    ? 
_refine.ls_goodness_of_fit_ref                   ? 
_refine.ls_shift_over_su_max                     ? 
_refine.ls_shift_over_su_max_lt                  ? 
_refine.ls_shift_over_su_mean                    ? 
_refine.ls_shift_over_su_mean_lt                 ? 
_refine.pdbx_ls_sigma_I                          ? 
_refine.pdbx_ls_sigma_F                          1.38 
_refine.pdbx_ls_sigma_Fsqd                       ? 
_refine.pdbx_data_cutoff_high_absF               ? 
_refine.pdbx_data_cutoff_high_rms_absF           ? 
_refine.pdbx_data_cutoff_low_absF                ? 
_refine.pdbx_isotropic_thermal_model             ? 
_refine.pdbx_ls_cross_valid_method               'FREE R-VALUE' 
_refine.pdbx_method_to_determine_struct          'MOLECULAR REPLACEMENT' 
_refine.pdbx_starting_model                      ? 
_refine.pdbx_stereochemistry_target_values       ML 
_refine.pdbx_R_Free_selection_details            ? 
_refine.pdbx_stereochem_target_val_spec_case     ? 
_refine.pdbx_overall_ESU_R                       ? 
_refine.pdbx_overall_ESU_R_Free                  ? 
_refine.pdbx_solvent_vdw_probe_radii             1.11 
_refine.pdbx_solvent_ion_probe_radii             ? 
_refine.pdbx_solvent_shrinkage_radii             0.90 
_refine.pdbx_real_space_R                        ? 
_refine.pdbx_density_correlation                 ? 
_refine.pdbx_pd_number_of_powder_patterns        ? 
_refine.pdbx_pd_number_of_points                 ? 
_refine.pdbx_pd_meas_number_of_points            ? 
_refine.pdbx_pd_proc_ls_prof_R_factor            ? 
_refine.pdbx_pd_proc_ls_prof_wR_factor           ? 
_refine.pdbx_pd_Marquardt_correlation_coeff      ? 
_refine.pdbx_pd_Fsqrd_R_factor                   ? 
_refine.pdbx_pd_ls_matrix_band_width             ? 
_refine.pdbx_overall_phase_error                 18.85 
_refine.pdbx_overall_SU_R_free_Cruickshank_DPI   ? 
_refine.pdbx_overall_SU_R_free_Blow_DPI          ? 
_refine.pdbx_overall_SU_R_Blow_DPI               ? 
_refine.pdbx_TLS_residual_ADP_flag               ? 
_refine.pdbx_diffrn_id                           1 
_refine.overall_SU_B                             ? 
_refine.overall_SU_ML                            0.10 
_refine.overall_SU_R_Cruickshank_DPI             ? 
_refine.overall_SU_R_free                        ? 
_refine.overall_FOM_free_R_set                   ? 
_refine.overall_FOM_work_R_set                   ? 
_refine.pdbx_average_fsc_overall                 ? 
_refine.pdbx_average_fsc_work                    ? 
_refine.pdbx_average_fsc_free                    ? 
# 
_refine_hist.pdbx_refine_id                   'X-RAY DIFFRACTION' 
_refine_hist.cycle_id                         LAST 
_refine_hist.pdbx_number_atoms_protein        536 
_refine_hist.pdbx_number_atoms_nucleic_acid   0 
_refine_hist.pdbx_number_atoms_ligand         5 
_refine_hist.number_atoms_solvent             99 
_refine_hist.number_atoms_total               640 
_refine_hist.d_res_high                       1.16 
_refine_hist.d_res_low                        45.46 
# 
loop_
_refine_ls_restr.pdbx_refine_id 
_refine_ls_restr.criterion 
_refine_ls_restr.dev_ideal 
_refine_ls_restr.dev_ideal_target 
_refine_ls_restr.number 
_refine_ls_restr.rejects 
_refine_ls_restr.type 
_refine_ls_restr.weight 
_refine_ls_restr.pdbx_restraint_function 
'X-RAY DIFFRACTION' ? 0.009  ? 544 ? f_bond_d           ? ? 
'X-RAY DIFFRACTION' ? 1.154  ? 721 ? f_angle_d          ? ? 
'X-RAY DIFFRACTION' ? 12.925 ? 215 ? f_dihedral_angle_d ? ? 
'X-RAY DIFFRACTION' ? 0.082  ? 74  ? f_chiral_restr     ? ? 
'X-RAY DIFFRACTION' ? 0.011  ? 95  ? f_plane_restr      ? ? 
# 
loop_
_refine_ls_shell.pdbx_refine_id 
_refine_ls_shell.d_res_high 
_refine_ls_shell.d_res_low 
_refine_ls_shell.number_reflns_all 
_refine_ls_shell.number_reflns_obs 
_refine_ls_shell.number_reflns_R_free 
_refine_ls_shell.number_reflns_R_work 
_refine_ls_shell.percent_reflns_obs 
_refine_ls_shell.percent_reflns_R_free 
_refine_ls_shell.R_factor_all 
_refine_ls_shell.R_factor_obs 
_refine_ls_shell.R_factor_R_free_error 
_refine_ls_shell.R_factor_R_work 
_refine_ls_shell.redundancy_reflns_all 
_refine_ls_shell.redundancy_reflns_obs 
_refine_ls_shell.wR_factor_all 
_refine_ls_shell.wR_factor_obs 
_refine_ls_shell.wR_factor_R_free 
_refine_ls_shell.wR_factor_R_work 
_refine_ls_shell.pdbx_R_complete 
_refine_ls_shell.pdbx_total_number_of_bins_used 
_refine_ls_shell.pdbx_phase_error 
_refine_ls_shell.pdbx_fsc_work 
_refine_ls_shell.pdbx_fsc_free 
_refine_ls_shell.R_factor_R_free 
'X-RAY DIFFRACTION' 1.16 1.19  . . 61  547  36.00  . . . . 0.4228 . . . . . . . . . . . 0.4061 
'X-RAY DIFFRACTION' 1.19 1.22  . . 93  949  62.00  . . . . 0.2717 . . . . . . . . . . . 0.3379 
'X-RAY DIFFRACTION' 1.22 1.25  . . 119 1252 82.00  . . . . 0.1937 . . . . . . . . . . . 0.2404 
'X-RAY DIFFRACTION' 1.25 1.29  . . 151 1472 95.00  . . . . 0.1639 . . . . . . . . . . . 0.2102 
'X-RAY DIFFRACTION' 1.29 1.34  . . 148 1532 99.00  . . . . 0.1557 . . . . . . . . . . . 0.2054 
'X-RAY DIFFRACTION' 1.34 1.39  . . 163 1520 100.00 . . . . 0.1644 . . . . . . . . . . . 0.2049 
'X-RAY DIFFRACTION' 1.39 1.46  . . 149 1546 100.00 . . . . 0.1366 . . . . . . . . . . . 0.1760 
'X-RAY DIFFRACTION' 1.46 1.53  . . 159 1551 100.00 . . . . 0.1246 . . . . . . . . . . . 0.1550 
'X-RAY DIFFRACTION' 1.53 1.63  . . 162 1550 100.00 . . . . 0.1295 . . . . . . . . . . . 0.1505 
'X-RAY DIFFRACTION' 1.63 1.76  . . 155 1569 100.00 . . . . 0.1411 . . . . . . . . . . . 0.1707 
'X-RAY DIFFRACTION' 1.76 1.93  . . 155 1553 100.00 . . . . 0.1482 . . . . . . . . . . . 0.1617 
'X-RAY DIFFRACTION' 1.93 2.21  . . 159 1573 100.00 . . . . 0.1471 . . . . . . . . . . . 0.1680 
'X-RAY DIFFRACTION' 2.21 2.79  . . 160 1591 100.00 . . . . 0.1723 . . . . . . . . . . . 0.1807 
'X-RAY DIFFRACTION' 2.79 45.46 . . 171 1670 100.00 . . . . 0.2098 . . . . . . . . . . . 0.2116 
# 
_struct.entry_id                     8UQT 
_struct.title                        'Crystal structure of the Tree Shrew p53 tetramerization domain' 
_struct.pdbx_model_details           ? 
_struct.pdbx_formula_weight          ? 
_struct.pdbx_formula_weight_method   ? 
_struct.pdbx_model_type_details      ? 
_struct.pdbx_CASP_flag               N 
# 
_struct_keywords.entry_id        8UQT 
_struct_keywords.text            'Tree Shrew p53 tetramerization domain stability, TRANSCRIPTION' 
_struct_keywords.pdbx_keywords   TRANSCRIPTION 
# 
loop_
_struct_asym.id 
_struct_asym.pdbx_blank_PDB_chainid_flag 
_struct_asym.pdbx_modified 
_struct_asym.entity_id 
_struct_asym.details 
A N N 1 ? 
B N N 1 ? 
C N N 2 ? 
D N N 3 ? 
E N N 3 ? 
# 
loop_
_struct_conf.conf_type_id 
_struct_conf.id 
_struct_conf.pdbx_PDB_helix_id 
_struct_conf.beg_label_comp_id 
_struct_conf.beg_label_asym_id 
_struct_conf.beg_label_seq_id 
_struct_conf.pdbx_beg_PDB_ins_code 
_struct_conf.end_label_comp_id 
_struct_conf.end_label_asym_id 
_struct_conf.end_label_seq_id 
_struct_conf.pdbx_end_PDB_ins_code 
_struct_conf.beg_auth_comp_id 
_struct_conf.beg_auth_asym_id 
_struct_conf.beg_auth_seq_id 
_struct_conf.end_auth_comp_id 
_struct_conf.end_auth_asym_id 
_struct_conf.end_auth_seq_id 
_struct_conf.pdbx_PDB_helix_class 
_struct_conf.details 
_struct_conf.pdbx_PDB_helix_length 
HELX_P HELX_P1 AA1 GLY A 11 ? GLY A 33 ? GLY A 334 GLY A 356 1 ? 23 
HELX_P HELX_P2 AA2 GLY B 11 ? GLY B 33 ? GLY B 334 GLY B 356 1 ? 23 
# 
_struct_conf_type.id          HELX_P 
_struct_conf_type.criteria    ? 
_struct_conf_type.reference   ? 
# 
_struct_sheet.id               AA1 
_struct_sheet.type             ? 
_struct_sheet.number_strands   2 
_struct_sheet.details          ? 
# 
_struct_sheet_order.sheet_id     AA1 
_struct_sheet_order.range_id_1   1 
_struct_sheet_order.range_id_2   2 
_struct_sheet_order.offset       ? 
_struct_sheet_order.sense        anti-parallel 
# 
loop_
_struct_sheet_range.sheet_id 
_struct_sheet_range.id 
_struct_sheet_range.beg_label_comp_id 
_struct_sheet_range.beg_label_asym_id 
_struct_sheet_range.beg_label_seq_id 
_struct_sheet_range.pdbx_beg_PDB_ins_code 
_struct_sheet_range.end_label_comp_id 
_struct_sheet_range.end_label_asym_id 
_struct_sheet_range.end_label_seq_id 
_struct_sheet_range.pdbx_end_PDB_ins_code 
_struct_sheet_range.beg_auth_comp_id 
_struct_sheet_range.beg_auth_asym_id 
_struct_sheet_range.beg_auth_seq_id 
_struct_sheet_range.end_auth_comp_id 
_struct_sheet_range.end_auth_asym_id 
_struct_sheet_range.end_auth_seq_id 
AA1 1 TYR A 4 ? ILE A 9  ? TYR A 327 ILE A 332 
AA1 2 PHE B 5 ? ARG B 10 ? PHE B 328 ARG B 333 
# 
_pdbx_struct_sheet_hbond.sheet_id                AA1 
_pdbx_struct_sheet_hbond.range_id_1              1 
_pdbx_struct_sheet_hbond.range_id_2              2 
_pdbx_struct_sheet_hbond.range_1_label_atom_id   N 
_pdbx_struct_sheet_hbond.range_1_label_comp_id   PHE 
_pdbx_struct_sheet_hbond.range_1_label_asym_id   A 
_pdbx_struct_sheet_hbond.range_1_label_seq_id    5 
_pdbx_struct_sheet_hbond.range_1_PDB_ins_code    ? 
_pdbx_struct_sheet_hbond.range_1_auth_atom_id    N 
_pdbx_struct_sheet_hbond.range_1_auth_comp_id    PHE 
_pdbx_struct_sheet_hbond.range_1_auth_asym_id    A 
_pdbx_struct_sheet_hbond.range_1_auth_seq_id     328 
_pdbx_struct_sheet_hbond.range_2_label_atom_id   O 
_pdbx_struct_sheet_hbond.range_2_label_comp_id   ILE 
_pdbx_struct_sheet_hbond.range_2_label_asym_id   B 
_pdbx_struct_sheet_hbond.range_2_label_seq_id    9 
_pdbx_struct_sheet_hbond.range_2_PDB_ins_code    ? 
_pdbx_struct_sheet_hbond.range_2_auth_atom_id    O 
_pdbx_struct_sheet_hbond.range_2_auth_comp_id    ILE 
_pdbx_struct_sheet_hbond.range_2_auth_asym_id    B 
_pdbx_struct_sheet_hbond.range_2_auth_seq_id     332 
# 
_atom_sites.entry_id                    8UQT 
_atom_sites.Cartn_transf_matrix[1][1]   ? 
_atom_sites.Cartn_transf_matrix[1][2]   ? 
_atom_sites.Cartn_transf_matrix[1][3]   ? 
_atom_sites.Cartn_transf_matrix[2][1]   ? 
_atom_sites.Cartn_transf_matrix[2][2]   ? 
_atom_sites.Cartn_transf_matrix[2][3]   ? 
_atom_sites.Cartn_transf_matrix[3][1]   ? 
_atom_sites.Cartn_transf_matrix[3][2]   ? 
_atom_sites.Cartn_transf_matrix[3][3]   ? 
_atom_sites.Cartn_transf_vector[1]      ? 
_atom_sites.Cartn_transf_vector[2]      ? 
_atom_sites.Cartn_transf_vector[3]      ? 
_atom_sites.Cartn_transform_axes        ? 
_atom_sites.fract_transf_matrix[1][1]   0.01225618 
_atom_sites.fract_transf_matrix[1][2]   0.01012015 
_atom_sites.fract_transf_matrix[1][3]   0.00060794 
_atom_sites.fract_transf_matrix[2][1]   -0.00942826 
_atom_sites.fract_transf_matrix[2][2]   0.01158594 
_atom_sites.fract_transf_matrix[2][3]   -0.00279146 
_atom_sites.fract_transf_matrix[3][1]   -0.00449135 
_atom_sites.fract_transf_matrix[3][2]   0.00362438 
_atom_sites.fract_transf_matrix[3][3]   0.03021271 
_atom_sites.fract_transf_vector[1]      -0.161015 
_atom_sites.fract_transf_vector[2]      -0.325722 
_atom_sites.fract_transf_vector[3]      0.515302 
_atom_sites.solution_primary            ? 
_atom_sites.solution_secondary          ? 
_atom_sites.solution_hydrogens          ? 
_atom_sites.special_details             ? 
# 
loop_
_atom_type.symbol 
C 
H 
N 
O 
S 
# 
loop_
_atom_site.group_PDB 
_atom_site.id 
_atom_site.type_symbol 
_atom_site.label_atom_id 
_atom_site.label_alt_id 
_atom_site.label_comp_id 
_atom_site.label_asym_id 
_atom_site.label_entity_id 
_atom_site.label_seq_id 
_atom_site.pdbx_PDB_ins_code 
_atom_site.Cartn_x 
_atom_site.Cartn_y 
_atom_site.Cartn_z 
_atom_site.occupancy 
_atom_site.B_iso_or_equiv 
_atom_site.pdbx_formal_charge 
_atom_site.auth_seq_id 
_atom_site.auth_comp_id 
_atom_site.auth_asym_id 
_atom_site.auth_atom_id 
_atom_site.pdbx_PDB_model_num 
ATOM   1    N N    . GLY A 1 1  ? 5.373   13.595  14.864  1.00 33.48 ? 324 GLY A N    1 
ATOM   2    C CA   . GLY A 1 1  ? 5.008   13.435  13.473  1.00 33.12 ? 324 GLY A CA   1 
ATOM   3    C C    . GLY A 1 1  ? 4.756   11.990  13.105  1.00 32.65 ? 324 GLY A C    1 
ATOM   4    O O    . GLY A 1 1  ? 4.942   11.087  13.919  1.00 33.41 ? 324 GLY A O    1 
ATOM   5    H HA2  . GLY A 1 1  ? 4.200   13.942  13.292  1.00 39.76 ? 324 GLY A HA2  1 
ATOM   6    H HA3  . GLY A 1 1  ? 5.724   13.773  12.911  1.00 39.76 ? 324 GLY A HA3  1 
ATOM   7    N N    . SER A 1 2  ? 4.330   11.768  11.868  1.00 31.24 ? 325 SER A N    1 
ATOM   8    C CA   . SER A 1 2  ? 3.986   10.425  11.436  1.00 28.83 ? 325 SER A CA   1 
ATOM   9    C C    . SER A 1 2  ? 5.222   9.548   11.311  1.00 27.01 ? 325 SER A C    1 
ATOM   10   O O    . SER A 1 2  ? 6.288   9.991   10.874  1.00 28.18 ? 325 SER A O    1 
ATOM   11   C CB   . SER A 1 2  ? 3.285   10.468  10.080  1.00 27.90 ? 325 SER A CB   1 
ATOM   12   O OG   . SER A 1 2  ? 2.017   11.077  10.188  1.00 26.80 ? 325 SER A OG   1 
ATOM   13   H H    . SER A 1 2  ? 4.235   12.374  11.265  1.00 37.51 ? 325 SER A H    1 
ATOM   14   H HA   . SER A 1 2  ? 3.394   10.037  12.098  1.00 34.62 ? 325 SER A HA   1 
ATOM   15   H HB2  . SER A 1 2  ? 3.829   10.979  9.459   1.00 33.51 ? 325 SER A HB2  1 
ATOM   16   H HB3  . SER A 1 2  ? 3.173   9.562   9.755   1.00 33.51 ? 325 SER A HB3  1 
ATOM   17   H HG   . SER A 1 2  ? 2.095   11.852  10.501  1.00 32.18 ? 325 SER A HG   1 
ATOM   18   N N    . GLU A 1 3  ? 5.065   8.291   11.710  1.00 23.75 ? 326 GLU A N    1 
ATOM   19   C CA   . GLU A 1 3  ? 6.059   7.281   11.400  1.00 21.61 ? 326 GLU A CA   1 
ATOM   20   C C    . GLU A 1 3  ? 5.765   6.740   10.013  1.00 19.18 ? 326 GLU A C    1 
ATOM   21   O O    . GLU A 1 3  ? 4.607   6.733   9.587   1.00 18.67 ? 326 GLU A O    1 
ATOM   22   C CB   . GLU A 1 3  ? 6.012   6.128   12.395  1.00 24.23 ? 326 GLU A CB   1 
ATOM   23   C CG   . GLU A 1 3  ? 7.122   5.118   12.132  1.00 28.41 ? 326 GLU A CG   1 
ATOM   24   C CD   . GLU A 1 3  ? 7.286   4.116   13.250  1.00 31.70 ? 326 GLU A CD   1 
ATOM   25   O OE1  . GLU A 1 3  ? 6.655   4.304   14.316  1.00 32.79 ? 326 GLU A OE1  1 
ATOM   26   O OE2  . GLU A 1 3  ? 8.054   3.152   13.064  1.00 33.25 ? 326 GLU A OE2  1 
ATOM   27   H H    . GLU A 1 3  ? 4.392   8.002   12.159  1.00 28.52 ? 326 GLU A H    1 
ATOM   28   H HA   . GLU A 1 3  ? 6.947   7.668   11.445  1.00 25.95 ? 326 GLU A HA   1 
ATOM   29   H HB2  . GLU A 1 3  ? 6.122   6.474   13.294  1.00 29.10 ? 326 GLU A HB2  1 
ATOM   30   H HB3  . GLU A 1 3  ? 5.160   5.671   12.318  1.00 29.10 ? 326 GLU A HB3  1 
ATOM   31   H HG2  . GLU A 1 3  ? 6.917   4.629   11.321  1.00 34.12 ? 326 GLU A HG2  1 
ATOM   32   H HG3  . GLU A 1 3  ? 7.962   5.592   12.031  1.00 34.12 ? 326 GLU A HG3  1 
ATOM   33   N N    . TYR A 1 4  ? 6.825   6.454   9.254   1.00 18.66 ? 327 TYR A N    1 
ATOM   34   C CA   . TYR A 1 4  ? 6.715   5.842   7.942   1.00 16.51 ? 327 TYR A CA   1 
ATOM   35   C C    . TYR A 1 4  ? 6.999   4.349   8.003   1.00 15.93 ? 327 TYR A C    1 
ATOM   36   O O    . TYR A 1 4  ? 7.796   3.864   8.811   1.00 18.80 ? 327 TYR A O    1 
ATOM   37   C CB   . TYR A 1 4  ? 7.596   6.563   6.916   1.00 16.89 ? 327 TYR A CB   1 
ATOM   38   C CG   . TYR A 1 4  ? 7.036   7.930   6.540   1.00 17.44 ? 327 TYR A CG   1 
ATOM   39   C CD1  . TYR A 1 4  ? 7.053   8.990   7.434   1.00 18.74 ? 327 TYR A CD1  1 
ATOM   40   C CD2  . TYR A 1 4  ? 6.430   8.140   5.308   1.00 18.05 ? 327 TYR A CD2  1 
ATOM   41   C CE1  . TYR A 1 4  ? 6.499   10.217  7.107   1.00 18.13 ? 327 TYR A CE1  1 
ATOM   42   C CE2  . TYR A 1 4  ? 5.904   9.367   4.960   1.00 17.65 ? 327 TYR A CE2  1 
ATOM   43   C CZ   . TYR A 1 4  ? 5.937   10.409  5.858   1.00 18.36 ? 327 TYR A CZ   1 
ATOM   44   O OH   . TYR A 1 4  ? 5.400   11.626  5.509   1.00 19.73 ? 327 TYR A OH   1 
ATOM   45   H H    . TYR A 1 4  ? 7.636   6.613   9.489   1.00 22.41 ? 327 TYR A H    1 
ATOM   46   H HA   . TYR A 1 4  ? 5.803   5.924   7.625   1.00 19.84 ? 327 TYR A HA   1 
ATOM   47   H HB2  . TYR A 1 4  ? 8.482   6.691   7.290   1.00 20.29 ? 327 TYR A HB2  1 
ATOM   48   H HB3  . TYR A 1 4  ? 7.651   6.026   6.110   1.00 20.29 ? 327 TYR A HB3  1 
ATOM   49   H HD1  . TYR A 1 4  ? 7.443   8.874   8.270   1.00 22.52 ? 327 TYR A HD1  1 
ATOM   50   H HD2  . TYR A 1 4  ? 6.377   7.435   4.704   1.00 21.69 ? 327 TYR A HD2  1 
ATOM   51   H HE1  . TYR A 1 4  ? 6.505   10.911  7.727   1.00 21.77 ? 327 TYR A HE1  1 
ATOM   52   H HE2  . TYR A 1 4  ? 5.528   9.490   4.117   1.00 21.20 ? 327 TYR A HE2  1 
ATOM   53   H HH   . TYR A 1 4  ? 5.093   11.592  4.728   1.00 23.70 ? 327 TYR A HH   1 
ATOM   54   N N    . PHE A 1 5  ? 6.325   3.624   7.125   1.00 13.78 ? 328 PHE A N    1 
ATOM   55   C CA   . PHE A 1 5  ? 6.431   2.181   7.028   1.00 13.59 ? 328 PHE A CA   1 
ATOM   56   C C    . PHE A 1 5  ? 6.574   1.811   5.570   1.00 13.05 ? 328 PHE A C    1 
ATOM   57   O O    . PHE A 1 5  ? 6.008   2.466   4.703   1.00 14.86 ? 328 PHE A O    1 
ATOM   58   C CB   . PHE A 1 5  ? 5.163   1.575   7.587   1.00 14.85 ? 328 PHE A CB   1 
ATOM   59   C CG   . PHE A 1 5  ? 4.911   1.962   9.000   1.00 16.13 ? 328 PHE A CG   1 
ATOM   60   C CD1  . PHE A 1 5  ? 4.223   3.126   9.315   1.00 16.66 ? 328 PHE A CD1  1 
ATOM   61   C CD2  . PHE A 1 5  ? 5.407   1.191   10.026  1.00 18.99 ? 328 PHE A CD2  1 
ATOM   62   C CE1  . PHE A 1 5  ? 4.017   3.490   10.627  1.00 18.93 ? 328 PHE A CE1  1 
ATOM   63   C CE2  . PHE A 1 5  ? 5.212   1.562   11.338  1.00 20.17 ? 328 PHE A CE2  1 
ATOM   64   C CZ   . PHE A 1 5  ? 4.513   2.711   11.634  1.00 20.36 ? 328 PHE A CZ   1 
ATOM   65   H H    . PHE A 1 5  ? 5.779   3.961   6.553   1.00 16.56 ? 328 PHE A H    1 
ATOM   66   H HA   . PHE A 1 5  ? 7.203   1.835   7.503   1.00 16.33 ? 328 PHE A HA   1 
ATOM   67   H HB2  . PHE A 1 5  ? 4.408   1.874   7.055   1.00 17.84 ? 328 PHE A HB2  1 
ATOM   68   H HB3  . PHE A 1 5  ? 5.232   0.608   7.549   1.00 17.84 ? 328 PHE A HB3  1 
ATOM   69   H HD1  . PHE A 1 5  ? 3.898   3.667   8.632   1.00 20.01 ? 328 PHE A HD1  1 
ATOM   70   H HD2  . PHE A 1 5  ? 5.877   0.412   9.832   1.00 22.81 ? 328 PHE A HD2  1 
ATOM   71   H HE1  . PHE A 1 5  ? 3.541   4.263   10.827  1.00 22.74 ? 328 PHE A HE1  1 
ATOM   72   H HE2  . PHE A 1 5  ? 5.552   1.035   12.025  1.00 24.22 ? 328 PHE A HE2  1 
ATOM   73   H HZ   . PHE A 1 5  ? 4.379   2.958   12.521  1.00 24.46 ? 328 PHE A HZ   1 
ATOM   74   N N    . THR A 1 6  ? 7.227   0.692   5.301   1.00 12.30 ? 329 THR A N    1 
ATOM   75   C CA   . THR A 1 6  ? 7.367   0.215   3.934   1.00 12.79 ? 329 THR A CA   1 
ATOM   76   C C    . THR A 1 6  ? 6.627   -1.101  3.772   1.00 12.08 ? 329 THR A C    1 
ATOM   77   O O    . THR A 1 6  ? 6.807   -2.037  4.556   1.00 14.50 ? 329 THR A O    1 
ATOM   78   C CB   . THR A 1 6  ? 8.846   0.094   3.569   1.00 16.10 ? 329 THR A CB   1 
ATOM   79   O OG1  . THR A 1 6  ? 9.474   1.365   3.780   1.00 19.62 ? 329 THR A OG1  1 
ATOM   80   C CG2  . THR A 1 6  ? 9.049   -0.276  2.126   1.00 17.89 ? 329 THR A CG2  1 
ATOM   81   H H    . THR A 1 6  ? 7.599   0.192   5.894   1.00 14.78 ? 329 THR A H    1 
ATOM   82   H HA   . THR A 1 6  ? 6.960   0.839   3.313   1.00 15.37 ? 329 THR A HA   1 
ATOM   83   H HB   . THR A 1 6  ? 9.239   -0.603  4.118   1.00 19.35 ? 329 THR A HB   1 
ATOM   84   H HG1  . THR A 1 6  ? 10.283  1.326   3.558   1.00 23.57 ? 329 THR A HG1  1 
ATOM   85   H HG21 . THR A 1 6  ? 9.997   -0.345  1.932   1.00 21.49 ? 329 THR A HG21 1 
ATOM   86   H HG22 . THR A 1 6  ? 8.627   -1.130  1.939   1.00 21.49 ? 329 THR A HG22 1 
ATOM   87   H HG23 . THR A 1 6  ? 8.657   0.400   1.552   1.00 21.49 ? 329 THR A HG23 1 
ATOM   88   N N    . LEU A 1 7  ? 5.881   -1.187  2.691   1.00 10.78 ? 330 LEU A N    1 
ATOM   89   C CA   . LEU A 1 7  ? 5.079   -2.330  2.320   1.00 10.46 ? 330 LEU A CA   1 
ATOM   90   C C    . LEU A 1 7  ? 5.698   -2.967  1.087   1.00 10.44 ? 330 LEU A C    1 
ATOM   91   O O    . LEU A 1 7  ? 6.128   -2.268  0.170   1.00 12.10 ? 330 LEU A O    1 
ATOM   92   C CB   . LEU A 1 7  ? 3.690   -1.817  1.955   1.00 11.44 ? 330 LEU A CB   1 
ATOM   93   C CG   . LEU A 1 7  ? 2.657   -2.876  1.651   1.00 13.06 ? 330 LEU A CG   1 
ATOM   94   C CD1  . LEU A 1 7  ? 2.366   -3.700  2.878   1.00 13.34 ? 330 LEU A CD1  1 
ATOM   95   C CD2  . LEU A 1 7  ? 1.386   -2.254  1.170   1.00 13.47 ? 330 LEU A CD2  1 
ATOM   96   H H    . LEU A 1 7  ? 5.818   -0.550  2.116   1.00 12.96 ? 330 LEU A H    1 
ATOM   97   H HA   . LEU A 1 7  ? 5.032   -2.991  3.028   1.00 12.58 ? 330 LEU A HA   1 
ATOM   98   H HB2  . LEU A 1 7  ? 3.354   -1.293  2.699   1.00 13.75 ? 330 LEU A HB2  1 
ATOM   99   H HB3  . LEU A 1 7  ? 3.770   -1.258  1.166   1.00 13.75 ? 330 LEU A HB3  1 
ATOM   100  H HG   . LEU A 1 7  ? 3.010   -3.453  0.955   1.00 15.69 ? 330 LEU A HG   1 
ATOM   101  H HD11 . LEU A 1 7  ? 1.627   -4.300  2.687   1.00 16.03 ? 330 LEU A HD11 1 
ATOM   102  H HD12 . LEU A 1 7  ? 3.156   -4.212  3.109   1.00 16.03 ? 330 LEU A HD12 1 
ATOM   103  H HD13 . LEU A 1 7  ? 2.130   -3.106  3.608   1.00 16.03 ? 330 LEU A HD13 1 
ATOM   104  H HD21 . LEU A 1 7  ? 0.784   -2.954  0.873   1.00 16.19 ? 330 LEU A HD21 1 
ATOM   105  H HD22 . LEU A 1 7  ? 0.982   -1.757  1.898   1.00 16.19 ? 330 LEU A HD22 1 
ATOM   106  H HD23 . LEU A 1 7  ? 1.585   -1.655  0.432   1.00 16.19 ? 330 LEU A HD23 1 
ATOM   107  N N    . GLN A 1 8  ? 5.789   -4.290  1.094   1.00 9.90  ? 331 GLN A N    1 
ATOM   108  C CA   . GLN A 1 8  ? 6.263   -5.019  -0.067  1.00 10.12 ? 331 GLN A CA   1 
ATOM   109  C C    . GLN A 1 8  ? 5.066   -5.492  -0.870  1.00 9.87  ? 331 GLN A C    1 
ATOM   110  O O    . GLN A 1 8  ? 4.170   -6.138  -0.320  1.00 10.10 ? 331 GLN A O    1 
ATOM   111  C CB   . GLN A 1 8  ? 7.142   -6.200  0.307   1.00 10.57 ? 331 GLN A CB   1 
ATOM   112  C CG   . GLN A 1 8  ? 7.751   -6.805  -0.915  1.00 11.38 ? 331 GLN A CG   1 
ATOM   113  C CD   . GLN A 1 8  ? 8.738   -7.903  -0.580  1.00 11.68 ? 331 GLN A CD   1 
ATOM   114  O OE1  . GLN A 1 8  ? 8.387   -8.945  -0.036  1.00 11.08 ? 331 GLN A OE1  1 
ATOM   115  N NE2  . GLN A 1 8  ? 9.997   -7.650  -0.863  1.00 15.92 ? 331 GLN A NE2  1 
ATOM   116  H H    . GLN A 1 8  ? 5.581   -4.787  1.764   1.00 11.90 ? 331 GLN A H    1 
ATOM   117  H HA   . GLN A 1 8  ? 6.805   -4.424  -0.610  1.00 12.17 ? 331 GLN A HA   1 
ATOM   118  H HB2  . GLN A 1 8  ? 7.854   -5.901  0.893   1.00 12.71 ? 331 GLN A HB2  1 
ATOM   119  H HB3  . GLN A 1 8  ? 6.605   -6.874  0.752   1.00 12.71 ? 331 GLN A HB3  1 
ATOM   120  H HG2  . GLN A 1 8  ? 7.049   -7.187  -1.464  1.00 13.68 ? 331 GLN A HG2  1 
ATOM   121  H HG3  . GLN A 1 8  ? 8.223   -6.116  -1.409  1.00 13.68 ? 331 GLN A HG3  1 
ATOM   122  H HE21 . GLN A 1 8  ? 10.215  -6.896  -1.216  1.00 19.13 ? 331 GLN A HE21 1 
ATOM   123  H HE22 . GLN A 1 8  ? 10.602  -8.237  -0.695  1.00 19.13 ? 331 GLN A HE22 1 
ATOM   124  N N    . ILE A 1 9  ? 5.070   -5.187  -2.160  1.00 9.65  ? 332 ILE A N    1 
ATOM   125  C CA   . ILE A 1 9  ? 3.929   -5.422  -3.026  1.00 9.70  ? 332 ILE A CA   1 
ATOM   126  C C    . ILE A 1 9  ? 4.373   -6.313  -4.172  1.00 10.09 ? 332 ILE A C    1 
ATOM   127  O O    . ILE A 1 9  ? 5.383   -6.046  -4.820  1.00 10.82 ? 332 ILE A O    1 
ATOM   128  C CB   . ILE A 1 9  ? 3.366   -4.103  -3.565  1.00 9.92  ? 332 ILE A CB   1 
ATOM   129  C CG1  . ILE A 1 9  ? 2.895   -3.238  -2.416  1.00 10.45 ? 332 ILE A CG1  1 
ATOM   130  C CG2  . ILE A 1 9  ? 2.238   -4.385  -4.539  1.00 11.29 ? 332 ILE A CG2  1 
ATOM   131  C CD1  . ILE A 1 9  ? 2.636   -1.809  -2.812  1.00 12.50 ? 332 ILE A CD1  1 
ATOM   132  H H    . ILE A 1 9  ? 5.741   -4.835  -2.564  1.00 11.61 ? 332 ILE A H    1 
ATOM   133  H HA   . ILE A 1 9  ? 3.235   -5.883  -2.529  1.00 11.66 ? 332 ILE A HA   1 
ATOM   134  H HB   . ILE A 1 9  ? 4.063   -3.623  -4.038  1.00 11.93 ? 332 ILE A HB   1 
ATOM   135  H HG12 . ILE A 1 9  ? 2.067   -3.604  -2.065  1.00 12.56 ? 332 ILE A HG12 1 
ATOM   136  H HG13 . ILE A 1 9  ? 3.575   -3.237  -1.724  1.00 12.56 ? 332 ILE A HG13 1 
ATOM   137  H HG21 . ILE A 1 9  ? 1.785   -3.553  -4.748  1.00 13.57 ? 332 ILE A HG21 1 
ATOM   138  H HG22 . ILE A 1 9  ? 2.609   -4.773  -5.348  1.00 13.57 ? 332 ILE A HG22 1 
ATOM   139  H HG23 . ILE A 1 9  ? 1.615   -5.006  -4.129  1.00 13.57 ? 332 ILE A HG23 1 
ATOM   140  H HD11 . ILE A 1 9  ? 2.474   -1.284  -2.012  1.00 15.02 ? 332 ILE A HD11 1 
ATOM   141  H HD12 . ILE A 1 9  ? 3.413   -1.466  -3.281  1.00 15.02 ? 332 ILE A HD12 1 
ATOM   142  H HD13 . ILE A 1 9  ? 1.859   -1.777  -3.391  1.00 15.02 ? 332 ILE A HD13 1 
ATOM   143  N N    . ARG A 1 10 ? 3.577   -7.326  -4.454  1.00 9.83  ? 333 ARG A N    1 
ATOM   144  C CA   . ARG A 1 10 ? 3.878   -8.314  -5.481  1.00 10.22 ? 333 ARG A CA   1 
ATOM   145  C C    . ARG A 1 10 ? 3.107   -7.932  -6.731  1.00 11.46 ? 333 ARG A C    1 
ATOM   146  O O    . ARG A 1 10 ? 1.876   -7.960  -6.726  1.00 12.91 ? 333 ARG A O    1 
ATOM   147  C CB   . ARG A 1 10 ? 3.490   -9.708  -4.994  1.00 10.17 ? 333 ARG A CB   1 
ATOM   148  C CG   . ARG A 1 10 ? 4.118   -10.040 -3.670  1.00 10.35 ? 333 ARG A CG   1 
ATOM   149  C CD   . ARG A 1 10 ? 3.795   -11.425 -3.199  1.00 10.63 ? 333 ARG A CD   1 
ATOM   150  N NE   . ARG A 1 10 ? 4.376   -11.652 -1.894  1.00 10.34 ? 333 ARG A NE   1 
ATOM   151  C CZ   . ARG A 1 10 ? 3.940   -12.549 -1.028  1.00 10.94 ? 333 ARG A CZ   1 
ATOM   152  N NH1  . ARG A 1 10 ? 2.988   -13.404 -1.345  1.00 11.78 ? 333 ARG A NH1  1 
ATOM   153  N NH2  . ARG A 1 10 ? 4.468   -12.580 0.192   1.00 11.98 ? 333 ARG A NH2  1 
ATOM   154  H H    . ARG A 1 10 ? 2.830   -7.470  -4.053  1.00 11.82 ? 333 ARG A H    1 
ATOM   155  H HA   . ARG A 1 10 ? 4.825   -8.321  -5.693  1.00 12.29 ? 333 ARG A HA   1 
ATOM   156  H HB2  . ARG A 1 10 ? 2.526   -9.751  -4.891  1.00 12.23 ? 333 ARG A HB2  1 
ATOM   157  H HB3  . ARG A 1 10 ? 3.785   -10.365 -5.643  1.00 12.23 ? 333 ARG A HB3  1 
ATOM   158  H HG2  . ARG A 1 10 ? 5.082   -9.969  -3.752  1.00 12.45 ? 333 ARG A HG2  1 
ATOM   159  H HG3  . ARG A 1 10 ? 3.796   -9.414  -3.003  1.00 12.45 ? 333 ARG A HG3  1 
ATOM   160  H HD2  . ARG A 1 10 ? 2.832   -11.531 -3.135  1.00 12.78 ? 333 ARG A HD2  1 
ATOM   161  H HD3  . ARG A 1 10 ? 4.160   -12.075 -3.821  1.00 12.78 ? 333 ARG A HD3  1 
ATOM   162  H HE   . ARG A 1 10 ? 5.052   -11.172 -1.666  1.00 12.43 ? 333 ARG A HE   1 
ATOM   163  H HH11 . ARG A 1 10 ? 2.638   -13.386 -2.129  1.00 14.16 ? 333 ARG A HH11 1 
ATOM   164  H HH12 . ARG A 1 10 ? 2.718   -13.980 -0.766  1.00 14.16 ? 333 ARG A HH12 1 
ATOM   165  H HH21 . ARG A 1 10 ? 5.085   -12.022 0.408   1.00 14.40 ? 333 ARG A HH21 1 
ATOM   166  H HH22 . ARG A 1 10 ? 4.193   -13.160 0.765   1.00 14.40 ? 333 ARG A HH22 1 
ATOM   167  N N    . GLY A 1 11 ? 3.828   -7.606  -7.794  1.00 11.86 ? 334 GLY A N    1 
ATOM   168  C CA   . GLY A 1 11 ? 3.209   -7.328  -9.066  1.00 12.41 ? 334 GLY A CA   1 
ATOM   169  C C    . GLY A 1 11 ? 3.160   -5.848  -9.365  1.00 12.32 ? 334 GLY A C    1 
ATOM   170  O O    . GLY A 1 11 ? 2.812   -5.044  -8.503  1.00 12.05 ? 334 GLY A O    1 
ATOM   171  H H    . GLY A 1 11 ? 4.685   -7.540  -7.799  1.00 14.26 ? 334 GLY A H    1 
ATOM   172  H HA2  . GLY A 1 11 ? 3.711   -7.766  -9.770  1.00 14.92 ? 334 GLY A HA2  1 
ATOM   173  H HA3  . GLY A 1 11 ? 2.302   -7.671  -9.064  1.00 14.92 ? 334 GLY A HA3  1 
ATOM   174  N N    . ARG A 1 12 ? 3.521   -5.490  -10.592 1.00 12.75 ? 335 ARG A N    1 
ATOM   175  C CA   . ARG A 1 12 ? 3.569   -4.090  -10.981 1.00 13.26 ? 335 ARG A CA   1 
ATOM   176  C C    . ARG A 1 12 ? 2.188   -3.454  -10.957 1.00 13.12 ? 335 ARG A C    1 
ATOM   177  O O    . ARG A 1 12 ? 2.031   -2.315  -10.516 1.00 13.30 ? 335 ARG A O    1 
ATOM   178  C CB   . ARG A 1 12 ? 4.211   -3.980  -12.361 1.00 14.78 ? 335 ARG A CB   1 
ATOM   179  C CG   . ARG A 1 12 ? 4.354   -2.545  -12.811 1.00 17.28 ? 335 ARG A CG   1 
ATOM   180  C CD   . ARG A 1 12 ? 5.086   -2.451  -14.122 1.00 19.40 ? 335 ARG A CD   1 
ATOM   181  N NE   . ARG A 1 12 ? 6.400   -3.081  -14.056 1.00 22.42 ? 335 ARG A NE   1 
ATOM   182  C CZ   . ARG A 1 12 ? 7.498   -2.481  -13.617 1.00 24.51 ? 335 ARG A CZ   1 
ATOM   183  N NH1  . ARG A 1 12 ? 7.478   -1.228  -13.189 1.00 25.59 ? 335 ARG A NH1  1 
ATOM   184  N NH2  . ARG A 1 12 ? 8.642   -3.157  -13.594 1.00 25.16 ? 335 ARG A NH2  1 
ATOM   185  H H    . ARG A 1 12 ? 3.743   -6.038  -11.217 1.00 15.32 ? 335 ARG A H    1 
ATOM   186  H HA   . ARG A 1 12 ? 4.115   -3.596  -10.350 1.00 15.93 ? 335 ARG A HA   1 
ATOM   187  H HB2  . ARG A 1 12 ? 5.096   -4.378  -12.332 1.00 17.76 ? 335 ARG A HB2  1 
ATOM   188  H HB3  . ARG A 1 12 ? 3.658   -4.446  -13.007 1.00 17.76 ? 335 ARG A HB3  1 
ATOM   189  H HG2  . ARG A 1 12 ? 3.473   -2.154  -12.923 1.00 20.76 ? 335 ARG A HG2  1 
ATOM   190  H HG3  . ARG A 1 12 ? 4.855   -2.048  -12.145 1.00 20.76 ? 335 ARG A HG3  1 
ATOM   191  H HD2  . ARG A 1 12 ? 4.570   -2.898  -14.810 1.00 23.31 ? 335 ARG A HD2  1 
ATOM   192  H HD3  . ARG A 1 12 ? 5.209   -1.517  -14.354 1.00 23.31 ? 335 ARG A HD3  1 
ATOM   193  H HE   . ARG A 1 12 ? 6.468   -3.897  -14.321 1.00 26.93 ? 335 ARG A HE   1 
ATOM   194  H HH11 . ARG A 1 12 ? 6.741   -0.785  -13.193 1.00 30.74 ? 335 ARG A HH11 1 
ATOM   195  H HH12 . ARG A 1 12 ? 8.201   -0.858  -12.909 1.00 30.74 ? 335 ARG A HH12 1 
ATOM   196  H HH21 . ARG A 1 12 ? 8.664   -3.973  -13.863 1.00 30.21 ? 335 ARG A HH21 1 
ATOM   197  H HH22 . ARG A 1 12 ? 9.361   -2.777  -13.310 1.00 30.21 ? 335 ARG A HH22 1 
ATOM   198  N N    . GLU A 1 13 ? 1.181   -4.154  -11.458 1.00 13.17 ? 336 GLU A N    1 
ATOM   199  C CA   . GLU A 1 13 ? -0.157  -3.573  -11.485 1.00 14.36 ? 336 GLU A CA   1 
ATOM   200  C C    . GLU A 1 13 ? -0.651  -3.303  -10.073 1.00 13.24 ? 336 GLU A C    1 
ATOM   201  O O    . GLU A 1 13 ? -1.240  -2.255  -9.804  1.00 13.36 ? 336 GLU A O    1 
ATOM   202  C CB   . GLU A 1 13 ? -1.107  -4.493  -12.246 1.00 18.12 ? 336 GLU A CB   1 
ATOM   203  C CG   . GLU A 1 13 ? -0.848  -4.507  -13.750 1.00 24.00 ? 336 GLU A CG   1 
ATOM   204  C CD   . GLU A 1 13 ? -1.747  -5.469  -14.502 1.00 30.29 ? 336 GLU A CD   1 
ATOM   205  O OE1  . GLU A 1 13 ? -1.854  -6.644  -14.079 1.00 32.98 ? 336 GLU A OE1  1 
ATOM   206  O OE2  . GLU A 1 13 ? -2.347  -5.047  -15.517 1.00 32.99 ? 336 GLU A OE2  1 
ATOM   207  H H    . GLU A 1 13 ? 1.241   -4.948  -11.782 1.00 15.83 ? 336 GLU A H    1 
ATOM   208  H HA   . GLU A 1 13 ? -0.137  -2.726  -11.958 1.00 17.25 ? 336 GLU A HA   1 
ATOM   209  H HB2  . GLU A 1 13 ? -0.999  -5.399  -11.915 1.00 21.77 ? 336 GLU A HB2  1 
ATOM   210  H HB3  . GLU A 1 13 ? -2.018  -4.192  -12.101 1.00 21.77 ? 336 GLU A HB3  1 
ATOM   211  H HG2  . GLU A 1 13 ? -1.000  -3.617  -14.103 1.00 28.82 ? 336 GLU A HG2  1 
ATOM   212  H HG3  . GLU A 1 13 ? 0.071   -4.774  -13.908 1.00 28.82 ? 336 GLU A HG3  1 
ATOM   213  N N    . ARG A 1 14 ? -0.412  -4.232  -9.154  1.00 11.60 ? 337 ARG A N    1 
ATOM   214  C CA   . ARG A 1 14 ? -0.811  -4.011  -7.775  1.00 10.87 ? 337 ARG A CA   1 
ATOM   215  C C    . ARG A 1 14 ? -0.034  -2.858  -7.163  1.00 10.64 ? 337 ARG A C    1 
ATOM   216  O O    . ARG A 1 14 ? -0.594  -2.054  -6.419  1.00 11.04 ? 337 ARG A O    1 
ATOM   217  C CB   . ARG A 1 14 ? -0.619  -5.289  -6.974  1.00 11.34 ? 337 ARG A CB   1 
ATOM   218  C CG   . ARG A 1 14 ? -1.151  -5.180  -5.563  1.00 11.05 ? 337 ARG A CG   1 
ATOM   219  C CD   . ARG A 1 14 ? -1.004  -6.498  -4.860  1.00 11.65 ? 337 ARG A CD   1 
ATOM   220  N NE   . ARG A 1 14 ? -1.800  -7.519  -5.530  1.00 12.11 ? 337 ARG A NE   1 
ATOM   221  C CZ   . ARG A 1 14 ? -1.571  -8.816  -5.477  1.00 12.27 ? 337 ARG A CZ   1 
ATOM   222  N NH1  . ARG A 1 14 ? -0.600  -9.306  -4.723  1.00 12.20 ? 337 ARG A NH1  1 
ATOM   223  N NH2  . ARG A 1 14 ? -2.315  -9.631  -6.225  1.00 13.20 ? 337 ARG A NH2  1 
ATOM   224  H H    . ARG A 1 14 ? -0.027  -4.987  -9.302  1.00 13.94 ? 337 ARG A H    1 
ATOM   225  H HA   . ARG A 1 14 ? -1.752  -3.783  -7.745  1.00 13.07 ? 337 ARG A HA   1 
ATOM   226  H HB2  . ARG A 1 14 ? -1.088  -6.012  -7.417  1.00 13.64 ? 337 ARG A HB2  1 
ATOM   227  H HB3  . ARG A 1 14 ? 0.329   -5.489  -6.922  1.00 13.64 ? 337 ARG A HB3  1 
ATOM   228  H HG2  . ARG A 1 14 ? -0.650  -4.509  -5.075  1.00 13.28 ? 337 ARG A HG2  1 
ATOM   229  H HG3  . ARG A 1 14 ? -2.091  -4.942  -5.586  1.00 13.28 ? 337 ARG A HG3  1 
ATOM   230  H HD2  . ARG A 1 14 ? -0.074  -6.772  -4.871  1.00 14.00 ? 337 ARG A HD2  1 
ATOM   231  H HD3  . ARG A 1 14 ? -1.314  -6.415  -3.944  1.00 14.00 ? 337 ARG A HD3  1 
ATOM   232  H HE   . ARG A 1 14 ? -2.472  -7.254  -5.997  1.00 14.55 ? 337 ARG A HE   1 
ATOM   233  H HH11 . ARG A 1 14 ? -0.108  -8.777  -4.258  1.00 14.66 ? 337 ARG A HH11 1 
ATOM   234  H HH12 . ARG A 1 14 ? -0.463  -10.155 -4.698  1.00 14.66 ? 337 ARG A HH12 1 
ATOM   235  H HH21 . ARG A 1 14 ? -2.932  -9.309  -6.730  1.00 15.86 ? 337 ARG A HH21 1 
ATOM   236  H HH22 . ARG A 1 14 ? -2.179  -10.480 -6.201  1.00 15.86 ? 337 ARG A HH22 1 
ATOM   237  N N    . PHE A 1 15 ? 1.264   -2.779  -7.453  1.00 10.14 ? 338 PHE A N    1 
ATOM   238  C CA   . PHE A 1 15 ? 2.041   -1.652  -6.974  1.00 10.72 ? 338 PHE A CA   1 
ATOM   239  C C    . PHE A 1 15 ? 1.436   -0.342  -7.453  1.00 11.06 ? 338 PHE A C    1 
ATOM   240  O O    . PHE A 1 15 ? 1.271   0.598   -6.676  1.00 11.48 ? 338 PHE A O    1 
ATOM   241  C CB   . PHE A 1 15 ? 3.473   -1.750  -7.467  1.00 11.17 ? 338 PHE A CB   1 
ATOM   242  C CG   . PHE A 1 15 ? 4.237   -0.497  -7.234  1.00 11.98 ? 338 PHE A CG   1 
ATOM   243  C CD1  . PHE A 1 15 ? 4.673   -0.175  -5.971  1.00 12.47 ? 338 PHE A CD1  1 
ATOM   244  C CD2  . PHE A 1 15 ? 4.409   0.435   -8.248  1.00 14.17 ? 338 PHE A CD2  1 
ATOM   245  C CE1  . PHE A 1 15 ? 5.342   1.004   -5.734  1.00 14.23 ? 338 PHE A CE1  1 
ATOM   246  C CE2  . PHE A 1 15 ? 5.067   1.625   -8.011  1.00 15.55 ? 338 PHE A CE2  1 
ATOM   247  C CZ   . PHE A 1 15 ? 5.527   1.906   -6.753  1.00 15.78 ? 338 PHE A CZ   1 
ATOM   248  H H    . PHE A 1 15 ? 1.703   -3.354  -7.915  1.00 12.19 ? 338 PHE A H    1 
ATOM   249  H HA   . PHE A 1 15 ? 2.042   -1.672  -6.005  1.00 12.89 ? 338 PHE A HA   1 
ATOM   250  H HB2  . PHE A 1 15 ? 3.923   -2.469  -6.995  1.00 13.43 ? 338 PHE A HB2  1 
ATOM   251  H HB3  . PHE A 1 15 ? 3.471   -1.929  -8.420  1.00 13.43 ? 338 PHE A HB3  1 
ATOM   252  H HD1  . PHE A 1 15 ? 4.513   -0.762  -5.268  1.00 14.99 ? 338 PHE A HD1  1 
ATOM   253  H HD2  . PHE A 1 15 ? 4.077   0.256   -9.098  1.00 17.02 ? 338 PHE A HD2  1 
ATOM   254  H HE1  . PHE A 1 15 ? 5.670   1.190   -4.884  1.00 17.10 ? 338 PHE A HE1  1 
ATOM   255  H HE2  . PHE A 1 15 ? 5.197   2.233   -8.702  1.00 18.68 ? 338 PHE A HE2  1 
ATOM   256  H HZ   . PHE A 1 15 ? 5.964   2.710   -6.589  1.00 18.95 ? 338 PHE A HZ   1 
ATOM   257  N N    . GLU A 1 16 ? 1.104   -0.264  -8.741  1.00 11.99 ? 339 GLU A N    1 
ATOM   258  C CA   . GLU A 1 16 ? 0.585   0.987   -9.276  1.00 13.44 ? 339 GLU A CA   1 
ATOM   259  C C    . GLU A 1 16 ? -0.738  1.340   -8.627  1.00 13.65 ? 339 GLU A C    1 
ATOM   260  O O    . GLU A 1 16 ? -1.019  2.520   -8.395  1.00 13.83 ? 339 GLU A O    1 
ATOM   261  C CB   . GLU A 1 16 ? 0.454   0.893   -10.792 1.00 16.03 ? 339 GLU A CB   1 
ATOM   262  C CG   . GLU A 1 16 ? 1.794   0.796   -11.513 1.00 20.02 ? 339 GLU A CG   1 
ATOM   263  C CD   . GLU A 1 16 ? 2.670   2.020   -11.321 1.00 25.42 ? 339 GLU A CD   1 
ATOM   264  O OE1  . GLU A 1 16 ? 2.143   3.072   -10.907 1.00 27.66 ? 339 GLU A OE1  1 
ATOM   265  O OE2  . GLU A 1 16 ? 3.891   1.929   -11.573 1.00 27.98 ? 339 GLU A OE2  1 
ATOM   266  H H    . GLU A 1 16 ? 1.168   -0.906  -9.310  1.00 14.41 ? 339 GLU A H    1 
ATOM   267  H HA   . GLU A 1 16 ? 1.209   1.705   -9.085  1.00 16.15 ? 339 GLU A HA   1 
ATOM   268  H HB2  . GLU A 1 16 ? -0.060  0.100   -11.014 1.00 19.27 ? 339 GLU A HB2  1 
ATOM   269  H HB3  . GLU A 1 16 ? -0.001  1.686   -11.117 1.00 19.27 ? 339 GLU A HB3  1 
ATOM   270  H HG2  . GLU A 1 16 ? 2.278   0.028   -11.173 1.00 24.05 ? 339 GLU A HG2  1 
ATOM   271  H HG3  . GLU A 1 16 ? 1.632   0.692   -12.463 1.00 24.05 ? 339 GLU A HG3  1 
ATOM   272  N N    . MET A 1 17 ? -1.576  0.331   -8.359  1.00 13.35 ? 340 MET A N    1 
ATOM   273  C CA   . MET A 1 17 ? -2.858  0.571   -7.709  1.00 13.51 ? 340 MET A CA   1 
ATOM   274  C C    . MET A 1 17 ? -2.662  1.116   -6.305  1.00 11.71 ? 340 MET A C    1 
ATOM   275  O O    . MET A 1 17 ? -3.255  2.125   -5.929  1.00 11.47 ? 340 MET A O    1 
ATOM   276  C CB   . MET A 1 17 ? -3.634  -0.743  -7.651  1.00 16.83 ? 340 MET A CB   1 
ATOM   277  C CG   . MET A 1 17 ? -4.676  -0.805  -6.522  1.00 22.75 ? 340 MET A CG   1 
ATOM   278  S SD   . MET A 1 17 ? -5.938  -2.025  -6.809  1.00 26.31 ? 340 MET A SD   1 
ATOM   279  C CE   . MET A 1 17 ? -5.125  -3.390  -6.034  1.00 25.01 ? 340 MET A CE   1 
ATOM   280  H H    . MET A 1 17 ? -1.421  -0.494  -8.544  1.00 16.04 ? 340 MET A H    1 
ATOM   281  H HA   . MET A 1 17 ? -3.361  1.216   -8.231  1.00 16.24 ? 340 MET A HA   1 
ATOM   282  H HB2  . MET A 1 17 ? -4.103  -0.864  -8.492  1.00 20.22 ? 340 MET A HB2  1 
ATOM   283  H HB3  . MET A 1 17 ? -3.006  -1.469  -7.513  1.00 20.22 ? 340 MET A HB3  1 
ATOM   284  H HG2  . MET A 1 17 ? -4.228  -1.028  -5.691  1.00 27.32 ? 340 MET A HG2  1 
ATOM   285  H HG3  . MET A 1 17 ? -5.108  0.060   -6.443  1.00 27.32 ? 340 MET A HG3  1 
ATOM   286  H HE1  . MET A 1 17 ? -5.327  -3.379  -5.085  1.00 30.04 ? 340 MET A HE1  1 
ATOM   287  H HE2  . MET A 1 17 ? -5.444  -4.215  -6.431  1.00 30.04 ? 340 MET A HE2  1 
ATOM   288  H HE3  . MET A 1 17 ? -4.168  -3.305  -6.170  1.00 30.04 ? 340 MET A HE3  1 
ATOM   289  N N    . LEU A 1 18 ? -1.826  0.449   -5.512  1.00 11.00 ? 341 LEU A N    1 
ATOM   290  C CA   . LEU A 1 18 ? -1.630  0.893   -4.139  1.00 10.86 ? 341 LEU A CA   1 
ATOM   291  C C    . LEU A 1 18 ? -0.870  2.207   -4.090  1.00 10.43 ? 341 LEU A C    1 
ATOM   292  O O    . LEU A 1 18 ? -1.121  3.034   -3.212  1.00 10.96 ? 341 LEU A O    1 
ATOM   293  C CB   . LEU A 1 18 ? -0.942  -0.187  -3.308  1.00 11.19 ? 341 LEU A CB   1 
ATOM   294  C CG   . LEU A 1 18 ? -1.828  -1.414  -3.109  1.00 12.28 ? 341 LEU A CG   1 
ATOM   295  C CD1  . LEU A 1 18 ? -1.051  -2.517  -2.415  1.00 13.91 ? 341 LEU A CD1  1 
ATOM   296  C CD2  . LEU A 1 18 ? -3.074  -1.142  -2.313  1.00 16.32 ? 341 LEU A CD2  1 
ATOM   297  H H    . LEU A 1 18 ? -1.372  -0.245  -5.740  1.00 13.22 ? 341 LEU A H    1 
ATOM   298  H HA   . LEU A 1 18 ? -2.497  1.038   -3.728  1.00 13.06 ? 341 LEU A HA   1 
ATOM   299  H HB2  . LEU A 1 18 ? -0.133  -0.468  -3.763  1.00 13.46 ? 341 LEU A HB2  1 
ATOM   300  H HB3  . LEU A 1 18 ? -0.725  0.175   -2.436  1.00 13.46 ? 341 LEU A HB3  1 
ATOM   301  H HG   . LEU A 1 18 ? -2.109  -1.689  -3.996  1.00 14.77 ? 341 LEU A HG   1 
ATOM   302  H HD11 . LEU A 1 18 ? -1.611  -3.306  -2.350  1.00 16.72 ? 341 LEU A HD11 1 
ATOM   303  H HD12 . LEU A 1 18 ? -0.255  -2.717  -2.932  1.00 16.72 ? 341 LEU A HD12 1 
ATOM   304  H HD13 . LEU A 1 18 ? -0.801  -2.216  -1.527  1.00 16.72 ? 341 LEU A HD13 1 
ATOM   305  H HD21 . LEU A 1 18 ? -3.551  -1.976  -2.179  1.00 19.61 ? 341 LEU A HD21 1 
ATOM   306  H HD22 . LEU A 1 18 ? -2.826  -0.762  -1.457  1.00 19.61 ? 341 LEU A HD22 1 
ATOM   307  H HD23 . LEU A 1 18 ? -3.632  -0.518  -2.803  1.00 19.61 ? 341 LEU A HD23 1 
ATOM   308  N N    . ARG A 1 19 ? 0.053   2.414   -5.030  1.00 10.92 ? 342 ARG A N    1 
ATOM   309  C CA   . ARG A 1 19 ? 0.766   3.682   -5.098  1.00 11.74 ? 342 ARG A CA   1 
ATOM   310  C C    . ARG A 1 19 ? -0.201  4.820   -5.389  1.00 11.46 ? 342 ARG A C    1 
ATOM   311  O O    . ARG A 1 19 ? -0.113  5.884   -4.775  1.00 12.28 ? 342 ARG A O    1 
ATOM   312  C CB   . ARG A 1 19 ? 1.843   3.604   -6.183  1.00 14.58 ? 342 ARG A CB   1 
ATOM   313  C CG   . ARG A 1 19 ? 2.733   4.801   -6.281  1.00 18.25 ? 342 ARG A CG   1 
ATOM   314  C CD   . ARG A 1 19 ? 3.027   5.117   -7.717  1.00 24.46 ? 342 ARG A CD   1 
ATOM   315  N NE   . ARG A 1 19 ? 1.960   5.957   -8.235  1.00 28.67 ? 342 ARG A NE   1 
ATOM   316  C CZ   . ARG A 1 19 ? 1.110   5.650   -9.203  1.00 30.84 ? 342 ARG A CZ   1 
ATOM   317  N NH1  . ARG A 1 19 ? 1.160   4.488   -9.828  1.00 32.48 ? 342 ARG A NH1  1 
ATOM   318  N NH2  . ARG A 1 19 ? 0.198   6.548   -9.563  1.00 30.72 ? 342 ARG A NH2  1 
ATOM   319  H H    . ARG A 1 19 ? 0.281   1.843   -5.631  1.00 13.13 ? 342 ARG A H    1 
ATOM   320  H HA   . ARG A 1 19 ? 1.201   3.860   -4.250  1.00 14.11 ? 342 ARG A HA   1 
ATOM   321  H HB2  . ARG A 1 19 ? 2.408   2.837   -6.000  1.00 17.52 ? 342 ARG A HB2  1 
ATOM   322  H HB3  . ARG A 1 19 ? 1.405   3.496   -7.043  1.00 17.52 ? 342 ARG A HB3  1 
ATOM   323  H HG2  . ARG A 1 19 ? 2.293   5.567   -5.880  1.00 21.92 ? 342 ARG A HG2  1 
ATOM   324  H HG3  . ARG A 1 19 ? 3.570   4.622   -5.826  1.00 21.92 ? 342 ARG A HG3  1 
ATOM   325  H HD2  . ARG A 1 19 ? 3.868   5.593   -7.786  1.00 29.38 ? 342 ARG A HD2  1 
ATOM   326  H HD3  . ARG A 1 19 ? 3.066   4.298   -8.236  1.00 29.38 ? 342 ARG A HD3  1 
ATOM   327  H HE   . ARG A 1 19 ? 1.872   6.734   -7.876  1.00 34.43 ? 342 ARG A HE   1 
ATOM   328  H HH11 . ARG A 1 19 ? 1.756   3.907   -9.610  1.00 39.00 ? 342 ARG A HH11 1 
ATOM   329  H HH12 . ARG A 1 19 ? 0.597   4.312   -10.453 1.00 39.00 ? 342 ARG A HH12 1 
ATOM   330  H HH21 . ARG A 1 19 ? 0.167   7.312   -9.170  1.00 36.89 ? 342 ARG A HH21 1 
ATOM   331  H HH22 . ARG A 1 19 ? -0.362  6.364   -10.190 1.00 36.89 ? 342 ARG A HH22 1 
ATOM   332  N N    . GLU A 1 20 ? -1.124  4.622   -6.333  1.00 11.89 ? 343 GLU A N    1 
ATOM   333  C CA   . GLU A 1 20 ? -2.079  5.677   -6.649  1.00 12.90 ? 343 GLU A CA   1 
ATOM   334  C C    . GLU A 1 20 ? -2.942  6.000   -5.436  1.00 11.21 ? 343 GLU A C    1 
ATOM   335  O O    . GLU A 1 20 ? -3.213  7.167   -5.143  1.00 11.71 ? 343 GLU A O    1 
ATOM   336  C CB   . GLU A 1 20 ? -2.949  5.253   -7.827  1.00 15.12 ? 343 GLU A CB   1 
ATOM   337  C CG   . GLU A 1 20 ? -3.883  6.370   -8.256  1.00 19.02 ? 343 GLU A CG   1 
ATOM   338  C CD   . GLU A 1 20 ? -4.870  5.992   -9.340  1.00 23.42 ? 343 GLU A CD   1 
ATOM   339  O OE1  . GLU A 1 20 ? -4.762  4.905   -9.931  1.00 25.21 ? 343 GLU A OE1  1 
ATOM   340  O OE2  . GLU A 1 20 ? -5.740  6.837   -9.629  1.00 25.60 ? 343 GLU A OE2  1 
ATOM   341  H H    . GLU A 1 20 ? -1.214  3.901   -6.794  1.00 14.30 ? 343 GLU A H    1 
ATOM   342  H HA   . GLU A 1 20 ? -1.599  6.480   -6.906  1.00 15.50 ? 343 GLU A HA   1 
ATOM   343  H HB2  . GLU A 1 20 ? -2.381  5.024   -8.580  1.00 18.17 ? 343 GLU A HB2  1 
ATOM   344  H HB3  . GLU A 1 20 ? -3.485  4.487   -7.571  1.00 18.17 ? 343 GLU A HB3  1 
ATOM   345  H HG2  . GLU A 1 20 ? -4.396  6.656   -7.484  1.00 22.84 ? 343 GLU A HG2  1 
ATOM   346  H HG3  . GLU A 1 20 ? -3.350  7.106   -8.593  1.00 22.84 ? 343 GLU A HG3  1 
ATOM   347  N N    . ILE A 1 21 ? -3.388  4.964   -4.724  1.00 11.50 ? 344 ILE A N    1 
ATOM   348  C CA   . ILE A 1 21 ? -4.172  5.176   -3.512  1.00 11.12 ? 344 ILE A CA   1 
ATOM   349  C C    . ILE A 1 21 ? -3.372  5.973   -2.500  1.00 10.43 ? 344 ILE A C    1 
ATOM   350  O O    . ILE A 1 21 ? -3.871  6.940   -1.904  1.00 11.05 ? 344 ILE A O    1 
ATOM   351  C CB   . ILE A 1 21 ? -4.630  3.817   -2.944  1.00 10.55 ? 344 ILE A CB   1 
ATOM   352  C CG1  . ILE A 1 21 ? -5.692  3.211   -3.842  1.00 10.58 ? 344 ILE A CG1  1 
ATOM   353  C CG2  . ILE A 1 21 ? -5.109  3.965   -1.518  1.00 11.26 ? 344 ILE A CG2  1 
ATOM   354  C CD1  . ILE A 1 21 ? -6.011  1.769   -3.527  1.00 12.46 ? 344 ILE A CD1  1 
ATOM   355  H H    . ILE A 1 21 ? -3.252  4.138   -4.922  1.00 13.83 ? 344 ILE A H    1 
ATOM   356  H HA   . ILE A 1 21 ? -4.962  5.694   -3.732  1.00 13.37 ? 344 ILE A HA   1 
ATOM   357  H HB   . ILE A 1 21 ? -3.872  3.213   -2.928  1.00 12.69 ? 344 ILE A HB   1 
ATOM   358  H HG12 . ILE A 1 21 ? -6.510  3.722   -3.745  1.00 12.72 ? 344 ILE A HG12 1 
ATOM   359  H HG13 . ILE A 1 21 ? -5.383  3.251   -4.760  1.00 12.72 ? 344 ILE A HG13 1 
ATOM   360  H HG21 . ILE A 1 21 ? -5.533  3.138   -1.239  1.00 13.54 ? 344 ILE A HG21 1 
ATOM   361  H HG22 . ILE A 1 21 ? -4.348  4.155   -0.947  1.00 13.54 ? 344 ILE A HG22 1 
ATOM   362  H HG23 . ILE A 1 21 ? -5.747  4.695   -1.472  1.00 13.54 ? 344 ILE A HG23 1 
ATOM   363  H HD11 . ILE A 1 21 ? -6.597  1.418   -4.215  1.00 14.98 ? 344 ILE A HD11 1 
ATOM   364  H HD12 . ILE A 1 21 ? -5.185  1.260   -3.505  1.00 14.98 ? 344 ILE A HD12 1 
ATOM   365  H HD13 . ILE A 1 21 ? -6.450  1.725   -2.663  1.00 14.98 ? 344 ILE A HD13 1 
ATOM   366  N N    . ASN A 1 22 ? -2.132  5.555   -2.260  1.00 11.04 ? 345 ASN A N    1 
ATOM   367  C CA   . ASN A 1 22 ? -1.283  6.236   -1.293  1.00 11.05 ? 345 ASN A CA   1 
ATOM   368  C C    . ASN A 1 22 ? -1.065  7.693   -1.684  1.00 11.60 ? 345 ASN A C    1 
ATOM   369  O O    . ASN A 1 22 ? -1.097  8.586   -0.838  1.00 12.87 ? 345 ASN A O    1 
ATOM   370  C CB   . ASN A 1 22 ? 0.031   5.464   -1.175  1.00 10.82 ? 345 ASN A CB   1 
ATOM   371  C CG   . ASN A 1 22 ? 0.788   5.826   0.049   1.00 11.71 ? 345 ASN A CG   1 
ATOM   372  O OD1  . ASN A 1 22 ? 0.246   5.854   1.141   1.00 12.32 ? 345 ASN A OD1  1 
ATOM   373  N ND2  . ASN A 1 22 ? 2.063   6.084   -0.115  1.00 13.29 ? 345 ASN A ND2  1 
ATOM   374  H H    . ASN A 1 22 ? -1.761  4.881   -2.643  1.00 13.28 ? 345 ASN A H    1 
ATOM   375  H HA   . ASN A 1 22 ? -1.701  6.247   -0.418  1.00 13.29 ? 345 ASN A HA   1 
ATOM   376  H HB2  . ASN A 1 22 ? -0.161  4.514   -1.143  1.00 13.00 ? 345 ASN A HB2  1 
ATOM   377  H HB3  . ASN A 1 22 ? 0.586   5.664   -1.945  1.00 13.00 ? 345 ASN A HB3  1 
ATOM   378  H HD21 . ASN A 1 22 ? 2.549   6.299   0.562   1.00 15.97 ? 345 ASN A HD21 1 
ATOM   379  H HD22 . ASN A 1 22 ? 2.414   6.038   -0.898  1.00 15.97 ? 345 ASN A HD22 1 
ATOM   380  N N    . GLU A 1 23 ? -0.824  7.937   -2.965  1.00 11.59 ? 346 GLU A N    1 
ATOM   381  C CA   . GLU A 1 23 ? -0.595  9.303   -3.414  1.00 13.33 ? 346 GLU A CA   1 
ATOM   382  C C    . GLU A 1 23 ? -1.837  10.158  -3.175  1.00 12.06 ? 346 GLU A C    1 
ATOM   383  O O    . GLU A 1 23 ? -1.749  11.311  -2.748  1.00 12.00 ? 346 GLU A O    1 
ATOM   384  C CB   . GLU A 1 23 ? -0.305  9.248   -4.912  1.00 16.77 ? 346 GLU A CB   1 
ATOM   385  C CG   . GLU A 1 23 ? 0.028   10.557  -5.601  1.00 22.51 ? 346 GLU A CG   1 
ATOM   386  C CD   . GLU A 1 23 ? 0.418   10.331  -7.056  1.00 27.22 ? 346 GLU A CD   1 
ATOM   387  O OE1  . GLU A 1 23 ? 0.891   9.216   -7.362  1.00 28.36 ? 346 GLU A OE1  1 
ATOM   388  O OE2  . GLU A 1 23 ? 0.232   11.255  -7.880  1.00 30.77 ? 346 GLU A OE2  1 
ATOM   389  H H    . GLU A 1 23 ? -0.788  7.342   -3.585  1.00 13.93 ? 346 GLU A H    1 
ATOM   390  H HA   . GLU A 1 23 ? 0.150   9.700   -2.936  1.00 16.01 ? 346 GLU A HA   1 
ATOM   391  H HB2  . GLU A 1 23 ? 0.452   8.658   -5.049  1.00 20.14 ? 346 GLU A HB2  1 
ATOM   392  H HB3  . GLU A 1 23 ? -1.090  8.888   -5.355  1.00 20.14 ? 346 GLU A HB3  1 
ATOM   393  H HG2  . GLU A 1 23 ? -0.748  11.139  -5.579  1.00 27.03 ? 346 GLU A HG2  1 
ATOM   394  H HG3  . GLU A 1 23 ? 0.773   10.980  -5.146  1.00 27.03 ? 346 GLU A HG3  1 
ATOM   395  N N    . ALA A 1 24 ? -3.007  9.586   -3.399  1.00 10.75 ? 347 ALA A N    1 
ATOM   396  C CA   . ALA A 1 24 ? -4.239  10.313  -3.147  1.00 10.94 ? 347 ALA A CA   1 
ATOM   397  C C    . ALA A 1 24 ? -4.429  10.601  -1.668  1.00 10.63 ? 347 ALA A C    1 
ATOM   398  O O    . ALA A 1 24 ? -4.855  11.702  -1.295  1.00 11.67 ? 347 ALA A O    1 
ATOM   399  C CB   . ALA A 1 24 ? -5.400  9.498   -3.689  1.00 12.08 ? 347 ALA A CB   1 
ATOM   400  H H    . ALA A 1 24 ? -3.117  8.785   -3.694  1.00 12.92 ? 347 ALA A H    1 
ATOM   401  H HA   . ALA A 1 24 ? -4.210  11.170  -3.602  1.00 13.15 ? 347 ALA A HA   1 
ATOM   402  H HB1  . ALA A 1 24 ? -6.215  10.021  -3.614  1.00 14.52 ? 347 ALA A HB1  1 
ATOM   403  H HB2  . ALA A 1 24 ? -5.229  9.286   -4.620  1.00 14.52 ? 347 ALA A HB2  1 
ATOM   404  H HB3  . ALA A 1 24 ? -5.481  8.682   -3.173  1.00 14.52 ? 347 ALA A HB3  1 
ATOM   405  N N    . LEU A 1 25 ? -4.170  9.615   -0.813  1.00 11.02 ? 348 LEU A N    1 
ATOM   406  C CA   . LEU A 1 25 ? -4.292  9.849   0.614   1.00 11.39 ? 348 LEU A CA   1 
ATOM   407  C C    . LEU A 1 25 ? -3.335  10.930  1.079   1.00 11.55 ? 348 LEU A C    1 
ATOM   408  O O    . LEU A 1 25 ? -3.669  11.724  1.962   1.00 12.02 ? 348 LEU A O    1 
ATOM   409  C CB   . LEU A 1 25 ? -4.081  8.554   1.380   1.00 11.19 ? 348 LEU A CB   1 
ATOM   410  C CG   . LEU A 1 25 ? -5.149  7.492   1.119   1.00 11.79 ? 348 LEU A CG   1 
ATOM   411  C CD1  . LEU A 1 25 ? -4.690  6.151   1.684   1.00 12.67 ? 348 LEU A CD1  1 
ATOM   412  C CD2  . LEU A 1 25 ? -6.486  7.875   1.711   1.00 13.01 ? 348 LEU A CD2  1 
ATOM   413  H H    . LEU A 1 25 ? -3.927  8.820   -1.032  1.00 13.24 ? 348 LEU A H    1 
ATOM   414  H HA   . LEU A 1 25 ? -5.193  10.155  0.806   1.00 13.70 ? 348 LEU A HA   1 
ATOM   415  H HB2  . LEU A 1 25 ? -3.224  8.179   1.124   1.00 13.45 ? 348 LEU A HB2  1 
ATOM   416  H HB3  . LEU A 1 25 ? -4.086  8.752   2.329   1.00 13.45 ? 348 LEU A HB3  1 
ATOM   417  H HG   . LEU A 1 25 ? -5.275  7.414   0.161   1.00 14.17 ? 348 LEU A HG   1 
ATOM   418  H HD11 . LEU A 1 25 ? -5.367  5.481   1.497   1.00 15.22 ? 348 LEU A HD11 1 
ATOM   419  H HD12 . LEU A 1 25 ? -3.853  5.901   1.263   1.00 15.22 ? 348 LEU A HD12 1 
ATOM   420  H HD13 . LEU A 1 25 ? -4.566  6.237   2.642   1.00 15.22 ? 348 LEU A HD13 1 
ATOM   421  H HD21 . LEU A 1 25 ? -7.056  7.089   1.738   1.00 15.64 ? 348 LEU A HD21 1 
ATOM   422  H HD22 . LEU A 1 25 ? -6.349  8.214   2.609   1.00 15.64 ? 348 LEU A HD22 1 
ATOM   423  H HD23 . LEU A 1 25 ? -6.893  8.559   1.157   1.00 15.64 ? 348 LEU A HD23 1 
ATOM   424  N N    . GLU A 1 26 ? -2.134  10.959  0.513   1.00 11.54 ? 349 GLU A N    1 
ATOM   425  C CA   . GLU A 1 26 ? -1.184  11.990  0.910   1.00 11.88 ? 349 GLU A CA   1 
ATOM   426  C C    . GLU A 1 26 ? -1.611  13.365  0.439   1.00 12.23 ? 349 GLU A C    1 
ATOM   427  O O    . GLU A 1 26 ? -1.285  14.368  1.084   1.00 13.38 ? 349 GLU A O    1 
ATOM   428  C CB   . GLU A 1 26 ? 0.231   11.644  0.478   1.00 12.23 ? 349 GLU A CB   1 
ATOM   429  C CG   . GLU A 1 26 ? 0.760   10.424  1.221   1.00 12.76 ? 349 GLU A CG   1 
ATOM   430  C CD   . GLU A 1 26 ? 2.204   10.118  0.975   1.00 13.58 ? 349 GLU A CD   1 
ATOM   431  O OE1  . GLU A 1 26 ? 2.843   10.760  0.131   1.00 15.07 ? 349 GLU A OE1  1 
ATOM   432  O OE2  . GLU A 1 26 ? 2.723   9.213   1.644   1.00 14.36 ? 349 GLU A OE2  1 
ATOM   433  H H    . GLU A 1 26 ? -1.853  10.411  -0.087  1.00 13.87 ? 349 GLU A H    1 
ATOM   434  H HA   . GLU A 1 26 ? -1.158  12.019  1.879   1.00 14.28 ? 349 GLU A HA   1 
ATOM   435  H HB2  . GLU A 1 26 ? 0.238   11.450  -0.472  1.00 14.70 ? 349 GLU A HB2  1 
ATOM   436  H HB3  . GLU A 1 26 ? 0.816   12.394  0.668   1.00 14.70 ? 349 GLU A HB3  1 
ATOM   437  H HG2  . GLU A 1 26 ? 0.652   10.572  2.173   1.00 15.34 ? 349 GLU A HG2  1 
ATOM   438  H HG3  . GLU A 1 26 ? 0.247   9.648   0.945   1.00 15.34 ? 349 GLU A HG3  1 
ATOM   439  N N    . LEU A 1 27 ? -2.277  13.449  -0.710  1.00 13.08 ? 350 LEU A N    1 
ATOM   440  C CA   . LEU A 1 27 ? -2.818  14.734  -1.135  1.00 13.44 ? 350 LEU A CA   1 
ATOM   441  C C    . LEU A 1 27 ? -3.872  15.214  -0.147  1.00 13.64 ? 350 LEU A C    1 
ATOM   442  O O    . LEU A 1 27 ? -3.908  16.393  0.214   1.00 14.75 ? 350 LEU A O    1 
ATOM   443  C CB   . LEU A 1 27 ? -3.394  14.612  -2.537  1.00 13.77 ? 350 LEU A CB   1 
ATOM   444  C CG   . LEU A 1 27 ? -4.043  15.863  -3.119  1.00 16.74 ? 350 LEU A CG   1 
ATOM   445  C CD1  . LEU A 1 27 ? -2.989  16.993  -3.267  1.00 17.72 ? 350 LEU A CD1  1 
ATOM   446  C CD2  . LEU A 1 27 ? -4.683  15.542  -4.453  1.00 18.57 ? 350 LEU A CD2  1 
ATOM   447  H H    . LEU A 1 27 ? -2.425  12.794  -1.248  1.00 15.72 ? 350 LEU A H    1 
ATOM   448  H HA   . LEU A 1 27 ? -2.110  15.395  -1.166  1.00 16.15 ? 350 LEU A HA   1 
ATOM   449  H HB2  . LEU A 1 27 ? -2.673  14.361  -3.137  1.00 16.55 ? 350 LEU A HB2  1 
ATOM   450  H HB3  . LEU A 1 27 ? -4.071  13.918  -2.525  1.00 16.55 ? 350 LEU A HB3  1 
ATOM   451  H HG   . LEU A 1 27 ? -4.739  16.179  -2.521  1.00 20.12 ? 350 LEU A HG   1 
ATOM   452  H HD11 . LEU A 1 27 ? -3.125  17.444  -4.116  1.00 21.28 ? 350 LEU A HD11 1 
ATOM   453  H HD12 . LEU A 1 27 ? -3.096  17.623  -2.538  1.00 21.28 ? 350 LEU A HD12 1 
ATOM   454  H HD13 . LEU A 1 27 ? -2.101  16.603  -3.240  1.00 21.28 ? 350 LEU A HD13 1 
ATOM   455  H HD21 . LEU A 1 27 ? -4.512  16.271  -5.069  1.00 22.31 ? 350 LEU A HD21 1 
ATOM   456  H HD22 . LEU A 1 27 ? -4.297  14.721  -4.798  1.00 22.31 ? 350 LEU A HD22 1 
ATOM   457  H HD23 . LEU A 1 27 ? -5.638  15.431  -4.327  1.00 22.31 ? 350 LEU A HD23 1 
ATOM   458  N N    . LYS A 1 28 ? -4.745  14.315  0.303   1.00 13.71 ? 351 LYS A N    1 
ATOM   459  C CA   . LYS A 1 28 ? -5.675  14.696  1.350   1.00 15.55 ? 351 LYS A CA   1 
ATOM   460  C C    . LYS A 1 28 ? -4.924  15.197  2.580   1.00 15.25 ? 351 LYS A C    1 
ATOM   461  O O    . LYS A 1 28 ? -5.318  16.195  3.185   1.00 15.97 ? 351 LYS A O    1 
ATOM   462  C CB   . LYS A 1 28 ? -6.563  13.511  1.693   1.00 18.60 ? 351 LYS A CB   1 
ATOM   463  C CG   . LYS A 1 28 ? -7.732  13.911  2.552   1.00 22.72 ? 351 LYS A CG   1 
ATOM   464  C CD   . LYS A 1 28 ? -8.738  12.790  2.683   1.00 26.33 ? 351 LYS A CD   1 
ATOM   465  C CE   . LYS A 1 28 ? -9.983  13.283  3.408   1.00 29.58 ? 351 LYS A CE   1 
ATOM   466  N NZ   . LYS A 1 28 ? -9.818  13.619  4.848   1.00 31.56 ? 351 LYS A NZ   1 
ATOM   467  H H    . LYS A 1 28 ? -4.815  13.503  0.026   1.00 16.47 ? 351 LYS A H    1 
ATOM   468  H HA   . LYS A 1 28 ? -6.245  15.416  1.038   1.00 18.69 ? 351 LYS A HA   1 
ATOM   469  H HB2  . LYS A 1 28 ? -6.909  13.124  0.872   1.00 22.34 ? 351 LYS A HB2  1 
ATOM   470  H HB3  . LYS A 1 28 ? -6.043  12.852  2.176   1.00 22.34 ? 351 LYS A HB3  1 
ATOM   471  H HG2  . LYS A 1 28 ? -7.413  14.139  3.440   1.00 27.29 ? 351 LYS A HG2  1 
ATOM   472  H HG3  . LYS A 1 28 ? -8.178  14.675  2.153   1.00 27.29 ? 351 LYS A HG3  1 
ATOM   473  H HD2  . LYS A 1 28 ? -8.995  12.478  1.801   1.00 31.62 ? 351 LYS A HD2  1 
ATOM   474  H HD3  . LYS A 1 28 ? -8.350  12.062  3.192   1.00 31.62 ? 351 LYS A HD3  1 
ATOM   475  H HE2  . LYS A 1 28 ? -10.295 14.087  2.963   1.00 35.52 ? 351 LYS A HE2  1 
ATOM   476  H HE3  . LYS A 1 28 ? -10.660 12.591  3.354   1.00 35.52 ? 351 LYS A HE3  1 
ATOM   477  H HZ1  . LYS A 1 28 ? -10.562 13.994  5.161   1.00 37.90 ? 351 LYS A HZ1  1 
ATOM   478  H HZ2  . LYS A 1 28 ? -9.649  12.880  5.315   1.00 37.90 ? 351 LYS A HZ2  1 
ATOM   479  H HZ3  . LYS A 1 28 ? -9.141  14.187  4.952   1.00 37.90 ? 351 LYS A HZ3  1 
ATOM   480  N N    . ASP A 1 29 ? -3.807  14.549  2.929   1.00 14.50 ? 352 ASP A N    1 
ATOM   481  C CA   . ASP A 1 29 ? -3.009  14.991  4.067   1.00 14.96 ? 352 ASP A CA   1 
ATOM   482  C C    . ASP A 1 29 ? -2.621  16.448  3.891   1.00 14.28 ? 352 ASP A C    1 
ATOM   483  O O    . ASP A 1 29 ? -2.630  17.228  4.843   1.00 15.43 ? 352 ASP A O    1 
ATOM   484  C CB   . ASP A 1 29 ? -1.694  14.195  4.170   1.00 15.13 ? 352 ASP A CB   1 
ATOM   485  C CG   . ASP A 1 29 ? -1.870  12.744  4.620   1.00 16.16 ? 352 ASP A CG   1 
ATOM   486  O OD1  . ASP A 1 29 ? -2.915  12.383  5.199   1.00 17.18 ? 352 ASP A OD1  1 
ATOM   487  O OD2  . ASP A 1 29 ? -0.930  11.936  4.382   1.00 15.95 ? 352 ASP A OD2  1 
ATOM   488  H H    . ASP A 1 29 ? -3.493  13.858  2.524   1.00 17.42 ? 352 ASP A H    1 
ATOM   489  H HA   . ASP A 1 29 ? -3.537  14.850  4.868   1.00 17.98 ? 352 ASP A HA   1 
ATOM   490  H HB2  . ASP A 1 29 ? -1.269  14.183  3.297   1.00 18.18 ? 352 ASP A HB2  1 
ATOM   491  H HB3  . ASP A 1 29 ? -1.115  14.634  4.814   1.00 18.18 ? 352 ASP A HB3  1 
ATOM   492  N N    . ALA A 1 30 ? -2.250  16.814  2.670   1.00 14.06 ? 353 ALA A N    1 
ATOM   493  C CA   . ALA A 1 30 ? -1.720  18.139  2.407   1.00 15.13 ? 353 ALA A CA   1 
ATOM   494  C C    . ALA A 1 30 ? -2.768  19.211  2.600   1.00 15.56 ? 353 ALA A C    1 
ATOM   495  O O    . ALA A 1 30 ? -2.424  20.361  2.877   1.00 17.51 ? 353 ALA A O    1 
ATOM   496  C CB   . ALA A 1 30 ? -1.174  18.190  0.987   1.00 16.14 ? 353 ALA A CB   1 
ATOM   497  H H    . ALA A 1 30 ? -2.295  16.310  1.974   1.00 16.90 ? 353 ALA A H    1 
ATOM   498  H HA   . ALA A 1 30 ? -0.995  18.320  3.027   1.00 18.18 ? 353 ALA A HA   1 
ATOM   499  H HB1  . ALA A 1 30 ? -0.838  19.082  0.809   1.00 19.39 ? 353 ALA A HB1  1 
ATOM   500  H HB2  . ALA A 1 30 ? -0.455  17.544  0.901   1.00 19.39 ? 353 ALA A HB2  1 
ATOM   501  H HB3  . ALA A 1 30 ? -1.887  17.974  0.366   1.00 19.39 ? 353 ALA A HB3  1 
ATOM   502  N N    . MET A 1 31 ? -4.035  18.876  2.409   1.00 15.74 ? 354 MET A N    1 
ATOM   503  C CA   . MET A 1 31 ? -5.081  19.875  2.537   1.00 17.50 ? 354 MET A CA   1 
ATOM   504  C C    . MET A 1 31 ? -5.499  20.052  3.984   1.00 19.81 ? 354 MET A C    1 
ATOM   505  O O    . MET A 1 31 ? -6.119  21.065  4.320   1.00 20.97 ? 354 MET A O    1 
ATOM   506  C CB   . MET A 1 31 ? -6.288  19.448  1.710   1.00 21.40 ? 354 MET A CB   1 
ATOM   507  C CG   . MET A 1 31 ? -5.948  19.136  0.276   1.00 25.21 ? 354 MET A CG   1 
ATOM   508  S SD   . MET A 1 31 ? -5.349  20.575  -0.586  1.00 28.19 ? 354 MET A SD   1 
ATOM   509  C CE   . MET A 1 31 ? -4.248  19.861  -1.785  1.00 30.46 ? 354 MET A CE   1 
ATOM   510  H H    . MET A 1 31 ? -4.311  18.087  2.205   1.00 18.92 ? 354 MET A H    1 
ATOM   511  H HA   . MET A 1 31 ? -4.768  20.724  2.191   1.00 21.03 ? 354 MET A HA   1 
ATOM   512  H HB2  . MET A 1 31 ? -6.672  18.649  2.105   1.00 25.71 ? 354 MET A HB2  1 
ATOM   513  H HB3  . MET A 1 31 ? -6.939  20.166  1.712   1.00 25.71 ? 354 MET A HB3  1 
ATOM   514  H HG2  . MET A 1 31 ? -5.256  18.457  0.251   1.00 30.27 ? 354 MET A HG2  1 
ATOM   515  H HG3  . MET A 1 31 ? -6.742  18.818  -0.179  1.00 30.27 ? 354 MET A HG3  1 
ATOM   516  H HE1  . MET A 1 31 ? -4.505  20.164  -2.670  1.00 36.58 ? 354 MET A HE1  1 
ATOM   517  H HE2  . MET A 1 31 ? -3.340  20.142  -1.589  1.00 36.58 ? 354 MET A HE2  1 
ATOM   518  H HE3  . MET A 1 31 ? -4.311  18.894  -1.735  1.00 36.58 ? 354 MET A HE3  1 
ATOM   519  N N    . ALA A 1 32 ? -5.221  19.056  4.831   1.00 21.43 ? 355 ALA A N    1 
ATOM   520  C CA   . ALA A 1 32 ? -5.447  19.185  6.265   1.00 27.25 ? 355 ALA A CA   1 
ATOM   521  C C    . ALA A 1 32 ? -4.341  19.998  6.923   1.00 32.00 ? 355 ALA A C    1 
ATOM   522  O O    . ALA A 1 32 ? -4.605  20.794  7.830   1.00 34.01 ? 355 ALA A O    1 
ATOM   523  C CB   . ALA A 1 32 ? -5.522  17.795  6.898   1.00 27.26 ? 355 ALA A CB   1 
ATOM   524  H H    . ALA A 1 32 ? -4.900  18.293  4.596   1.00 25.74 ? 355 ALA A H    1 
ATOM   525  H HA   . ALA A 1 32 ? -6.291  19.637  6.417   1.00 32.72 ? 355 ALA A HA   1 
ATOM   526  H HB1  . ALA A 1 32 ? -5.690  17.891  7.850   1.00 32.74 ? 355 ALA A HB1  1 
ATOM   527  H HB2  . ALA A 1 32 ? -6.245  17.298  6.484   1.00 32.74 ? 355 ALA A HB2  1 
ATOM   528  H HB3  . ALA A 1 32 ? -4.680  17.336  6.755   1.00 32.74 ? 355 ALA A HB3  1 
ATOM   529  N N    . GLY A 1 33 ? -3.103  19.823  6.463   1.00 34.39 ? 356 GLY A N    1 
ATOM   530  C CA   . GLY A 1 33 ? -1.980  20.584  6.972   1.00 36.44 ? 356 GLY A CA   1 
ATOM   531  C C    . GLY A 1 33 ? -0.891  19.752  7.614   1.00 38.46 ? 356 GLY A C    1 
ATOM   532  O O    . GLY A 1 33 ? 0.279   19.864  7.233   1.00 39.60 ? 356 GLY A O    1 
ATOM   533  H H    . GLY A 1 33 ? -2.892  19.261  5.848   1.00 41.30 ? 356 GLY A H    1 
ATOM   534  H HA2  . GLY A 1 33 ? -1.582  21.079  6.239   1.00 43.75 ? 356 GLY A HA2  1 
ATOM   535  H HA3  . GLY A 1 33 ? -2.304  21.210  7.638   1.00 43.75 ? 356 GLY A HA3  1 
ATOM   536  N N    . SER B 1 2  ? 9.977   -13.000 -10.106 1.00 34.08 ? 325 SER B N    1 
ATOM   537  C CA   . SER B 1 2  ? 9.597   -11.595 -10.184 1.00 33.47 ? 325 SER B CA   1 
ATOM   538  C C    . SER B 1 2  ? 10.206  -10.834 -9.015  1.00 30.39 ? 325 SER B C    1 
ATOM   539  O O    . SER B 1 2  ? 10.195  -11.317 -7.883  1.00 29.47 ? 325 SER B O    1 
ATOM   540  C CB   . SER B 1 2  ? 8.074   -11.476 -10.135 1.00 35.08 ? 325 SER B CB   1 
ATOM   541  O OG   . SER B 1 2  ? 7.662   -10.121 -10.056 1.00 36.01 ? 325 SER B OG   1 
ATOM   542  H HA   . SER B 1 2  ? 9.912   -11.204 -11.014 1.00 40.18 ? 325 SER B HA   1 
ATOM   543  H HB2  . SER B 1 2  ? 7.702   -11.870 -10.940 1.00 42.11 ? 325 SER B HB2  1 
ATOM   544  H HB3  . SER B 1 2  ? 7.747   -11.950 -9.354  1.00 42.11 ? 325 SER B HB3  1 
ATOM   545  H HG   . SER B 1 2  ? 7.872   -9.800  -9.309  1.00 43.24 ? 325 SER B HG   1 
ATOM   546  N N    . GLU B 1 3  ? 10.723  -9.634  -9.260  1.00 27.81 ? 326 GLU B N    1 
ATOM   547  C CA   . GLU B 1 3  ? 11.136  -8.783  -8.154  1.00 25.36 ? 326 GLU B CA   1 
ATOM   548  C C    . GLU B 1 3  ? 9.927   -7.989  -7.676  1.00 21.05 ? 326 GLU B C    1 
ATOM   549  O O    . GLU B 1 3  ? 9.234   -7.337  -8.464  1.00 21.98 ? 326 GLU B O    1 
ATOM   550  C CB   . GLU B 1 3  ? 12.303  -7.875  -8.524  1.00 29.21 ? 326 GLU B CB   1 
ATOM   551  C CG   . GLU B 1 3  ? 12.855  -7.099  -7.327  1.00 32.37 ? 326 GLU B CG   1 
ATOM   552  C CD   . GLU B 1 3  ? 14.183  -6.418  -7.618  1.00 35.46 ? 326 GLU B CD   1 
ATOM   553  O OE1  . GLU B 1 3  ? 14.780  -6.695  -8.684  1.00 37.43 ? 326 GLU B OE1  1 
ATOM   554  O OE2  . GLU B 1 3  ? 14.630  -5.603  -6.779  1.00 36.05 ? 326 GLU B OE2  1 
ATOM   555  H H    . GLU B 1 3  ? 10.842  -9.300  -10.043 1.00 33.39 ? 326 GLU B H    1 
ATOM   556  H HA   . GLU B 1 3  ? 11.458  -9.334  -7.422  1.00 30.45 ? 326 GLU B HA   1 
ATOM   557  H HB2  . GLU B 1 3  ? 13.021  -8.416  -8.888  1.00 35.07 ? 326 GLU B HB2  1 
ATOM   558  H HB3  . GLU B 1 3  ? 12.004  -7.232  -9.186  1.00 35.07 ? 326 GLU B HB3  1 
ATOM   559  H HG2  . GLU B 1 3  ? 12.218  -6.412  -7.077  1.00 38.86 ? 326 GLU B HG2  1 
ATOM   560  H HG3  . GLU B 1 3  ? 12.990  -7.712  -6.589  1.00 38.86 ? 326 GLU B HG3  1 
ATOM   561  N N    . TYR B 1 4  ? 9.756   -7.952  -6.367  1.00 16.46 ? 327 TYR B N    1 
ATOM   562  C CA   . TYR B 1 4  ? 8.634   -7.282  -5.754  1.00 14.47 ? 327 TYR B CA   1 
ATOM   563  C C    . TYR B 1 4  ? 8.968   -5.802  -5.600  1.00 13.31 ? 327 TYR B C    1 
ATOM   564  O O    . TYR B 1 4  ? 10.110  -5.389  -5.770  1.00 16.63 ? 327 TYR B O    1 
ATOM   565  C CB   . TYR B 1 4  ? 8.410   -7.939  -4.406  1.00 13.30 ? 327 TYR B CB   1 
ATOM   566  C CG   . TYR B 1 4  ? 7.923   -9.375  -4.452  1.00 12.20 ? 327 TYR B CG   1 
ATOM   567  C CD1  . TYR B 1 4  ? 7.343   -9.938  -5.584  1.00 11.50 ? 327 TYR B CD1  1 
ATOM   568  C CD2  . TYR B 1 4  ? 8.031   -10.165 -3.340  1.00 11.67 ? 327 TYR B CD2  1 
ATOM   569  C CE1  . TYR B 1 4  ? 6.878   -11.246 -5.585  1.00 11.62 ? 327 TYR B CE1  1 
ATOM   570  C CE2  . TYR B 1 4  ? 7.575   -11.456 -3.323  1.00 11.01 ? 327 TYR B CE2  1 
ATOM   571  C CZ   . TYR B 1 4  ? 6.992   -12.004 -4.457  1.00 11.19 ? 327 TYR B CZ   1 
ATOM   572  O OH   . TYR B 1 4  ? 6.515   -13.297 -4.459  1.00 11.29 ? 327 TYR B OH   1 
ATOM   573  H H    . TYR B 1 4  ? 10.291  -8.316  -5.801  1.00 19.77 ? 327 TYR B H    1 
ATOM   574  H HA   . TYR B 1 4  ? 7.824   -7.347  -6.282  1.00 17.39 ? 327 TYR B HA   1 
ATOM   575  H HB2  . TYR B 1 4  ? 9.250   -7.933  -3.920  1.00 15.98 ? 327 TYR B HB2  1 
ATOM   576  H HB3  . TYR B 1 4  ? 7.743   -7.424  -3.923  1.00 15.98 ? 327 TYR B HB3  1 
ATOM   577  H HD1  . TYR B 1 4  ? 7.265   -9.427  -6.357  1.00 13.83 ? 327 TYR B HD1  1 
ATOM   578  H HD2  . TYR B 1 4  ? 8.423   -9.814  -2.573  1.00 14.02 ? 327 TYR B HD2  1 
ATOM   579  H HE1  . TYR B 1 4  ? 6.489   -11.603 -6.351  1.00 13.97 ? 327 TYR B HE1  1 
ATOM   580  H HE2  . TYR B 1 4  ? 7.656   -11.967 -2.550  1.00 13.24 ? 327 TYR B HE2  1 
ATOM   581  H HH   . TYR B 1 4  ? 6.613   -13.640 -3.699  1.00 13.57 ? 327 TYR B HH   1 
ATOM   582  N N    . PHE B 1 5  ? 7.956   -4.997  -5.330  1.00 11.03 ? 328 PHE B N    1 
ATOM   583  C CA   . PHE B 1 5  ? 8.084   -3.562  -5.203  1.00 10.45 ? 328 PHE B CA   1 
ATOM   584  C C    . PHE B 1 5  ? 7.911   -3.159  -3.753  1.00 10.53 ? 328 PHE B C    1 
ATOM   585  O O    . PHE B 1 5  ? 7.433   -3.931  -2.922  1.00 11.65 ? 328 PHE B O    1 
ATOM   586  C CB   . PHE B 1 5  ? 6.987   -2.889  -6.035  1.00 11.53 ? 328 PHE B CB   1 
ATOM   587  C CG   . PHE B 1 5  ? 7.089   -3.169  -7.488  1.00 13.01 ? 328 PHE B CG   1 
ATOM   588  C CD1  . PHE B 1 5  ? 6.542   -4.314  -8.031  1.00 13.18 ? 328 PHE B CD1  1 
ATOM   589  C CD2  . PHE B 1 5  ? 7.716   -2.278  -8.325  1.00 16.21 ? 328 PHE B CD2  1 
ATOM   590  C CE1  . PHE B 1 5  ? 6.654   -4.591  -9.372  1.00 15.04 ? 328 PHE B CE1  1 
ATOM   591  C CE2  . PHE B 1 5  ? 7.815   -2.537  -9.680  1.00 17.64 ? 328 PHE B CE2  1 
ATOM   592  C CZ   . PHE B 1 5  ? 7.286   -3.699  -10.200 1.00 16.91 ? 328 PHE B CZ   1 
ATOM   593  H H    . PHE B 1 5  ? 7.150   -5.275  -5.212  1.00 13.26 ? 328 PHE B H    1 
ATOM   594  H HA   . PHE B 1 5  ? 8.960   -3.273  -5.504  1.00 12.56 ? 328 PHE B HA   1 
ATOM   595  H HB2  . PHE B 1 5  ? 6.123   -3.210  -5.731  1.00 13.85 ? 328 PHE B HB2  1 
ATOM   596  H HB3  . PHE B 1 5  ? 7.047   -1.929  -5.913  1.00 13.85 ? 328 PHE B HB3  1 
ATOM   597  H HD1  . PHE B 1 5  ? 6.089   -4.910  -7.478  1.00 15.84 ? 328 PHE B HD1  1 
ATOM   598  H HD2  . PHE B 1 5  ? 8.077   -1.494  -7.977  1.00 19.47 ? 328 PHE B HD2  1 
ATOM   599  H HE1  . PHE B 1 5  ? 6.304   -5.380  -9.717  1.00 18.07 ? 328 PHE B HE1  1 
ATOM   600  H HE2  . PHE B 1 5  ? 8.239   -1.927  -10.240 1.00 21.20 ? 328 PHE B HE2  1 
ATOM   601  H HZ   . PHE B 1 5  ? 7.358   -3.878  -11.111 1.00 20.31 ? 328 PHE B HZ   1 
ATOM   602  N N    . THR B 1 6  ? 8.384   -1.968  -3.433  1.00 11.09 ? 329 THR B N    1 
ATOM   603  C CA   . THR B 1 6  ? 8.157   -1.399  -2.125  1.00 11.70 ? 329 THR B CA   1 
ATOM   604  C C    . THR B 1 6  ? 7.380   -0.099  -2.264  1.00 10.82 ? 329 THR B C    1 
ATOM   605  O O    . THR B 1 6  ? 7.475   0.611   -3.281  1.00 11.73 ? 329 THR B O    1 
ATOM   606  C CB   . THR B 1 6  ? 9.434   -1.146  -1.337  1.00 14.88 ? 329 THR B CB   1 
ATOM   607  O OG1  . THR B 1 6  ? 10.226  -0.168  -1.999  1.00 17.38 ? 329 THR B OG1  1 
ATOM   608  C CG2  . THR B 1 6  ? 10.209  -2.415  -1.201  1.00 16.71 ? 329 THR B CG2  1 
ATOM   609  H H    . THR B 1 6  ? 8.843   -1.469  -3.962  1.00 13.33 ? 329 THR B H    1 
ATOM   610  H HA   . THR B 1 6  ? 7.635   -2.035  -1.610  1.00 14.06 ? 329 THR B HA   1 
ATOM   611  H HB   . THR B 1 6  ? 9.213   -0.820  -0.451  1.00 17.88 ? 329 THR B HB   1 
ATOM   612  H HG1  . THR B 1 6  ? 10.951  -0.060  -1.589  1.00 20.88 ? 329 THR B HG1  1 
ATOM   613  H HG21 . THR B 1 6  ? 9.645   -3.110  -0.828  1.00 20.07 ? 329 THR B HG21 1 
ATOM   614  H HG22 . THR B 1 6  ? 10.530  -2.703  -2.071  1.00 20.07 ? 329 THR B HG22 1 
ATOM   615  H HG23 . THR B 1 6  ? 10.969  -2.279  -0.615  1.00 20.07 ? 329 THR B HG23 1 
ATOM   616  N N    . LEU B 1 7  ? 6.567   0.167   -1.260  1.00 10.88 ? 330 LEU B N    1 
ATOM   617  C CA   . LEU B 1 7  ? 5.812   1.403   -1.169  1.00 11.07 ? 330 LEU B CA   1 
ATOM   618  C C    . LEU B 1 7  ? 5.930   1.927   0.248   1.00 10.84 ? 330 LEU B C    1 
ATOM   619  O O    . LEU B 1 7  ? 5.572   1.229   1.200   1.00 11.98 ? 330 LEU B O    1 
ATOM   620  C CB   . LEU B 1 7  ? 4.363   1.141   -1.514  1.00 13.02 ? 330 LEU B CB   1 
ATOM   621  C CG   . LEU B 1 7  ? 3.475   2.364   -1.588  1.00 14.18 ? 330 LEU B CG   1 
ATOM   622  C CD1  . LEU B 1 7  ? 3.909   3.248   -2.720  1.00 15.03 ? 330 LEU B CD1  1 
ATOM   623  C CD2  . LEU B 1 7  ? 2.051   1.898   -1.760  1.00 15.00 ? 330 LEU B CD2  1 
ATOM   624  H H    . LEU B 1 7  ? 6.430   -0.367  -0.600  1.00 13.08 ? 330 LEU B H    1 
ATOM   625  H HA   . LEU B 1 7  ? 6.165   2.073   -1.776  1.00 13.31 ? 330 LEU B HA   1 
ATOM   626  H HB2  . LEU B 1 7  ? 4.329   0.709   -2.382  1.00 15.65 ? 330 LEU B HB2  1 
ATOM   627  H HB3  . LEU B 1 7  ? 3.990   0.556   -0.837  1.00 15.65 ? 330 LEU B HB3  1 
ATOM   628  H HG   . LEU B 1 7  ? 3.535   2.895   -0.778  1.00 17.04 ? 330 LEU B HG   1 
ATOM   629  H HD11 . LEU B 1 7  ? 3.249   3.947   -2.846  1.00 18.06 ? 330 LEU B HD11 1 
ATOM   630  H HD12 . LEU B 1 7  ? 4.769   3.641   -2.502  1.00 18.06 ? 330 LEU B HD12 1 
ATOM   631  H HD13 . LEU B 1 7  ? 3.985   2.715   -3.527  1.00 18.06 ? 330 LEU B HD13 1 
ATOM   632  H HD21 . LEU B 1 7  ? 1.472   2.673   -1.841  1.00 18.02 ? 330 LEU B HD21 1 
ATOM   633  H HD22 . LEU B 1 7  ? 1.991   1.356   -2.561  1.00 18.02 ? 330 LEU B HD22 1 
ATOM   634  H HD23 . LEU B 1 7  ? 1.795   1.373   -0.985  1.00 18.02 ? 330 LEU B HD23 1 
ATOM   635  N N    . GLN B 1 8  ? 6.341   3.168   0.382   1.00 10.34 ? 331 GLN B N    1 
ATOM   636  C CA   . GLN B 1 8  ? 6.459   3.802   1.675   1.00 10.95 ? 331 GLN B CA   1 
ATOM   637  C C    . GLN B 1 8  ? 5.194   4.570   2.016   1.00 11.41 ? 331 GLN B C    1 
ATOM   638  O O    . GLN B 1 8  ? 4.692   5.366   1.215   1.00 11.88 ? 331 GLN B O    1 
ATOM   639  C CB   . GLN B 1 8  ? 7.666   4.719   1.691   1.00 11.08 ? 331 GLN B CB   1 
ATOM   640  C CG   . GLN B 1 8  ? 7.888   5.357   3.021   1.00 11.58 ? 331 GLN B CG   1 
ATOM   641  C CD   . GLN B 1 8  ? 9.195   6.103   3.051   1.00 11.54 ? 331 GLN B CD   1 
ATOM   642  O OE1  . GLN B 1 8  ? 9.450   7.011   2.243   1.00 11.48 ? 331 GLN B OE1  1 
ATOM   643  N NE2  . GLN B 1 8  ? 10.034  5.753   4.002   1.00 12.55 ? 331 GLN B NE2  1 
ATOM   644  H H    . GLN B 1 8  ? 6.563   3.675   -0.276  1.00 12.43 ? 331 GLN B H    1 
ATOM   645  H HA   . GLN B 1 8  ? 6.572   3.124   2.359   1.00 13.17 ? 331 GLN B HA   1 
ATOM   646  H HB2  . GLN B 1 8  ? 8.457   4.203   1.469   1.00 13.32 ? 331 GLN B HB2  1 
ATOM   647  H HB3  . GLN B 1 8  ? 7.535   5.424   1.037   1.00 13.32 ? 331 GLN B HB3  1 
ATOM   648  H HG2  . GLN B 1 8  ? 7.171   5.986   3.202   1.00 13.91 ? 331 GLN B HG2  1 
ATOM   649  H HG3  . GLN B 1 8  ? 7.909   4.673   3.708   1.00 13.91 ? 331 GLN B HG3  1 
ATOM   650  H HE21 . GLN B 1 8  ? 9.820   5.133   4.559   1.00 15.09 ? 331 GLN B HE21 1 
ATOM   651  H HE22 . GLN B 1 8  ? 10.797  6.145   4.069   1.00 15.09 ? 331 GLN B HE22 1 
ATOM   652  N N    . ILE B 1 9  ? 4.700   4.325   3.220   1.00 11.33 ? 332 ILE B N    1 
ATOM   653  C CA   . ILE B 1 9  ? 3.393   4.788   3.661   1.00 11.18 ? 332 ILE B CA   1 
ATOM   654  C C    . ILE B 1 9  ? 3.538   5.576   4.953   1.00 12.04 ? 332 ILE B C    1 
ATOM   655  O O    . ILE B 1 9  ? 4.272   5.185   5.856   1.00 12.94 ? 332 ILE B O    1 
ATOM   656  C CB   . ILE B 1 9  ? 2.472   3.574   3.881   1.00 12.34 ? 332 ILE B CB   1 
ATOM   657  C CG1  . ILE B 1 9  ? 2.270   2.857   2.549   1.00 13.68 ? 332 ILE B CG1  1 
ATOM   658  C CG2  . ILE B 1 9  ? 1.138   4.036   4.449   1.00 12.41 ? 332 ILE B CG2  1 
ATOM   659  C CD1  . ILE B 1 9  ? 1.812   1.451   2.662   1.00 14.45 ? 332 ILE B CD1  1 
ATOM   660  H H    . ILE B 1 9  ? 5.119   3.875   3.822   1.00 13.62 ? 332 ILE B H    1 
ATOM   661  H HA   . ILE B 1 9  ? 3.015   5.388   3.000   1.00 13.44 ? 332 ILE B HA   1 
ATOM   662  H HB   . ILE B 1 9  ? 2.879   2.963   4.514   1.00 14.83 ? 332 ILE B HB   1 
ATOM   663  H HG12 . ILE B 1 9  ? 1.602   3.341   2.038   1.00 16.44 ? 332 ILE B HG12 1 
ATOM   664  H HG13 . ILE B 1 9  ? 3.114   2.852   2.072   1.00 16.44 ? 332 ILE B HG13 1 
ATOM   665  H HG21 . ILE B 1 9  ? 0.490   3.321   4.355   1.00 14.92 ? 332 ILE B HG21 1 
ATOM   666  H HG22 . ILE B 1 9  ? 1.253   4.257   5.386   1.00 14.92 ? 332 ILE B HG22 1 
ATOM   667  H HG23 . ILE B 1 9  ? 0.839   4.819   3.959   1.00 14.92 ? 332 ILE B HG23 1 
ATOM   668  H HD11 . ILE B 1 9  ? 1.778   1.058   1.777   1.00 17.37 ? 332 ILE B HD11 1 
ATOM   669  H HD12 . ILE B 1 9  ? 2.437   0.959   3.218   1.00 17.37 ? 332 ILE B HD12 1 
ATOM   670  H HD13 . ILE B 1 9  ? 0.930   1.437   3.065   1.00 17.37 ? 332 ILE B HD13 1 
ATOM   671  N N    . ARG B 1 10 ? 2.799   6.672   5.029   1.00 12.33 ? 333 ARG B N    1 
ATOM   672  C CA   . ARG B 1 10 ? 2.810   7.534   6.195   1.00 13.03 ? 333 ARG B CA   1 
ATOM   673  C C    . ARG B 1 10 ? 1.684   7.129   7.134   1.00 12.39 ? 333 ARG B C    1 
ATOM   674  O O    . ARG B 1 10 ? 0.514   7.122   6.742   1.00 13.12 ? 333 ARG B O    1 
ATOM   675  C CB   . ARG B 1 10 ? 2.560   8.973   5.759   1.00 14.46 ? 333 ARG B CB   1 
ATOM   676  C CG   . ARG B 1 10 ? 2.525   9.950   6.896   1.00 15.66 ? 333 ARG B CG   1 
ATOM   677  C CD   . ARG B 1 10 ? 2.097   11.316  6.434   1.00 18.32 ? 333 ARG B CD   1 
ATOM   678  N NE   . ARG B 1 10 ? 1.882   12.190  7.575   1.00 20.70 ? 333 ARG B NE   1 
ATOM   679  C CZ   . ARG B 1 10 ? 1.619   13.484  7.490   1.00 22.20 ? 333 ARG B CZ   1 
ATOM   680  N NH1  . ARG B 1 10 ? 1.466   14.082  6.320   1.00 23.40 ? 333 ARG B NH1  1 
ATOM   681  N NH2  . ARG B 1 10 ? 1.493   14.195  8.608   1.00 23.57 ? 333 ARG B NH2  1 
ATOM   682  H H    . ARG B 1 10 ? 2.273   6.941   4.404   1.00 14.82 ? 333 ARG B H    1 
ATOM   683  H HA   . ARG B 1 10 ? 3.664   7.450   6.647   1.00 15.66 ? 333 ARG B HA   1 
ATOM   684  H HB2  . ARG B 1 10 ? 3.271   9.245   5.157   1.00 17.38 ? 333 ARG B HB2  1 
ATOM   685  H HB3  . ARG B 1 10 ? 1.705   9.017   5.304   1.00 17.38 ? 333 ARG B HB3  1 
ATOM   686  H HG2  . ARG B 1 10 ? 1.893   9.643   7.565   1.00 18.82 ? 333 ARG B HG2  1 
ATOM   687  H HG3  . ARG B 1 10 ? 3.411   10.023  7.284   1.00 18.82 ? 333 ARG B HG3  1 
ATOM   688  H HD2  . ARG B 1 10 ? 2.789   11.702  5.874   1.00 22.01 ? 333 ARG B HD2  1 
ATOM   689  H HD3  . ARG B 1 10 ? 1.268   11.247  5.936   1.00 22.01 ? 333 ARG B HD3  1 
ATOM   690  H HE   . ARG B 1 10 ? 1.930   11.842  8.360   1.00 24.87 ? 333 ARG B HE   1 
ATOM   691  H HH11 . ARG B 1 10 ? 1.537   13.628  5.593   1.00 28.11 ? 333 ARG B HH11 1 
ATOM   692  H HH12 . ARG B 1 10 ? 1.296   14.924  6.286   1.00 28.11 ? 333 ARG B HH12 1 
ATOM   693  H HH21 . ARG B 1 10 ? 1.582   13.811  9.373   1.00 28.31 ? 333 ARG B HH21 1 
ATOM   694  H HH22 . ARG B 1 10 ? 1.323   15.036  8.566   1.00 28.31 ? 333 ARG B HH22 1 
ATOM   695  N N    . GLY B 1 11 ? 2.044   6.770   8.357   1.00 13.11 ? 334 GLY B N    1 
ATOM   696  C CA   . GLY B 1 11 ? 1.078   6.549   9.402   1.00 14.64 ? 334 GLY B CA   1 
ATOM   697  C C    . GLY B 1 11 ? 0.807   5.086   9.644   1.00 14.27 ? 334 GLY B C    1 
ATOM   698  O O    . GLY B 1 11 ? 0.620   4.319   8.696   1.00 13.80 ? 334 GLY B O    1 
ATOM   699  H H    . GLY B 1 11 ? 2.859   6.647   8.606   1.00 15.75 ? 334 GLY B H    1 
ATOM   700  H HA2  . GLY B 1 11 ? 1.404   6.939   10.227  1.00 17.59 ? 334 GLY B HA2  1 
ATOM   701  H HA3  . GLY B 1 11 ? 0.242   6.977   9.159   1.00 17.59 ? 334 GLY B HA3  1 
ATOM   702  N N    . ARG B 1 12 ? 0.767   4.690   10.908  1.00 14.81 ? 335 ARG B N    1 
ATOM   703  C CA   . ARG B 1 12 ? 0.586   3.286   11.227  1.00 15.30 ? 335 ARG B CA   1 
ATOM   704  C C    . ARG B 1 12 ? -0.772  2.771   10.774  1.00 14.32 ? 335 ARG B C    1 
ATOM   705  O O    . ARG B 1 12 ? -0.869  1.673   10.229  1.00 14.50 ? 335 ARG B O    1 
ATOM   706  C CB   . ARG B 1 12 ? 0.738   3.088   12.729  1.00 16.82 ? 335 ARG B CB   1 
ATOM   707  C CG   . ARG B 1 12 ? 0.688   1.644   13.149  1.00 20.40 ? 335 ARG B CG   1 
ATOM   708  C CD   . ARG B 1 12 ? 0.932   1.536   14.633  1.00 22.31 ? 335 ARG B CD   1 
ATOM   709  N NE   . ARG B 1 12 ? 2.185   2.174   15.025  1.00 24.06 ? 335 ARG B NE   1 
ATOM   710  C CZ   . ARG B 1 12 ? 3.373   1.583   14.987  1.00 26.65 ? 335 ARG B CZ   1 
ATOM   711  N NH1  . ARG B 1 12 ? 3.512   0.333   14.575  1.00 27.62 ? 335 ARG B NH1  1 
ATOM   712  N NH2  . ARG B 1 12 ? 4.445   2.262   15.376  1.00 27.22 ? 335 ARG B NH2  1 
ATOM   713  H H    . ARG B 1 12 ? 0.840   5.208   11.591  1.00 17.80 ? 335 ARG B H    1 
ATOM   714  H HA   . ARG B 1 12 ? 1.266   2.774   10.763  1.00 18.39 ? 335 ARG B HA   1 
ATOM   715  H HB2  . ARG B 1 12 ? 1.593   3.450   13.007  1.00 20.20 ? 335 ARG B HB2  1 
ATOM   716  H HB3  . ARG B 1 12 ? 0.018   3.554   13.181  1.00 20.20 ? 335 ARG B HB3  1 
ATOM   717  H HG2  . ARG B 1 12 ? -0.185  1.273   12.949  1.00 24.50 ? 335 ARG B HG2  1 
ATOM   718  H HG3  . ARG B 1 12 ? 1.376   1.143   12.683  1.00 24.50 ? 335 ARG B HG3  1 
ATOM   719  H HD2  . ARG B 1 12 ? 0.209   1.972   15.109  1.00 26.80 ? 335 ARG B HD2  1 
ATOM   720  H HD3  . ARG B 1 12 ? 0.978   0.600   14.883  1.00 26.80 ? 335 ARG B HD3  1 
ATOM   721  H HE   . ARG B 1 12 ? 2.152   2.988   15.298  1.00 28.90 ? 335 ARG B HE   1 
ATOM   722  H HH11 . ARG B 1 12 ? 2.823   -0.116  14.322  1.00 33.17 ? 335 ARG B HH11 1 
ATOM   723  H HH12 . ARG B 1 12 ? 4.292   -0.030  14.559  1.00 33.17 ? 335 ARG B HH12 1 
ATOM   724  H HH21 . ARG B 1 12 ? 4.366   3.074   15.646  1.00 32.69 ? 335 ARG B HH21 1 
ATOM   725  H HH22 . ARG B 1 12 ? 5.220   1.889   15.355  1.00 32.69 ? 335 ARG B HH22 1 
ATOM   726  N N    . GLU B 1 13 ? -1.839  3.533   11.013  1.00 14.17 ? 336 GLU B N    1 
ATOM   727  C CA   . GLU B 1 13 ? -3.165  3.055   10.645  1.00 15.33 ? 336 GLU B CA   1 
ATOM   728  C C    . GLU B 1 13 ? -3.296  2.901   9.140   1.00 13.41 ? 336 GLU B C    1 
ATOM   729  O O    . GLU B 1 13 ? -3.843  1.911   8.653   1.00 13.52 ? 336 GLU B O    1 
ATOM   730  C CB   . GLU B 1 13 ? -4.239  3.990   11.196  1.00 19.71 ? 336 GLU B CB   1 
ATOM   731  C CG   . GLU B 1 13 ? -4.424  3.925   12.704  1.00 25.33 ? 336 GLU B CG   1 
ATOM   732  C CD   . GLU B 1 13 ? -5.485  4.891   13.205  1.00 30.84 ? 336 GLU B CD   1 
ATOM   733  O OE1  . GLU B 1 13 ? -5.450  6.080   12.812  1.00 33.11 ? 336 GLU B OE1  1 
ATOM   734  O OE2  . GLU B 1 13 ? -6.352  4.457   13.995  1.00 33.58 ? 336 GLU B OE2  1 
ATOM   735  H H    . GLU B 1 13 ? -1.821  4.311   11.379  1.00 17.03 ? 336 GLU B H    1 
ATOM   736  H HA   . GLU B 1 13 ? -3.304  2.182   11.047  1.00 18.42 ? 336 GLU B HA   1 
ATOM   737  H HB2  . GLU B 1 13 ? -4.000  4.903   10.969  1.00 23.67 ? 336 GLU B HB2  1 
ATOM   738  H HB3  . GLU B 1 13 ? -5.089  3.759   10.787  1.00 23.67 ? 336 GLU B HB3  1 
ATOM   739  H HG2  . GLU B 1 13 ? -4.695  3.027   12.951  1.00 30.42 ? 336 GLU B HG2  1 
ATOM   740  H HG3  . GLU B 1 13 ? -3.586  4.149   13.136  1.00 30.42 ? 336 GLU B HG3  1 
ATOM   741  N N    . ARG B 1 14 ? -2.803  3.879   8.388   1.00 12.46 ? 337 ARG B N    1 
ATOM   742  C CA   . ARG B 1 14 ? -2.833  3.772   6.941   1.00 11.34 ? 337 ARG B CA   1 
ATOM   743  C C    . ARG B 1 14 ? -2.007  2.588   6.470   1.00 10.84 ? 337 ARG B C    1 
ATOM   744  O O    . ARG B 1 14 ? -2.420  1.847   5.574   1.00 11.40 ? 337 ARG B O    1 
ATOM   745  C CB   . ARG B 1 14 ? -2.303  5.068   6.331   1.00 11.36 ? 337 ARG B CB   1 
ATOM   746  C CG   . ARG B 1 14 ? -2.322  5.054   4.818   1.00 11.43 ? 337 ARG B CG   1 
ATOM   747  C CD   . ARG B 1 14 ? -1.818  6.355   4.233   1.00 11.95 ? 337 ARG B CD   1 
ATOM   748  N NE   . ARG B 1 14 ? -2.739  7.426   4.589   1.00 12.42 ? 337 ARG B NE   1 
ATOM   749  C CZ   . ARG B 1 14 ? -2.429  8.712   4.571   1.00 12.77 ? 337 ARG B CZ   1 
ATOM   750  N NH1  . ARG B 1 14 ? -1.256  9.126   4.135   1.00 12.83 ? 337 ARG B NH1  1 
ATOM   751  N NH2  . ARG B 1 14 ? -3.330  9.600   4.975   1.00 13.81 ? 337 ARG B NH2  1 
ATOM   752  H H    . ARG B 1 14 ? -2.450  4.605   8.688   1.00 14.98 ? 337 ARG B H    1 
ATOM   753  H HA   . ARG B 1 14 ? -3.747  3.640   6.643   1.00 13.63 ? 337 ARG B HA   1 
ATOM   754  H HB2  . ARG B 1 14 ? -2.855  5.807   6.632   1.00 13.66 ? 337 ARG B HB2  1 
ATOM   755  H HB3  . ARG B 1 14 ? -1.386  5.201   6.619   1.00 13.66 ? 337 ARG B HB3  1 
ATOM   756  H HG2  . ARG B 1 14 ? -1.751  4.337   4.499   1.00 13.74 ? 337 ARG B HG2  1 
ATOM   757  H HG3  . ARG B 1 14 ? -3.231  4.915   4.511   1.00 13.74 ? 337 ARG B HG3  1 
ATOM   758  H HD2  . ARG B 1 14 ? -0.941  6.561   4.593   1.00 14.36 ? 337 ARG B HD2  1 
ATOM   759  H HD3  . ARG B 1 14 ? -1.773  6.286   3.267   1.00 14.36 ? 337 ARG B HD3  1 
ATOM   760  H HE   . ARG B 1 14 ? -3.536  7.209   4.826   1.00 14.93 ? 337 ARG B HE   1 
ATOM   761  H HH11 . ARG B 1 14 ? -0.675  8.556   3.855   1.00 15.42 ? 337 ARG B HH11 1 
ATOM   762  H HH12 . ARG B 1 14 ? -1.071  9.967   4.131   1.00 15.42 ? 337 ARG B HH12 1 
ATOM   763  H HH21 . ARG B 1 14 ? -4.104  9.337   5.243   1.00 16.59 ? 337 ARG B HH21 1 
ATOM   764  H HH22 . ARG B 1 14 ? -3.140  10.439  4.968   1.00 16.59 ? 337 ARG B HH22 1 
ATOM   765  N N    . PHE B 1 15 ? -0.827  2.399   7.060   1.00 11.34 ? 338 PHE B N    1 
ATOM   766  C CA   . PHE B 1 15 ? -0.003  1.266   6.690   1.00 11.35 ? 338 PHE B CA   1 
ATOM   767  C C    . PHE B 1 15 ? -0.729  -0.041  6.950   1.00 11.62 ? 338 PHE B C    1 
ATOM   768  O O    . PHE B 1 15 ? -0.732  -0.942  6.106   1.00 11.59 ? 338 PHE B O    1 
ATOM   769  C CB   . PHE B 1 15 ? 1.315   1.299   7.451   1.00 12.34 ? 338 PHE B CB   1 
ATOM   770  C CG   . PHE B 1 15 ? 2.126   0.043   7.300   1.00 13.35 ? 338 PHE B CG   1 
ATOM   771  C CD1  . PHE B 1 15 ? 2.748   -0.262  6.095   1.00 13.77 ? 338 PHE B CD1  1 
ATOM   772  C CD2  . PHE B 1 15 ? 2.298   -0.818  8.361   1.00 15.33 ? 338 PHE B CD2  1 
ATOM   773  C CE1  . PHE B 1 15 ? 3.504   -1.407  5.949   1.00 14.70 ? 338 PHE B CE1  1 
ATOM   774  C CE2  . PHE B 1 15 ? 3.056   -1.965  8.215   1.00 16.54 ? 338 PHE B CE2  1 
ATOM   775  C CZ   . PHE B 1 15 ? 3.669   -2.248  7.014   1.00 15.99 ? 338 PHE B CZ   1 
ATOM   776  H H    . PHE B 1 15 ? -0.493  2.908   7.667   1.00 13.63 ? 338 PHE B H    1 
ATOM   777  H HA   . PHE B 1 15 ? 0.196   1.325   5.744   1.00 13.65 ? 338 PHE B HA   1 
ATOM   778  H HB2  . PHE B 1 15 ? 1.848   2.039   7.121   1.00 14.83 ? 338 PHE B HB2  1 
ATOM   779  H HB3  . PHE B 1 15 ? 1.129   1.421   8.396   1.00 14.83 ? 338 PHE B HB3  1 
ATOM   780  H HD1  . PHE B 1 15 ? 2.653   0.318   5.374   1.00 16.55 ? 338 PHE B HD1  1 
ATOM   781  H HD2  . PHE B 1 15 ? 1.902   -0.627  9.180   1.00 18.42 ? 338 PHE B HD2  1 
ATOM   782  H HE1  . PHE B 1 15 ? 3.898   -1.606  5.131   1.00 17.67 ? 338 PHE B HE1  1 
ATOM   783  H HE2  . PHE B 1 15 ? 3.154   -2.548  8.932   1.00 19.87 ? 338 PHE B HE2  1 
ATOM   784  H HZ   . PHE B 1 15 ? 4.194   -3.011  6.928   1.00 19.21 ? 338 PHE B HZ   1 
ATOM   785  N N    . GLU B 1 16 ? -1.342  -0.176  8.126   1.00 12.78 ? 339 GLU B N    1 
ATOM   786  C CA   . GLU B 1 16 ? -2.023  -1.425  8.448   1.00 14.13 ? 339 GLU B CA   1 
ATOM   787  C C    . GLU B 1 16 ? -3.176  -1.689  7.484   1.00 13.31 ? 339 GLU B C    1 
ATOM   788  O O    . GLU B 1 16 ? -3.408  -2.832  7.080   1.00 13.83 ? 339 GLU B O    1 
ATOM   789  C CB   . GLU B 1 16 ? -2.534  -1.387  9.883   1.00 16.51 ? 339 GLU B CB   1 
ATOM   790  C CG   . GLU B 1 16 ? -1.442  -1.398  10.932  1.00 21.48 ? 339 GLU B CG   1 
ATOM   791  C CD   . GLU B 1 16 ? -0.614  -2.669  10.935  1.00 27.45 ? 339 GLU B CD   1 
ATOM   792  O OE1  . GLU B 1 16 ? -1.061  -3.667  10.336  1.00 29.29 ? 339 GLU B OE1  1 
ATOM   793  O OE2  . GLU B 1 16 ? 0.477   -2.676  11.558  1.00 30.22 ? 339 GLU B OE2  1 
ATOM   794  H H    . GLU B 1 16 ? -1.377  0.426   8.739   1.00 15.35 ? 339 GLU B H    1 
ATOM   795  H HA   . GLU B 1 16 ? -1.391  -2.156  8.370   1.00 16.98 ? 339 GLU B HA   1 
ATOM   796  H HB2  . GLU B 1 16 ? -3.051  -0.576  10.006  1.00 19.83 ? 339 GLU B HB2  1 
ATOM   797  H HB3  . GLU B 1 16 ? -3.093  -2.164  10.034  1.00 19.83 ? 339 GLU B HB3  1 
ATOM   798  H HG2  . GLU B 1 16 ? -0.842  -0.654  10.768  1.00 25.80 ? 339 GLU B HG2  1 
ATOM   799  H HG3  . GLU B 1 16 ? -1.848  -1.308  11.808  1.00 25.80 ? 339 GLU B HG3  1 
ATOM   800  N N    . MET B 1 17 ? -3.906  -0.639  7.107   1.00 12.46 ? 340 MET B N    1 
ATOM   801  C CA   . MET B 1 17 ? -5.001  -0.765  6.152   1.00 12.70 ? 340 MET B CA   1 
ATOM   802  C C    . MET B 1 17 ? -4.490  -1.237  4.808   1.00 11.24 ? 340 MET B C    1 
ATOM   803  O O    . MET B 1 17 ? -5.027  -2.176  4.212   1.00 11.78 ? 340 MET B O    1 
ATOM   804  C CB   . MET B 1 17 ? -5.664  0.616   5.983   1.00 15.66 ? 340 MET B CB   1 
ATOM   805  C CG   . MET B 1 17 ? -6.309  0.902   4.594   1.00 21.74 ? 340 MET B CG   1 
ATOM   806  S SD   . MET B 1 17 ? -7.436  2.315   4.501   1.00 23.77 ? 340 MET B SD   1 
ATOM   807  C CE   . MET B 1 17 ? -6.265  3.590   4.080   1.00 24.62 ? 340 MET B CE   1 
ATOM   808  H H    . MET B 1 17 ? -3.786  0.163   7.393   1.00 14.97 ? 340 MET B H    1 
ATOM   809  H HA   . MET B 1 17 ? -5.649  -1.401  6.493   1.00 15.26 ? 340 MET B HA   1 
ATOM   810  H HB2  . MET B 1 17 ? -6.367  0.697   6.646   1.00 18.82 ? 340 MET B HB2  1 
ATOM   811  H HB3  . MET B 1 17 ? -4.988  1.296   6.130   1.00 18.82 ? 340 MET B HB3  1 
ATOM   812  H HG2  . MET B 1 17 ? -5.594  1.066   3.959   1.00 26.11 ? 340 MET B HG2  1 
ATOM   813  H HG3  . MET B 1 17 ? -6.814  0.118   4.329   1.00 26.11 ? 340 MET B HG3  1 
ATOM   814  H HE1  . MET B 1 17 ? -6.737  4.432   3.979   1.00 29.57 ? 340 MET B HE1  1 
ATOM   815  H HE2  . MET B 1 17 ? -5.828  3.354   3.247   1.00 29.57 ? 340 MET B HE2  1 
ATOM   816  H HE3  . MET B 1 17 ? -5.607  3.663   4.789   1.00 29.57 ? 340 MET B HE3  1 
ATOM   817  N N    . LEU B 1 18 ? -3.453  -0.580  4.302   1.00 10.36 ? 341 LEU B N    1 
ATOM   818  C CA   . LEU B 1 18 ? -2.952  -0.962  2.995   1.00 10.35 ? 341 LEU B CA   1 
ATOM   819  C C    . LEU B 1 18 ? -2.291  -2.325  3.042   1.00 9.66  ? 341 LEU B C    1 
ATOM   820  O O    . LEU B 1 18 ? -2.377  -3.072  2.071   1.00 10.33 ? 341 LEU B O    1 
ATOM   821  C CB   . LEU B 1 18 ? -1.998  0.088   2.448   1.00 11.07 ? 341 LEU B CB   1 
ATOM   822  C CG   . LEU B 1 18 ? -2.667  1.437   2.190   1.00 12.40 ? 341 LEU B CG   1 
ATOM   823  C CD1  . LEU B 1 18 ? -1.636  2.463   1.749   1.00 13.67 ? 341 LEU B CD1  1 
ATOM   824  C CD2  . LEU B 1 18 ? -3.789  1.354   1.178   1.00 14.81 ? 341 LEU B CD2  1 
ATOM   825  H H    . LEU B 1 18 ? -3.037  0.069   4.684   1.00 12.46 ? 341 LEU B H    1 
ATOM   826  H HA   . LEU B 1 18 ? -3.697  -1.008  2.376   1.00 12.45 ? 341 LEU B HA   1 
ATOM   827  H HB2  . LEU B 1 18 ? -1.283  0.226   3.089   1.00 13.31 ? 341 LEU B HB2  1 
ATOM   828  H HB3  . LEU B 1 18 ? -1.632  -0.229  1.607   1.00 13.31 ? 341 LEU B HB3  1 
ATOM   829  H HG   . LEU B 1 18 ? -3.068  1.725   3.026   1.00 14.91 ? 341 LEU B HG   1 
ATOM   830  H HD11 . LEU B 1 18 ? -2.070  3.326   1.656   1.00 16.43 ? 341 LEU B HD11 1 
ATOM   831  H HD12 . LEU B 1 18 ? -0.935  2.515   2.417   1.00 16.43 ? 341 LEU B HD12 1 
ATOM   832  H HD13 . LEU B 1 18 ? -1.262  2.187   0.897   1.00 16.43 ? 341 LEU B HD13 1 
ATOM   833  H HD21 . LEU B 1 18 ? -3.979  2.244   0.843   1.00 17.79 ? 341 LEU B HD21 1 
ATOM   834  H HD22 . LEU B 1 18 ? -3.513  0.778   0.448   1.00 17.79 ? 341 LEU B HD22 1 
ATOM   835  H HD23 . LEU B 1 18 ? -4.577  0.987   1.609   1.00 17.79 ? 341 LEU B HD23 1 
ATOM   836  N N    . ARG B 1 19 ? -1.651  -2.665  4.164   1.00 10.45 ? 342 ARG B N    1 
ATOM   837  C CA   . ARG B 1 19 ? -1.075  -3.994  4.300   1.00 11.36 ? 342 ARG B CA   1 
ATOM   838  C C    . ARG B 1 19 ? -2.158  -5.065  4.306   1.00 11.39 ? 342 ARG B C    1 
ATOM   839  O O    . ARG B 1 19 ? -2.004  -6.117  3.683   1.00 11.21 ? 342 ARG B O    1 
ATOM   840  C CB   . ARG B 1 19 ? -0.200  -4.085  5.542   1.00 13.41 ? 342 ARG B CB   1 
ATOM   841  C CG   . ARG B 1 19 ? 0.474   -5.438  5.679   1.00 16.04 ? 342 ARG B CG   1 
ATOM   842  C CD   . ARG B 1 19 ? 1.726   -5.348  6.473   1.00 20.60 ? 342 ARG B CD   1 
ATOM   843  N NE   . ARG B 1 19 ? 1.396   -5.257  7.881   1.00 23.25 ? 342 ARG B NE   1 
ATOM   844  C CZ   . ARG B 1 19 ? 2.285   -5.308  8.866   1.00 25.08 ? 342 ARG B CZ   1 
ATOM   845  N NH1  . ARG B 1 19 ? 3.583   -5.484  8.629   1.00 25.00 ? 342 ARG B NH1  1 
ATOM   846  N NH2  . ARG B 1 19 ? 1.870   -5.166  10.119  1.00 26.25 ? 342 ARG B NH2  1 
ATOM   847  H H    . ARG B 1 19 ? -1.543  -2.153  4.846   1.00 12.56 ? 342 ARG B H    1 
ATOM   848  H HA   . ARG B 1 19 ? -0.497  -4.157  3.538   1.00 13.65 ? 342 ARG B HA   1 
ATOM   849  H HB2  . ARG B 1 19 ? 0.491   -3.405  5.493   1.00 16.12 ? 342 ARG B HB2  1 
ATOM   850  H HB3  . ARG B 1 19 ? -0.750  -3.940  6.328   1.00 16.12 ? 342 ARG B HB3  1 
ATOM   851  H HG2  . ARG B 1 19 ? -0.128  -6.052  6.126   1.00 19.27 ? 342 ARG B HG2  1 
ATOM   852  H HG3  . ARG B 1 19 ? 0.697   -5.776  4.797   1.00 19.27 ? 342 ARG B HG3  1 
ATOM   853  H HD2  . ARG B 1 19 ? 2.267   -6.140  6.328   1.00 24.74 ? 342 ARG B HD2  1 
ATOM   854  H HD3  . ARG B 1 19 ? 2.224   -4.555  6.216   1.00 24.74 ? 342 ARG B HD3  1 
ATOM   855  H HE   . ARG B 1 19 ? 0.568   -5.164  8.093   1.00 27.92 ? 342 ARG B HE   1 
ATOM   856  H HH11 . ARG B 1 19 ? 4.140   -5.513  9.284   1.00 30.02 ? 342 ARG B HH11 1 
ATOM   857  H HH12 . ARG B 1 19 ? 3.866   -5.568  7.821   1.00 30.02 ? 342 ARG B HH12 1 
ATOM   858  H HH21 . ARG B 1 19 ? 1.035   -5.041  10.283  1.00 31.53 ? 342 ARG B HH21 1 
ATOM   859  H HH22 . ARG B 1 19 ? 2.435   -5.196  10.765  1.00 31.53 ? 342 ARG B HH22 1 
ATOM   860  N N    . GLU B 1 20 ? -3.267  -4.817  5.001   1.00 11.34 ? 343 GLU B N    1 
ATOM   861  C CA   . GLU B 1 20 ? -4.357  -5.787  5.002   1.00 12.73 ? 343 GLU B CA   1 
ATOM   862  C C    . GLU B 1 20 ? -4.885  -6.009  3.591   1.00 11.13 ? 343 GLU B C    1 
ATOM   863  O O    . GLU B 1 20 ? -5.112  -7.144  3.169   1.00 11.70 ? 343 GLU B O    1 
ATOM   864  C CB   . GLU B 1 20 ? -5.482  -5.297  5.918   1.00 14.76 ? 343 GLU B CB   1 
ATOM   865  C CG   . GLU B 1 20 ? -6.684  -6.234  5.962   1.00 19.96 ? 343 GLU B CG   1 
ATOM   866  C CD   . GLU B 1 20 ? -7.858  -5.713  6.783   1.00 25.42 ? 343 GLU B CD   1 
ATOM   867  O OE1  . GLU B 1 20 ? -7.680  -4.744  7.552   1.00 28.76 ? 343 GLU B OE1  1 
ATOM   868  O OE2  . GLU B 1 20 ? -8.977  -6.254  6.635   1.00 27.58 ? 343 GLU B OE2  1 
ATOM   869  H H    . GLU B 1 20 ? -3.409  -4.111  5.472   1.00 13.63 ? 343 GLU B H    1 
ATOM   870  H HA   . GLU B 1 20 ? -4.028  -6.634  5.342   1.00 15.30 ? 343 GLU B HA   1 
ATOM   871  H HB2  . GLU B 1 20 ? -5.136  -5.214  6.821   1.00 17.73 ? 343 GLU B HB2  1 
ATOM   872  H HB3  . GLU B 1 20 ? -5.790  -4.433  5.600   1.00 17.73 ? 343 GLU B HB3  1 
ATOM   873  H HG2  . GLU B 1 20 ? -7.000  -6.376  5.056   1.00 23.97 ? 343 GLU B HG2  1 
ATOM   874  H HG3  . GLU B 1 20 ? -6.404  -7.077  6.352   1.00 23.97 ? 343 GLU B HG3  1 
ATOM   875  N N    . ILE B 1 21 ? -5.086  -4.921  2.850   1.00 10.62 ? 344 ILE B N    1 
ATOM   876  C CA   . ILE B 1 21 ? -5.542  -5.021  1.474   1.00 10.53 ? 344 ILE B CA   1 
ATOM   877  C C    . ILE B 1 21 ? -4.548  -5.808  0.652   1.00 10.18 ? 344 ILE B C    1 
ATOM   878  O O    . ILE B 1 21 ? -4.901  -6.726  -0.095  1.00 10.02 ? 344 ILE B O    1 
ATOM   879  C CB   . ILE B 1 21 ? -5.764  -3.605  0.896   1.00 10.52 ? 344 ILE B CB   1 
ATOM   880  C CG1  . ILE B 1 21 ? -6.975  -2.948  1.531   1.00 11.63 ? 344 ILE B CG1  1 
ATOM   881  C CG2  . ILE B 1 21 ? -5.864  -3.665  -0.608  1.00 11.25 ? 344 ILE B CG2  1 
ATOM   882  C CD1  . ILE B 1 21 ? -7.090  -1.494  1.236   1.00 12.58 ? 344 ILE B CD1  1 
ATOM   883  H H    . ILE B 1 21 ? -4.968  -4.114  3.124   1.00 12.77 ? 344 ILE B H    1 
ATOM   884  H HA   . ILE B 1 21 ? -6.385  -5.497  1.450   1.00 12.66 ? 344 ILE B HA   1 
ATOM   885  H HB   . ILE B 1 21 ? -4.998  -3.053  1.116   1.00 12.65 ? 344 ILE B HB   1 
ATOM   886  H HG12 . ILE B 1 21 ? -7.776  -3.382  1.198   1.00 13.97 ? 344 ILE B HG12 1 
ATOM   887  H HG13 . ILE B 1 21 ? -6.918  -3.052  2.494   1.00 13.97 ? 344 ILE B HG13 1 
ATOM   888  H HG21 . ILE B 1 21 ? -6.224  -2.825  -0.933  1.00 13.53 ? 344 ILE B HG21 1 
ATOM   889  H HG22 . ILE B 1 21 ? -4.979  -3.810  -0.977  1.00 13.53 ? 344 ILE B HG22 1 
ATOM   890  H HG23 . ILE B 1 21 ? -6.451  -4.395  -0.857  1.00 13.53 ? 344 ILE B HG23 1 
ATOM   891  H HD11 . ILE B 1 21 ? -7.743  -1.101  1.835   1.00 15.12 ? 344 ILE B HD11 1 
ATOM   892  H HD12 . ILE B 1 21 ? -6.224  -1.076  1.368   1.00 15.12 ? 344 ILE B HD12 1 
ATOM   893  H HD13 . ILE B 1 21 ? -7.374  -1.380  0.316   1.00 15.12 ? 344 ILE B HD13 1 
ATOM   894  N N    . ASN B 1 22 ? -3.279  -5.434  0.761   1.00 9.87  ? 345 ASN B N    1 
ATOM   895  C CA   . ASN B 1 22 ? -2.226  -6.072  -0.008  1.00 9.49  ? 345 ASN B CA   1 
ATOM   896  C C    . ASN B 1 22 ? -2.208  -7.573  0.226   1.00 9.35  ? 345 ASN B C    1 
ATOM   897  O O    . ASN B 1 22 ? -2.155  -8.356  -0.722  1.00 10.13 ? 345 ASN B O    1 
ATOM   898  C CB   . ASN B 1 22 ? -0.906  -5.448  0.440   1.00 9.40  ? 345 ASN B CB   1 
ATOM   899  C CG   . ASN B 1 22 ? 0.266   -5.844  -0.419  1.00 9.62  ? 345 ASN B CG   1 
ATOM   900  O OD1  . ASN B 1 22 ? 0.219   -5.815  -1.644  1.00 10.04 ? 345 ASN B OD1  1 
ATOM   901  N ND2  . ASN B 1 22 ? 1.349   -6.193  0.237   1.00 10.18 ? 345 ASN B ND2  1 
ATOM   902  H H    . ASN B 1 22 ? -3.000  -4.807  1.278   1.00 11.87 ? 345 ASN B H    1 
ATOM   903  H HA   . ASN B 1 22 ? -2.361  -5.931  -0.958  1.00 11.41 ? 345 ASN B HA   1 
ATOM   904  H HB2  . ASN B 1 22 ? -0.987  -4.482  0.401   1.00 11.30 ? 345 ASN B HB2  1 
ATOM   905  H HB3  . ASN B 1 22 ? -0.718  -5.729  1.348   1.00 11.30 ? 345 ASN B HB3  1 
ATOM   906  H HD21 . ASN B 1 22 ? 2.054   -6.432  -0.194  1.00 12.23 ? 345 ASN B HD21 1 
ATOM   907  H HD22 . ASN B 1 22 ? 1.353   -6.185  1.097   1.00 12.23 ? 345 ASN B HD22 1 
ATOM   908  N N    . GLU B 1 23 ? -2.246  -7.980  1.486   1.00 9.85  ? 346 GLU B N    1 
ATOM   909  C CA   . GLU B 1 23 ? -2.147  -9.393  1.829   1.00 10.38 ? 346 GLU B CA   1 
ATOM   910  C C    . GLU B 1 23 ? -3.409  -10.134 1.453   1.00 10.40 ? 346 GLU B C    1 
ATOM   911  O O    . GLU B 1 23 ? -3.353  -11.311 1.120   1.00 11.14 ? 346 GLU B O    1 
ATOM   912  C CB   . GLU B 1 23 ? -1.719  -9.545  3.284   1.00 11.04 ? 346 GLU B CB   1 
ATOM   913  C CG   . GLU B 1 23 ? -0.301  -8.996  3.447   1.00 11.44 ? 346 GLU B CG   1 
ATOM   914  C CD   . GLU B 1 23 ? 0.224   -9.048  4.853   1.00 11.84 ? 346 GLU B CD   1 
ATOM   915  O OE1  . GLU B 1 23 ? -0.484  -9.493  5.772   1.00 13.99 ? 346 GLU B OE1  1 
ATOM   916  O OE2  . GLU B 1 23 ? 1.359   -8.597  5.054   1.00 11.07 ? 346 GLU B OE2  1 
ATOM   917  H H    . GLU B 1 23 ? -2.327  -7.459  2.166   1.00 11.85 ? 346 GLU B H    1 
ATOM   918  H HA   . GLU B 1 23 ? -1.442  -9.827  1.323   1.00 12.48 ? 346 GLU B HA   1 
ATOM   919  H HB2  . GLU B 1 23 ? -2.319  -9.045  3.859   1.00 13.27 ? 346 GLU B HB2  1 
ATOM   920  H HB3  . GLU B 1 23 ? -1.726  -10.482 3.534   1.00 13.27 ? 346 GLU B HB3  1 
ATOM   921  H HG2  . GLU B 1 23 ? 0.298   -9.517  2.890   1.00 13.75 ? 346 GLU B HG2  1 
ATOM   922  H HG3  . GLU B 1 23 ? -0.294  -8.069  3.165   1.00 13.75 ? 346 GLU B HG3  1 
ATOM   923  N N    . ALA B 1 24 ? -4.558  -9.473  1.523   1.00 10.29 ? 347 ALA B N    1 
ATOM   924  C CA   . ALA B 1 24 ? -5.785  -10.104 1.055   1.00 10.30 ? 347 ALA B CA   1 
ATOM   925  C C    . ALA B 1 24 ? -5.725  -10.378 -0.441  1.00 9.83  ? 347 ALA B C    1 
ATOM   926  O O    . ALA B 1 24 ? -6.170  -11.430 -0.900  1.00 10.21 ? 347 ALA B O    1 
ATOM   927  C CB   . ALA B 1 24 ? -6.989  -9.243  1.423   1.00 11.37 ? 347 ALA B CB   1 
ATOM   928  H H    . ALA B 1 24 ? -4.653  -8.675  1.829   1.00 12.37 ? 347 ALA B H    1 
ATOM   929  H HA   . ALA B 1 24 ? -5.896  -10.958 1.500   1.00 12.39 ? 347 ALA B HA   1 
ATOM   930  H HB1  . ALA B 1 24 ? -7.799  -9.688  1.125   1.00 13.67 ? 347 ALA B HB1  1 
ATOM   931  H HB2  . ALA B 1 24 ? -7.012  -9.126  2.386   1.00 13.67 ? 347 ALA B HB2  1 
ATOM   932  H HB3  . ALA B 1 24 ? -6.907  -8.380  0.988   1.00 13.67 ? 347 ALA B HB3  1 
ATOM   933  N N    . LEU B 1 25 ? -5.193  -9.431  -1.222  1.00 10.01 ? 348 LEU B N    1 
ATOM   934  C CA   . LEU B 1 25 ? -4.991  -9.665  -2.644  1.00 10.46 ? 348 LEU B CA   1 
ATOM   935  C C    . LEU B 1 25 ? -4.059  -10.838 -2.895  1.00 10.81 ? 348 LEU B C    1 
ATOM   936  O O    . LEU B 1 25 ? -4.295  -11.636 -3.802  1.00 11.40 ? 348 LEU B O    1 
ATOM   937  C CB   . LEU B 1 25 ? -4.471  -8.394  -3.320  1.00 10.21 ? 348 LEU B CB   1 
ATOM   938  C CG   . LEU B 1 25 ? -5.477  -7.244  -3.343  1.00 10.40 ? 348 LEU B CG   1 
ATOM   939  C CD1  . LEU B 1 25 ? -4.760  -5.962  -3.681  1.00 11.38 ? 348 LEU B CD1  1 
ATOM   940  C CD2  . LEU B 1 25 ? -6.583  -7.470  -4.338  1.00 11.75 ? 348 LEU B CD2  1 
ATOM   941  H H    . LEU B 1 25 ? -4.945  -8.654  -0.950  1.00 12.04 ? 348 LEU B H    1 
ATOM   942  H HA   . LEU B 1 25 ? -5.846  -9.885  -3.045  1.00 12.58 ? 348 LEU B HA   1 
ATOM   943  H HB2  . LEU B 1 25 ? -3.684  -8.090  -2.841  1.00 12.27 ? 348 LEU B HB2  1 
ATOM   944  H HB3  . LEU B 1 25 ? -4.241  -8.604  -4.238  1.00 12.27 ? 348 LEU B HB3  1 
ATOM   945  H HG   . LEU B 1 25 ? -5.884  -7.184  -2.465  1.00 12.50 ? 348 LEU B HG   1 
ATOM   946  H HD11 . LEU B 1 25 ? -5.408  -5.243  -3.728  1.00 13.68 ? 348 LEU B HD11 1 
ATOM   947  H HD12 . LEU B 1 25 ? -4.106  -5.775  -2.989  1.00 13.68 ? 348 LEU B HD12 1 
ATOM   948  H HD13 . LEU B 1 25 ? -4.316  -6.065  -4.537  1.00 13.68 ? 348 LEU B HD13 1 
ATOM   949  H HD21 . LEU B 1 25 ? -7.207  -6.728  -4.291  1.00 14.12 ? 348 LEU B HD21 1 
ATOM   950  H HD22 . LEU B 1 25 ? -6.201  -7.525  -5.229  1.00 14.12 ? 348 LEU B HD22 1 
ATOM   951  H HD23 . LEU B 1 25 ? -7.038  -8.299  -4.122  1.00 14.12 ? 348 LEU B HD23 1 
ATOM   952  N N    . GLU B 1 26 ? -3.020  -10.978 -2.077  1.00 10.39 ? 349 GLU B N    1 
ATOM   953  C CA   . GLU B 1 26 ? -2.116  -12.119 -2.217  1.00 10.65 ? 349 GLU B CA   1 
ATOM   954  C C    . GLU B 1 26 ? -2.846  -13.419 -1.926  1.00 10.94 ? 349 GLU B C    1 
ATOM   955  O O    . GLU B 1 26 ? -2.675  -14.410 -2.635  1.00 12.23 ? 349 GLU B O    1 
ATOM   956  C CB   . GLU B 1 26 ? -0.948  -11.971 -1.229  1.00 10.79 ? 349 GLU B CB   1 
ATOM   957  C CG   . GLU B 1 26 ? -0.030  -10.835 -1.591  1.00 10.91 ? 349 GLU B CG   1 
ATOM   958  C CD   . GLU B 1 26 ? 0.999   -10.469 -0.536  1.00 11.07 ? 349 GLU B CD   1 
ATOM   959  O OE1  . GLU B 1 26 ? 0.911   -10.939 0.603   1.00 11.96 ? 349 GLU B OE1  1 
ATOM   960  O OE2  . GLU B 1 26 ? 1.892   -9.663  -0.859  1.00 11.58 ? 349 GLU B OE2  1 
ATOM   961  H H    . GLU B 1 26 ? -2.817  -10.436 -1.441  1.00 12.50 ? 349 GLU B H    1 
ATOM   962  H HA   . GLU B 1 26 ? -1.771  -12.140 -3.123  1.00 12.80 ? 349 GLU B HA   1 
ATOM   963  H HB2  . GLU B 1 26 ? -1.303  -11.801 -0.342  1.00 12.97 ? 349 GLU B HB2  1 
ATOM   964  H HB3  . GLU B 1 26 ? -0.429  -12.790 -1.226  1.00 12.97 ? 349 GLU B HB3  1 
ATOM   965  H HG2  . GLU B 1 26 ? 0.454   -11.078 -2.395  1.00 13.11 ? 349 GLU B HG2  1 
ATOM   966  H HG3  . GLU B 1 26 ? -0.570  -10.046 -1.755  1.00 13.11 ? 349 GLU B HG3  1 
ATOM   967  N N    . LEU B 1 27 ? -3.711  -13.411 -0.918  1.00 10.95 ? 350 LEU B N    1 
ATOM   968  C CA   . LEU B 1 27 ? -4.493  -14.593 -0.604  1.00 11.88 ? 350 LEU B CA   1 
ATOM   969  C C    . LEU B 1 27 ? -5.436  -14.943 -1.736  1.00 11.90 ? 350 LEU B C    1 
ATOM   970  O O    . LEU B 1 27 ? -5.584  -16.111 -2.090  1.00 13.11 ? 350 LEU B O    1 
ATOM   971  C CB   . LEU B 1 27 ? -5.283  -14.337 0.670   1.00 13.53 ? 350 LEU B CB   1 
ATOM   972  C CG   . LEU B 1 27 ? -6.205  -15.457 1.101   1.00 15.88 ? 350 LEU B CG   1 
ATOM   973  C CD1  . LEU B 1 27 ? -5.328  -16.610 1.464   1.00 17.84 ? 350 LEU B CD1  1 
ATOM   974  C CD2  . LEU B 1 27 ? -7.053  -15.031 2.239   1.00 17.23 ? 350 LEU B CD2  1 
ATOM   975  H H    . LEU B 1 27 ? -3.861  -12.738 -0.404  1.00 13.17 ? 350 LEU B H    1 
ATOM   976  H HA   . LEU B 1 27 ? -3.897  -15.347 -0.465  1.00 14.28 ? 350 LEU B HA   1 
ATOM   977  H HB2  . LEU B 1 27 ? -4.655  -14.184 1.393   1.00 16.26 ? 350 LEU B HB2  1 
ATOM   978  H HB3  . LEU B 1 27 ? -5.831  -13.547 0.534   1.00 16.26 ? 350 LEU B HB3  1 
ATOM   979  H HG   . LEU B 1 27 ? -6.818  -15.714 0.395   1.00 19.08 ? 350 LEU B HG   1 
ATOM   980  H HD11 . LEU B 1 27 ? -5.721  -17.081 2.217   1.00 21.43 ? 350 LEU B HD11 1 
ATOM   981  H HD12 . LEU B 1 27 ? -5.258  -17.206 0.702   1.00 21.43 ? 350 LEU B HD12 1 
ATOM   982  H HD13 . LEU B 1 27 ? -4.450  -16.277 1.707   1.00 21.43 ? 350 LEU B HD13 1 
ATOM   983  H HD21 . LEU B 1 27 ? -7.678  -15.742 2.450   1.00 20.69 ? 350 LEU B HD21 1 
ATOM   984  H HD22 . LEU B 1 27 ? -6.486  -14.850 3.005   1.00 20.69 ? 350 LEU B HD22 1 
ATOM   985  H HD23 . LEU B 1 27 ? -7.536  -14.228 1.989   1.00 20.69 ? 350 LEU B HD23 1 
ATOM   986  N N    . LYS B 1 28 ? -6.104  -13.940 -2.310  1.00 11.75 ? 351 LYS B N    1 
ATOM   987  C CA   . LYS B 1 28 ? -6.981  -14.198 -3.445  1.00 12.45 ? 351 LYS B CA   1 
ATOM   988  C C    . LYS B 1 28 ? -6.237  -14.872 -4.585  1.00 13.11 ? 351 LYS B C    1 
ATOM   989  O O    . LYS B 1 28 ? -6.743  -15.830 -5.179  1.00 14.10 ? 351 LYS B O    1 
ATOM   990  C CB   . LYS B 1 28 ? -7.628  -12.884 -3.873  1.00 13.49 ? 351 LYS B CB   1 
ATOM   991  C CG   . LYS B 1 28 ? -8.616  -12.972 -5.022  1.00 16.29 ? 351 LYS B CG   1 
ATOM   992  C CD   . LYS B 1 28 ? -9.375  -11.650 -5.210  1.00 19.71 ? 351 LYS B CD   1 
ATOM   993  C CE   . LYS B 1 28 ? -10.325 -11.685 -6.390  1.00 23.36 ? 351 LYS B CE   1 
ATOM   994  N NZ   . LYS B 1 28 ? -9.504  -11.684 -7.642  1.00 25.61 ? 351 LYS B NZ   1 
ATOM   995  H H    . LYS B 1 28 ? -6.066  -13.117 -2.064  1.00 14.12 ? 351 LYS B H    1 
ATOM   996  H HA   . LYS B 1 28 ? -7.689  -14.810 -3.188  1.00 14.96 ? 351 LYS B HA   1 
ATOM   997  H HB2  . LYS B 1 28 ? -8.104  -12.519 -3.111  1.00 16.21 ? 351 LYS B HB2  1 
ATOM   998  H HB3  . LYS B 1 28 ? -6.924  -12.275 -4.146  1.00 16.21 ? 351 LYS B HB3  1 
ATOM   999  H HG2  . LYS B 1 28 ? -8.137  -13.169 -5.843  1.00 19.57 ? 351 LYS B HG2  1 
ATOM   1000 H HG3  . LYS B 1 28 ? -9.261  -13.672 -4.838  1.00 19.57 ? 351 LYS B HG3  1 
ATOM   1001 H HD2  . LYS B 1 28 ? -9.895  -11.467 -4.412  1.00 23.68 ? 351 LYS B HD2  1 
ATOM   1002 H HD3  . LYS B 1 28 ? -8.736  -10.935 -5.360  1.00 23.68 ? 351 LYS B HD3  1 
ATOM   1003 H HE2  . LYS B 1 28 ? -10.864 -12.491 -6.362  1.00 28.05 ? 351 LYS B HE2  1 
ATOM   1004 H HE3  . LYS B 1 28 ? -10.898 -10.903 -6.383  1.00 28.05 ? 351 LYS B HE3  1 
ATOM   1005 H HZ1  . LYS B 1 28 ? -10.034 -11.632 -8.355  1.00 30.75 ? 351 LYS B HZ1  1 
ATOM   1006 H HZ2  . LYS B 1 28 ? -8.949  -10.988 -7.643  1.00 30.75 ? 351 LYS B HZ2  1 
ATOM   1007 H HZ3  . LYS B 1 28 ? -9.025  -12.434 -7.693  1.00 30.75 ? 351 LYS B HZ3  1 
ATOM   1008 N N    . ASP B 1 29 ? -5.028  -14.404 -4.898  1.00 13.13 ? 352 ASP B N    1 
ATOM   1009 C CA   . ASP B 1 29 ? -4.238  -15.067 -5.929  1.00 14.24 ? 352 ASP B CA   1 
ATOM   1010 C C    . ASP B 1 29 ? -3.946  -16.509 -5.561  1.00 14.80 ? 352 ASP B C    1 
ATOM   1011 O O    . ASP B 1 29 ? -4.018  -17.406 -6.404  1.00 16.88 ? 352 ASP B O    1 
ATOM   1012 C CB   . ASP B 1 29 ? -2.892  -14.370 -6.104  1.00 15.69 ? 352 ASP B CB   1 
ATOM   1013 C CG   . ASP B 1 29 ? -2.995  -13.066 -6.818  1.00 17.49 ? 352 ASP B CG   1 
ATOM   1014 O OD1  . ASP B 1 29 ? -4.010  -12.829 -7.490  1.00 18.40 ? 352 ASP B OD1  1 
ATOM   1015 O OD2  . ASP B 1 29 ? -2.023  -12.291 -6.739  1.00 17.35 ? 352 ASP B OD2  1 
ATOM   1016 H H    . ASP B 1 29 ? -4.651  -13.721 -4.535  1.00 15.77 ? 352 ASP B H    1 
ATOM   1017 H HA   . ASP B 1 29 ? -4.748  -15.023 -6.752  1.00 17.12 ? 352 ASP B HA   1 
ATOM   1018 H HB2  . ASP B 1 29 ? -2.508  -14.202 -5.231  1.00 18.85 ? 352 ASP B HB2  1 
ATOM   1019 H HB3  . ASP B 1 29 ? -2.305  -14.946 -6.620  1.00 18.85 ? 352 ASP B HB3  1 
ATOM   1020 N N    . ALA B 1 30 ? -3.571  -16.743 -4.310  1.00 15.41 ? 353 ALA B N    1 
ATOM   1021 C CA   . ALA B 1 30 ? -3.164  -18.084 -3.917  1.00 16.49 ? 353 ALA B CA   1 
ATOM   1022 C C    . ALA B 1 30 ? -4.333  -19.052 -3.940  1.00 18.05 ? 353 ALA B C    1 
ATOM   1023 O O    . ALA B 1 30 ? -4.152  -20.228 -4.259  1.00 19.66 ? 353 ALA B O    1 
ATOM   1024 C CB   . ALA B 1 30 ? -2.515  -18.023 -2.533  1.00 17.90 ? 353 ALA B CB   1 
ATOM   1025 H H    . ALA B 1 30 ? -3.544  -16.157 -3.682  1.00 18.51 ? 353 ALA B H    1 
ATOM   1026 H HA   . ALA B 1 30 ? -2.505  -18.426 -4.540  1.00 19.81 ? 353 ALA B HA   1 
ATOM   1027 H HB1  . ALA B 1 30 ? -2.198  -18.907 -2.295  1.00 21.50 ? 353 ALA B HB1  1 
ATOM   1028 H HB2  . ALA B 1 30 ? -1.771  -17.401 -2.562  1.00 21.50 ? 353 ALA B HB2  1 
ATOM   1029 H HB3  . ALA B 1 30 ? -3.174  -17.722 -1.889  1.00 21.50 ? 353 ALA B HB3  1 
ATOM   1030 N N    . MET B 1 31 ? -5.516  -18.571 -3.608  1.00 19.10 ? 354 MET B N    1 
ATOM   1031 C CA   . MET B 1 31 ? -6.710  -19.435 -3.530  1.00 21.45 ? 354 MET B CA   1 
ATOM   1032 C C    . MET B 1 31 ? -7.236  -19.723 -4.929  1.00 20.92 ? 354 MET B C    1 
ATOM   1033 O O    . MET B 1 31 ? -7.854  -20.766 -5.078  1.00 20.96 ? 354 MET B O    1 
ATOM   1034 C CB   . MET B 1 31 ? -7.810  -18.877 -2.620  1.00 26.90 ? 354 MET B CB   1 
ATOM   1035 C CG   . MET B 1 31 ? -7.384  -18.649 -1.177  1.00 33.95 ? 354 MET B CG   1 
ATOM   1036 S SD   . MET B 1 31 ? -6.874  -20.097 -0.232  1.00 39.83 ? 354 MET B SD   1 
ATOM   1037 C CE   . MET B 1 31 ? -5.152  -19.779 0.152   1.00 41.15 ? 354 MET B CE   1 
ATOM   1038 H H    . MET B 1 31 ? -5.650  -17.722 -3.378  1.00 22.94 ? 354 MET B H    1 
ATOM   1039 H HA   . MET B 1 31 ? -6.417  -20.279 -3.155  1.00 25.76 ? 354 MET B HA   1 
ATOM   1040 H HB2  . MET B 1 31 ? -8.134  -18.046 -2.992  1.00 32.30 ? 354 MET B HB2  1 
ATOM   1041 H HB3  . MET B 1 31 ? -8.549  -19.504 -2.623  1.00 32.30 ? 354 MET B HB3  1 
ATOM   1042 H HG2  . MET B 1 31 ? -6.648  -18.006 -1.169  1.00 40.76 ? 354 MET B HG2  1 
ATOM   1043 H HG3  . MET B 1 31 ? -8.136  -18.240 -0.698  1.00 40.76 ? 354 MET B HG3  1 
ATOM   1044 H HE1  . MET B 1 31 ? -4.833  -19.047 -0.386  1.00 49.40 ? 354 MET B HE1  1 
ATOM   1045 H HE2  . MET B 1 31 ? -5.072  -19.553 1.085   1.00 49.40 ? 354 MET B HE2  1 
ATOM   1046 H HE3  . MET B 1 31 ? -4.631  -20.565 -0.033  1.00 49.40 ? 354 MET B HE3  1 
ATOM   1047 N N    . ALA B 1 32 ? -6.976  -18.887 -5.934  1.00 20.56 ? 355 ALA B N    1 
ATOM   1048 C CA   . ALA B 1 32 ? -7.381  -19.187 -7.293  1.00 22.61 ? 355 ALA B CA   1 
ATOM   1049 C C    . ALA B 1 32 ? -6.548  -20.327 -7.860  1.00 25.02 ? 355 ALA B C    1 
ATOM   1050 O O    . ALA B 1 32 ? -7.058  -21.153 -8.620  1.00 26.57 ? 355 ALA B O    1 
ATOM   1051 C CB   . ALA B 1 32 ? -7.264  -17.925 -8.140  1.00 23.36 ? 355 ALA B CB   1 
ATOM   1052 H H    . ALA B 1 32 ? -6.547  -18.148 -5.838  1.00 24.69 ? 355 ALA B H    1 
ATOM   1053 H HA   . ALA B 1 32 ? -8.309  -19.468 -7.314  1.00 27.15 ? 355 ALA B HA   1 
ATOM   1054 H HB1  . ALA B 1 32 ? -7.928  -17.282 -7.842  1.00 28.06 ? 355 ALA B HB1  1 
ATOM   1055 H HB2  . ALA B 1 32 ? -6.374  -17.555 -8.033  1.00 28.06 ? 355 ALA B HB2  1 
ATOM   1056 H HB3  . ALA B 1 32 ? -7.418  -18.153 -9.070  1.00 28.06 ? 355 ALA B HB3  1 
ATOM   1057 N N    . GLY B 1 33 ? -5.269  -20.394 -7.505  1.00 26.56 ? 356 GLY B N    1 
ATOM   1058 C CA   . GLY B 1 33 ? -4.418  -21.483 -7.943  1.00 28.69 ? 356 GLY B CA   1 
ATOM   1059 C C    . GLY B 1 33 ? -3.297  -21.003 -8.834  1.00 30.74 ? 356 GLY B C    1 
ATOM   1060 O O    . GLY B 1 33 ? -3.456  -20.001 -9.537  1.00 32.59 ? 356 GLY B O    1 
ATOM   1061 H H    . GLY B 1 33 ? -4.871  -19.814 -7.009  1.00 31.90 ? 356 GLY B H    1 
ATOM   1062 H HA2  . GLY B 1 33 ? -4.029  -21.920 -7.169  1.00 34.46 ? 356 GLY B HA2  1 
ATOM   1063 H HA3  . GLY B 1 33 ? -4.949  -22.127 -8.436  1.00 34.46 ? 356 GLY B HA3  1 
HETATM 1064 S S    . SO4 C 2 .  ? 1.703   7.202   13.452  1.00 43.32 ? 401 SO4 A S    1 
HETATM 1065 O O1   . SO4 C 2 .  ? 0.484   7.595   12.748  1.00 43.83 ? 401 SO4 A O1   1 
HETATM 1066 O O2   . SO4 C 2 .  ? 2.411   6.186   12.683  1.00 43.44 ? 401 SO4 A O2   1 
HETATM 1067 O O3   . SO4 C 2 .  ? 2.570   8.365   13.623  1.00 44.75 ? 401 SO4 A O3   1 
HETATM 1068 O O4   . SO4 C 2 .  ? 1.355   6.652   14.761  1.00 43.98 ? 401 SO4 A O4   1 
HETATM 1069 O O    . HOH D 3 .  ? -7.312  7.577   -10.418 1.00 34.79 ? 501 HOH A O    1 
HETATM 1070 O O    . HOH D 3 .  ? 0.500   13.192  -8.490  1.00 27.59 ? 502 HOH A O    1 
HETATM 1071 O O    . HOH D 3 .  ? 5.624   0.131   -12.681 1.00 45.24 ? 503 HOH A O    1 
HETATM 1072 O O    . HOH D 3 .  ? 1.411   4.507   15.929  1.00 41.70 ? 504 HOH A O    1 
HETATM 1073 O O    . HOH D 3 .  ? 4.744   9.225   15.642  0.50 31.15 ? 505 HOH A O    1 
HETATM 1074 O O    . HOH D 3 .  ? 0.064   9.756   11.149  1.00 32.44 ? 506 HOH A O    1 
HETATM 1075 O O    . HOH D 3 .  ? -0.042  -8.797  -8.238  1.00 26.80 ? 507 HOH A O    1 
HETATM 1076 O O    . HOH D 3 .  ? -3.034  3.086   -10.586 1.00 30.49 ? 508 HOH A O    1 
HETATM 1077 O O    . HOH D 3 .  ? 4.732   13.737  6.900   1.00 36.45 ? 509 HOH A O    1 
HETATM 1078 O O    . HOH D 3 .  ? 8.135   6.466   14.326  1.00 45.76 ? 510 HOH A O    1 
HETATM 1079 O O    . HOH D 3 .  ? -6.781  4.239   -11.538 1.00 37.49 ? 511 HOH A O    1 
HETATM 1080 O O    . HOH D 3 .  ? 2.686   12.756  -1.637  0.50 16.86 ? 512 HOH A O    1 
HETATM 1081 O O    . HOH D 3 .  ? 1.058   7.592   3.024   1.00 12.18 ? 513 HOH A O    1 
HETATM 1082 O O    . HOH D 3 .  ? 5.102   7.989   1.911   1.00 19.43 ? 514 HOH A O    1 
HETATM 1083 O O    . HOH D 3 .  ? 3.894   11.625  3.259   1.00 22.16 ? 515 HOH A O    1 
HETATM 1084 O O    . HOH D 3 .  ? 5.901   -10.022 -0.186  1.00 10.75 ? 516 HOH A O    1 
HETATM 1085 O O    . HOH D 3 .  ? -8.718  15.723  6.164   1.00 33.93 ? 517 HOH A O    1 
HETATM 1086 O O    . HOH D 3 .  ? 5.557   10.841  0.365   1.00 21.74 ? 518 HOH A O    1 
HETATM 1087 O O    . HOH D 3 .  ? -1.784  6.207   12.155  1.00 21.96 ? 519 HOH A O    1 
HETATM 1088 O O    . HOH D 3 .  ? 1.250   15.136  1.753   1.00 18.29 ? 520 HOH A O    1 
HETATM 1089 O O    . HOH D 3 .  ? 6.037   -5.562  -15.189 1.00 39.04 ? 521 HOH A O    1 
HETATM 1090 O O    . HOH D 3 .  ? 9.692   -11.372 -0.113  1.00 9.80  ? 522 HOH A O    1 
HETATM 1091 O O    . HOH D 3 .  ? -2.796  -1.092  -11.769 1.00 26.62 ? 523 HOH A O    1 
HETATM 1092 O O    . HOH D 3 .  ? -7.792  16.906  4.204   1.00 20.99 ? 524 HOH A O    1 
HETATM 1093 O O    . HOH D 3 .  ? 11.416  2.378   2.067   1.00 30.52 ? 525 HOH A O    1 
HETATM 1094 O O    . HOH D 3 .  ? 1.189   -10.532 -7.569  1.00 26.61 ? 526 HOH A O    1 
HETATM 1095 O O    . HOH D 3 .  ? -6.499  23.590  3.176   0.50 21.80 ? 527 HOH A O    1 
HETATM 1096 O O    . HOH D 3 .  ? 3.351   6.559   -2.558  1.00 15.79 ? 528 HOH A O    1 
HETATM 1097 O O    . HOH D 3 .  ? 0.491   12.918  -3.315  1.00 18.24 ? 529 HOH A O    1 
HETATM 1098 O O    . HOH D 3 .  ? -3.895  -7.061  -7.365  1.00 19.93 ? 530 HOH A O    1 
HETATM 1099 O O    . HOH D 3 .  ? 8.496   -3.747  3.072   1.00 28.05 ? 531 HOH A O    1 
HETATM 1100 O O    . HOH D 3 .  ? -5.655  12.831  5.721   1.00 40.29 ? 532 HOH A O    1 
HETATM 1101 O O    . HOH D 3 .  ? 5.840   -4.508  5.528   1.00 16.24 ? 533 HOH A O    1 
HETATM 1102 O O    . HOH D 3 .  ? 1.588   12.969  3.589   1.00 18.94 ? 534 HOH A O    1 
HETATM 1103 O O    . HOH D 3 .  ? 8.796   -0.328  7.434   1.00 22.69 ? 535 HOH A O    1 
HETATM 1104 O O    . HOH D 3 .  ? -0.742  -8.969  -12.872 1.00 43.06 ? 536 HOH A O    1 
HETATM 1105 O O    . HOH D 3 .  ? -0.086  -6.931  -10.130 1.00 19.44 ? 537 HOH A O    1 
HETATM 1106 O O    . HOH D 3 .  ? -2.080  11.321  7.755   1.00 33.76 ? 538 HOH A O    1 
HETATM 1107 O O    . HOH D 3 .  ? 9.470   7.189   10.204  1.00 31.46 ? 539 HOH A O    1 
HETATM 1108 O O    . HOH D 3 .  ? 1.588   -13.838 -3.855  1.00 16.39 ? 540 HOH A O    1 
HETATM 1109 O O    . HOH D 3 .  ? 1.220   -6.810  -12.648 1.00 22.84 ? 541 HOH A O    1 
HETATM 1110 O O    . HOH D 3 .  ? 1.301   19.695  4.462   1.00 33.46 ? 542 HOH A O    1 
HETATM 1111 O O    . HOH D 3 .  ? -2.268  16.387  7.705   1.00 39.05 ? 543 HOH A O    1 
HETATM 1112 O O    . HOH D 3 .  ? -2.859  -6.794  -9.900  1.00 38.58 ? 544 HOH A O    1 
HETATM 1113 O O    . HOH D 3 .  ? -10.971 15.336  1.855   1.00 36.15 ? 545 HOH A O    1 
HETATM 1114 O O    . HOH D 3 .  ? 0.264   15.732  -2.354  0.50 25.85 ? 546 HOH A O    1 
HETATM 1115 O O    . HOH D 3 .  ? 3.317   -5.082  -16.337 1.00 38.91 ? 547 HOH A O    1 
HETATM 1116 O O    . HOH D 3 .  ? -2.732  12.913  9.695   1.00 51.91 ? 548 HOH A O    1 
HETATM 1117 O O    . HOH D 3 .  ? -2.407  9.837   9.852   1.00 40.92 ? 549 HOH A O    1 
HETATM 1118 O O    . HOH E 3 .  ? -10.998 -6.883  7.342   1.00 38.27 ? 401 HOH B O    1 
HETATM 1119 O O    . HOH E 3 .  ? 5.480   -10.493 -9.321  1.00 41.73 ? 402 HOH B O    1 
HETATM 1120 O O    . HOH E 3 .  ? 1.902   -1.419  13.107  1.00 37.09 ? 403 HOH B O    1 
HETATM 1121 O O    . HOH E 3 .  ? -2.722  -4.852  8.562   1.00 32.44 ? 404 HOH B O    1 
HETATM 1122 O O    . HOH E 3 .  ? 0.129   -12.046 -5.296  1.00 14.82 ? 405 HOH B O    1 
HETATM 1123 O O    . HOH E 3 .  ? 0.080   -13.055 1.891   1.00 14.08 ? 406 HOH B O    1 
HETATM 1124 O O    . HOH E 3 .  ? 11.730  -3.842  -4.421  1.00 40.53 ? 407 HOH B O    1 
HETATM 1125 O O    . HOH E 3 .  ? 3.682   -8.601  0.742   1.00 10.55 ? 408 HOH B O    1 
HETATM 1126 O O    . HOH E 3 .  ? -1.646  8.362   7.647   1.00 18.65 ? 409 HOH B O    1 
HETATM 1127 O O    . HOH E 3 .  ? -6.626  -13.160 -7.839  1.00 27.63 ? 410 HOH B O    1 
HETATM 1128 O O    . HOH E 3 .  ? -1.682  -21.080 -4.788  1.00 27.18 ? 411 HOH B O    1 
HETATM 1129 O O    . HOH E 3 .  ? 7.810   8.680   0.950   1.00 19.25 ? 412 HOH B O    1 
HETATM 1130 O O    . HOH E 3 .  ? -3.643  -10.872 -9.292  1.00 36.21 ? 413 HOH B O    1 
HETATM 1131 O O    . HOH E 3 .  ? -0.959  -11.270 -8.985  1.00 38.75 ? 414 HOH B O    1 
HETATM 1132 O O    . HOH E 3 .  ? 1.292   -7.994  -2.881  1.00 10.39 ? 415 HOH B O    1 
HETATM 1133 O O    . HOH E 3 .  ? 11.581  -4.463  -7.832  1.00 39.28 ? 416 HOH B O    1 
HETATM 1134 O O    . HOH E 3 .  ? 6.587   -7.914  -8.452  1.00 16.72 ? 417 HOH B O    1 
HETATM 1135 O O    . HOH E 3 .  ? -9.439  -16.230 -5.393  1.00 20.51 ? 418 HOH B O    1 
HETATM 1136 O O    . HOH E 3 .  ? -5.767  0.577   10.080  1.00 25.99 ? 419 HOH B O    1 
HETATM 1137 O O    . HOH E 3 .  ? -3.762  -17.302 -9.163  1.00 33.06 ? 420 HOH B O    1 
HETATM 1138 O O    . HOH E 3 .  ? 4.885   -13.972 -6.572  1.00 39.25 ? 421 HOH B O    1 
HETATM 1139 O O    . HOH E 3 .  ? 6.653   -14.883 -6.713  1.00 33.14 ? 422 HOH B O    1 
HETATM 1140 O O    . HOH E 3 .  ? 11.986  -1.242  -3.839  1.00 34.12 ? 423 HOH B O    1 
HETATM 1141 O O    . HOH E 3 .  ? 2.628   -7.292  2.956   1.00 10.46 ? 424 HOH B O    1 
HETATM 1142 O O    . HOH E 3 .  ? -5.082  -9.333  4.896   1.00 18.25 ? 425 HOH B O    1 
HETATM 1143 O O    . HOH E 3 .  ? -0.247  -15.666 -3.238  1.00 20.19 ? 426 HOH B O    1 
HETATM 1144 O O    . HOH E 3 .  ? -5.586  -10.842 -6.166  1.00 22.38 ? 427 HOH B O    1 
HETATM 1145 O O    . HOH E 3 .  ? -5.309  6.873   5.677   1.00 22.97 ? 428 HOH B O    1 
HETATM 1146 O O    . HOH E 3 .  ? 0.227   -11.298 7.874   1.00 20.13 ? 429 HOH B O    1 
HETATM 1147 O O    . HOH E 3 .  ? 9.813   -0.668  -5.558  1.00 26.03 ? 430 HOH B O    1 
HETATM 1148 O O    . HOH E 3 .  ? -2.500  6.543   9.528   1.00 17.23 ? 431 HOH B O    1 
HETATM 1149 O O    . HOH E 3 .  ? 9.612   3.486   5.798   1.00 21.12 ? 432 HOH B O    1 
HETATM 1150 O O    . HOH E 3 .  ? 3.410   4.878   16.171  1.00 46.45 ? 433 HOH B O    1 
HETATM 1151 O O    . HOH E 3 .  ? 15.402  -9.522  -8.101  1.00 35.27 ? 434 HOH B O    1 
HETATM 1152 O O    . HOH E 3 .  ? 10.864  -5.342  -2.812  1.00 27.78 ? 435 HOH B O    1 
HETATM 1153 O O    . HOH E 3 .  ? 11.646  -9.539  -4.537  1.00 23.73 ? 436 HOH B O    1 
HETATM 1154 O O    . HOH E 3 .  ? -2.452  -13.612 3.101   1.00 25.49 ? 437 HOH B O    1 
HETATM 1155 O O    . HOH E 3 .  ? -4.494  -12.132 4.071   1.00 29.10 ? 438 HOH B O    1 
HETATM 1156 O O    . HOH E 3 .  ? 13.255  -12.481 -8.782  1.00 39.68 ? 439 HOH B O    1 
HETATM 1157 O O    . HOH E 3 .  ? 4.905   14.299  9.437   1.00 46.80 ? 440 HOH B O    1 
HETATM 1158 O O    . HOH E 3 .  ? -1.133  -15.486 0.467   1.00 32.47 ? 441 HOH B O    1 
HETATM 1159 O O    . HOH E 3 .  ? -0.872  -19.289 -7.040  1.00 39.96 ? 442 HOH B O    1 
HETATM 1160 O O    . HOH E 3 .  ? 0.163   -17.404 -4.979  1.00 32.60 ? 443 HOH B O    1 
HETATM 1161 O O    . HOH E 3 .  ? -5.205  6.952   8.913   1.00 33.52 ? 444 HOH B O    1 
HETATM 1162 O O    . HOH E 3 .  ? 11.318  -4.602  -10.383 1.00 33.20 ? 445 HOH B O    1 
HETATM 1163 O O    . HOH E 3 .  ? -7.731  2.063   7.267   1.00 25.70 ? 446 HOH B O    1 
HETATM 1164 O O    . HOH E 3 .  ? 11.762  -1.843  -7.427  1.00 42.75 ? 447 HOH B O    1 
HETATM 1165 O O    . HOH E 3 .  ? 13.734  -9.865  -5.807  1.00 36.77 ? 448 HOH B O    1 
HETATM 1166 O O    . HOH E 3 .  ? -1.879  -12.045 9.145   1.00 39.79 ? 449 HOH B O    1 
HETATM 1167 O O    . HOH E 3 .  ? 13.411  -3.965  -1.604  1.00 47.44 ? 450 HOH B O    1 
# 
loop_
_atom_site_anisotrop.id 
_atom_site_anisotrop.type_symbol 
_atom_site_anisotrop.pdbx_label_atom_id 
_atom_site_anisotrop.pdbx_label_alt_id 
_atom_site_anisotrop.pdbx_label_comp_id 
_atom_site_anisotrop.pdbx_label_asym_id 
_atom_site_anisotrop.pdbx_label_seq_id 
_atom_site_anisotrop.pdbx_PDB_ins_code 
_atom_site_anisotrop.U[1][1] 
_atom_site_anisotrop.U[2][2] 
_atom_site_anisotrop.U[3][3] 
_atom_site_anisotrop.U[1][2] 
_atom_site_anisotrop.U[1][3] 
_atom_site_anisotrop.U[2][3] 
_atom_site_anisotrop.pdbx_auth_seq_id 
_atom_site_anisotrop.pdbx_auth_comp_id 
_atom_site_anisotrop.pdbx_auth_asym_id 
_atom_site_anisotrop.pdbx_auth_atom_id 
1    N N   . GLY A 1  ? 0.5285 0.4058 0.3377 -0.0032 -0.0986 -0.0182 324 GLY A N   
2    C CA  . GLY A 1  ? 0.5165 0.3969 0.3449 0.0046  -0.0868 -0.0246 324 GLY A CA  
3    C C   . GLY A 1  ? 0.5001 0.3844 0.3559 0.0123  -0.0762 -0.0361 324 GLY A C   
4    O O   . GLY A 1  ? 0.5012 0.3985 0.3698 0.0136  -0.0723 -0.0275 324 GLY A O   
7    N N   . SER A 2  ? 0.4749 0.3547 0.3574 0.0232  -0.0554 -0.0671 325 SER A N   
8    C CA  . SER A 2  ? 0.4340 0.3312 0.3302 0.0344  -0.0402 -0.0852 325 SER A CA  
9    C C   . SER A 2  ? 0.3947 0.3144 0.3173 0.0286  -0.0428 -0.0869 325 SER A C   
10   O O   . SER A 2  ? 0.4141 0.3031 0.3537 0.0265  -0.0448 -0.0939 325 SER A O   
11   C CB  . SER A 2  ? 0.4245 0.3320 0.3037 0.0447  -0.0459 -0.0754 325 SER A CB  
12   O OG  . SER A 2  ? 0.4162 0.3275 0.2745 0.0601  -0.0278 -0.0734 325 SER A OG  
18   N N   . GLU A 3  ? 0.3420 0.3033 0.2572 0.0261  -0.0421 -0.0820 326 GLU A N   
19   C CA  . GLU A 3  ? 0.2897 0.2978 0.2335 0.0193  -0.0430 -0.0849 326 GLU A CA  
20   C C   . GLU A 3  ? 0.2236 0.2749 0.2304 -0.0003 -0.0421 -0.0789 326 GLU A C   
21   O O   . GLU A 3  ? 0.1886 0.2975 0.2231 0.0022  -0.0282 -0.0573 326 GLU A O   
22   C CB  . GLU A 3  ? 0.3258 0.3283 0.2666 0.0214  -0.0446 -0.0763 326 GLU A CB  
23   C CG  . GLU A 3  ? 0.3626 0.3684 0.3486 0.0255  -0.0434 -0.0559 326 GLU A CG  
24   C CD  . GLU A 3  ? 0.3913 0.3974 0.4157 0.0277  -0.0435 -0.0447 326 GLU A CD  
25   O OE1 . GLU A 3  ? 0.4013 0.4158 0.4286 0.0261  -0.0423 -0.0438 326 GLU A OE1 
26   O OE2 . GLU A 3  ? 0.4006 0.4085 0.4544 0.0308  -0.0505 -0.0396 326 GLU A OE2 
33   N N   . TYR A 4  ? 0.2032 0.2468 0.2589 -0.0031 -0.0380 -0.0717 327 TYR A N   
34   C CA  . TYR A 4  ? 0.1640 0.2207 0.2427 -0.0020 -0.0223 -0.0647 327 TYR A CA  
35   C C   . TYR A 4  ? 0.1415 0.2242 0.2396 0.0141  -0.0561 -0.0658 327 TYR A C   
36   O O   . TYR A 4  ? 0.1894 0.2363 0.2887 0.0283  -0.0991 -0.1018 327 TYR A O   
37   C CB  . TYR A 4  ? 0.1692 0.2121 0.2602 -0.0050 0.0022  -0.0493 327 TYR A CB  
38   C CG  . TYR A 4  ? 0.1967 0.1962 0.2698 -0.0191 0.0010  -0.0192 327 TYR A CG  
39   C CD1 . TYR A 4  ? 0.2338 0.2011 0.2773 -0.0141 -0.0160 -0.0058 327 TYR A CD1 
40   C CD2 . TYR A 4  ? 0.2057 0.2040 0.2762 -0.0240 0.0186  0.0013  327 TYR A CD2 
41   C CE1 . TYR A 4  ? 0.2422 0.1808 0.2657 -0.0258 -0.0086 0.0066  327 TYR A CE1 
42   C CE2 . TYR A 4  ? 0.2164 0.1932 0.2611 -0.0263 0.0196  -0.0077 327 TYR A CE2 
43   C CZ  . TYR A 4  ? 0.2337 0.1893 0.2748 -0.0181 -0.0029 -0.0015 327 TYR A CZ  
44   O OH  . TYR A 4  ? 0.2554 0.2164 0.2777 -0.0088 -0.0098 0.0051  327 TYR A OH  
54   N N   . PHE A 5  ? 0.1368 0.1915 0.1954 0.0076  -0.0313 -0.0448 328 PHE A N   
55   C CA  . PHE A 5  ? 0.1647 0.1833 0.1684 0.0015  -0.0300 -0.0267 328 PHE A CA  
56   C C   . PHE A 5  ? 0.1645 0.1584 0.1730 0.0009  -0.0120 -0.0189 328 PHE A C   
57   O O   . PHE A 5  ? 0.1908 0.1929 0.1805 0.0237  0.0072  -0.0140 328 PHE A O   
58   C CB  . PHE A 5  ? 0.1994 0.2115 0.1532 -0.0152 -0.0179 -0.0100 328 PHE A CB  
59   C CG  . PHE A 5  ? 0.2318 0.2196 0.1614 -0.0294 -0.0065 0.0008  328 PHE A CG  
60   C CD1 . PHE A 5  ? 0.2323 0.2367 0.1640 -0.0343 -0.0140 -0.0228 328 PHE A CD1 
61   C CD2 . PHE A 5  ? 0.2807 0.2345 0.2062 -0.0196 -0.0011 0.0106  328 PHE A CD2 
62   C CE1 . PHE A 5  ? 0.2591 0.2496 0.2106 -0.0297 0.0161  -0.0052 328 PHE A CE1 
63   C CE2 . PHE A 5  ? 0.3042 0.2388 0.2233 -0.0163 0.0024  -0.0090 328 PHE A CE2 
64   C CZ  . PHE A 5  ? 0.2943 0.2464 0.2328 -0.0236 0.0102  -0.0105 328 PHE A CZ  
74   N N   . THR A 6  ? 0.1568 0.1434 0.1670 -0.0047 -0.0238 -0.0119 329 THR A N   
75   C CA  . THR A 6  ? 0.1562 0.1571 0.1726 -0.0141 -0.0131 -0.0265 329 THR A CA  
76   C C   . THR A 6  ? 0.1435 0.1414 0.1741 0.0031  -0.0238 -0.0057 329 THR A C   
77   O O   . THR A 6  ? 0.1982 0.1430 0.2098 -0.0070 -0.0642 0.0115  329 THR A O   
78   C CB  . THR A 6  ? 0.1721 0.2010 0.2387 -0.0339 0.0084  -0.0523 329 THR A CB  
79   O OG1 . THR A 6  ? 0.2030 0.2377 0.3048 -0.0473 0.0275  -0.0563 329 THR A OG1 
80   C CG2 . THR A 6  ? 0.1788 0.2227 0.2780 -0.0457 -0.0111 -0.0524 329 THR A CG2 
88   N N   . LEU A 7  ? 0.1231 0.1425 0.1441 0.0022  -0.0133 0.0019  330 LEU A N   
89   C CA  . LEU A 7  ? 0.1187 0.1354 0.1435 -0.0037 -0.0153 -0.0098 330 LEU A CA  
90   C C   . LEU A 7  ? 0.1258 0.1268 0.1441 -0.0053 -0.0073 -0.0029 330 LEU A C   
91   O O   . LEU A 7  ? 0.1709 0.1317 0.1574 0.0000  0.0113  0.0093  330 LEU A O   
92   C CB  . LEU A 7  ? 0.1329 0.1371 0.1645 -0.0015 -0.0056 -0.0098 330 LEU A CB  
93   C CG  . LEU A 7  ? 0.1386 0.1509 0.2067 -0.0086 -0.0108 -0.0068 330 LEU A CG  
94   C CD1 . LEU A 7  ? 0.1580 0.1375 0.2112 -0.0097 0.0002  -0.0107 330 LEU A CD1 
95   C CD2 . LEU A 7  ? 0.1367 0.1576 0.2176 -0.0087 -0.0180 -0.0060 330 LEU A CD2 
107  N N   . GLN A 8  ? 0.1180 0.1221 0.1360 0.0031  -0.0015 0.0036  331 GLN A N   
108  C CA  . GLN A 8  ? 0.1132 0.1195 0.1519 0.0059  -0.0080 0.0131  331 GLN A CA  
109  C C   . GLN A 8  ? 0.1332 0.1062 0.1355 0.0003  -0.0072 0.0078  331 GLN A C   
110  O O   . GLN A 8  ? 0.1289 0.1149 0.1398 -0.0025 -0.0247 0.0302  331 GLN A O   
111  C CB  . GLN A 8  ? 0.1176 0.1266 0.1576 0.0163  -0.0125 0.0134  331 GLN A CB  
112  C CG  . GLN A 8  ? 0.1487 0.1139 0.1698 0.0150  -0.0092 0.0087  331 GLN A CG  
113  C CD  . GLN A 8  ? 0.1421 0.1169 0.1849 0.0105  -0.0164 -0.0034 331 GLN A CD  
114  O OE1 . GLN A 8  ? 0.1480 0.0959 0.1772 0.0167  -0.0190 0.0012  331 GLN A OE1 
115  N NE2 . GLN A 8  ? 0.1470 0.1470 0.3111 0.0100  0.0029  0.0297  331 GLN A NE2 
124  N N   . ILE A 9  ? 0.1050 0.1160 0.1456 -0.0022 -0.0112 0.0166  332 ILE A N   
125  C CA  . ILE A 9  ? 0.0966 0.1304 0.1415 0.0027  0.0046  0.0132  332 ILE A CA  
126  C C   . ILE A 9  ? 0.1194 0.1339 0.1298 0.0021  -0.0069 0.0208  332 ILE A C   
127  O O   . ILE A 9  ? 0.1392 0.1311 0.1407 -0.0089 0.0119  0.0029  332 ILE A O   
128  C CB  . ILE A 9  ? 0.1358 0.1141 0.1272 0.0001  -0.0209 0.0127  332 ILE A CB  
129  C CG1 . ILE A 9  ? 0.1264 0.1284 0.1421 0.0082  -0.0179 0.0180  332 ILE A CG1 
130  C CG2 . ILE A 9  ? 0.1497 0.1263 0.1528 0.0012  -0.0206 0.0114  332 ILE A CG2 
131  C CD1 . ILE A 9  ? 0.1600 0.1309 0.1839 0.0134  -0.0200 0.0151  332 ILE A CD1 
143  N N   . ARG A 10 ? 0.1213 0.1147 0.1376 -0.0055 -0.0016 0.0227  333 ARG A N   
144  C CA  . ARG A 10 ? 0.1273 0.1163 0.1446 0.0066  -0.0080 0.0016  333 ARG A CA  
145  C C   . ARG A 10 ? 0.1662 0.1217 0.1475 -0.0015 -0.0084 0.0099  333 ARG A C   
146  O O   . ARG A 10 ? 0.1588 0.1594 0.1722 -0.0078 -0.0376 0.0287  333 ARG A O   
147  C CB  . ARG A 10 ? 0.1281 0.1136 0.1449 0.0027  0.0002  0.0031  333 ARG A CB  
148  C CG  . ARG A 10 ? 0.1237 0.1326 0.1372 0.0003  -0.0104 0.0058  333 ARG A CG  
149  C CD  . ARG A 10 ? 0.1296 0.1215 0.1528 0.0015  -0.0105 0.0181  333 ARG A CD  
150  N NE  . ARG A 10 ? 0.1273 0.1175 0.1481 0.0000  -0.0249 0.0169  333 ARG A NE  
151  C CZ  . ARG A 10 ? 0.1271 0.1163 0.1722 0.0040  -0.0279 0.0117  333 ARG A CZ  
152  N NH1 . ARG A 10 ? 0.1628 0.1246 0.1602 -0.0170 -0.0285 0.0249  333 ARG A NH1 
153  N NH2 . ARG A 10 ? 0.1451 0.1246 0.1857 0.0062  -0.0400 0.0260  333 ARG A NH2 
167  N N   . GLY A 11 ? 0.1737 0.1440 0.1329 0.0066  0.0025  0.0121  334 GLY A N   
168  C CA  . GLY A 11 ? 0.1970 0.1417 0.1330 0.0096  -0.0121 0.0187  334 GLY A CA  
169  C C   . GLY A 11 ? 0.1871 0.1480 0.1332 0.0076  0.0022  0.0130  334 GLY A C   
170  O O   . GLY A 11 ? 0.1676 0.1512 0.1391 0.0063  0.0011  0.0063  334 GLY A O   
174  N N   . ARG A 12 ? 0.2082 0.1465 0.1298 0.0195  0.0120  0.0102  335 ARG A N   
175  C CA  . ARG A 12 ? 0.2093 0.1604 0.1341 0.0184  0.0310  0.0151  335 ARG A CA  
176  C C   . ARG A 12 ? 0.1997 0.1697 0.1290 0.0253  0.0133  0.0197  335 ARG A C   
177  O O   . ARG A 12 ? 0.2091 0.1456 0.1507 0.0202  0.0213  0.0030  335 ARG A O   
178  C CB  . ARG A 12 ? 0.2396 0.1784 0.1436 0.0146  0.0340  0.0157  335 ARG A CB  
179  C CG  . ARG A 12 ? 0.2784 0.2082 0.1699 0.0135  0.0346  0.0260  335 ARG A CG  
180  C CD  . ARG A 12 ? 0.2984 0.2559 0.1828 0.0096  0.0387  0.0434  335 ARG A CD  
181  N NE  . ARG A 12 ? 0.3202 0.3180 0.2137 -0.0020 0.0247  0.0700  335 ARG A NE  
182  C CZ  . ARG A 12 ? 0.3271 0.3698 0.2345 -0.0070 0.0388  0.0939  335 ARG A CZ  
183  N NH1 . ARG A 12 ? 0.3463 0.3842 0.2420 -0.0219 0.0370  0.0897  335 ARG A NH1 
184  N NH2 . ARG A 12 ? 0.3181 0.4102 0.2275 -0.0020 0.0399  0.1134  335 ARG A NH2 
198  N N   . GLU A 13 ? 0.1970 0.1779 0.1257 0.0304  -0.0117 0.0116  336 GLU A N   
199  C CA  . GLU A 13 ? 0.2007 0.2076 0.1373 0.0243  -0.0164 -0.0013 336 GLU A CA  
200  C C   . GLU A 13 ? 0.1708 0.1895 0.1429 0.0179  -0.0200 -0.0023 336 GLU A C   
201  O O   . GLU A 13 ? 0.1822 0.1880 0.1375 0.0265  -0.0179 0.0081  336 GLU A O   
202  C CB  . GLU A 13 ? 0.2468 0.2736 0.1681 0.0298  -0.0414 -0.0111 336 GLU A CB  
203  C CG  . GLU A 13 ? 0.3184 0.3186 0.2749 0.0280  -0.0577 0.0081  336 GLU A CG  
204  C CD  . GLU A 13 ? 0.3878 0.3564 0.4068 0.0246  -0.0664 0.0214  336 GLU A CD  
205  O OE1 . GLU A 13 ? 0.4215 0.3708 0.4606 0.0171  -0.0702 0.0219  336 GLU A OE1 
206  O OE2 . GLU A 13 ? 0.4061 0.3826 0.4647 0.0275  -0.0683 0.0236  336 GLU A OE2 
213  N N   . ARG A 14 ? 0.1513 0.1417 0.1476 0.0042  -0.0044 0.0004  337 ARG A N   
214  C CA  . ARG A 14 ? 0.1269 0.1342 0.1519 0.0088  0.0029  0.0010  337 ARG A CA  
215  C C   . ARG A 14 ? 0.1333 0.1350 0.1359 0.0166  0.0067  0.0076  337 ARG A C   
216  O O   . ARG A 14 ? 0.1358 0.1414 0.1421 0.0065  0.0051  0.0034  337 ARG A O   
217  C CB  . ARG A 14 ? 0.1347 0.1272 0.1691 -0.0056 -0.0106 0.0035  337 ARG A CB  
218  C CG  . ARG A 14 ? 0.1228 0.1436 0.1534 0.0027  -0.0064 0.0162  337 ARG A CG  
219  C CD  . ARG A 14 ? 0.1241 0.1520 0.1665 -0.0082 -0.0134 0.0066  337 ARG A CD  
220  N NE  . ARG A 14 ? 0.1482 0.1604 0.1516 -0.0166 -0.0235 0.0068  337 ARG A NE  
221  C CZ  . ARG A 14 ? 0.1474 0.1672 0.1516 -0.0287 -0.0020 0.0035  337 ARG A CZ  
222  N NH1 . ARG A 14 ? 0.1602 0.1526 0.1506 -0.0268 -0.0107 -0.0002 337 ARG A NH1 
223  N NH2 . ARG A 14 ? 0.1682 0.1661 0.1671 -0.0404 -0.0159 0.0060  337 ARG A NH2 
237  N N   . PHE A 15 ? 0.1312 0.1233 0.1308 0.0135  0.0061  0.0019  338 PHE A N   
238  C CA  . PHE A 15 ? 0.1378 0.1162 0.1533 0.0168  0.0035  0.0032  338 PHE A CA  
239  C C   . PHE A 15 ? 0.1426 0.1302 0.1472 0.0130  0.0197  0.0151  338 PHE A C   
240  O O   . PHE A 15 ? 0.1350 0.1263 0.1749 0.0230  0.0113  0.0041  338 PHE A O   
241  C CB  . PHE A 15 ? 0.1446 0.1143 0.1657 0.0170  0.0003  -0.0011 338 PHE A CB  
242  C CG  . PHE A 15 ? 0.1383 0.1365 0.1806 0.0179  0.0217  -0.0104 338 PHE A CG  
243  C CD1 . PHE A 15 ? 0.1255 0.1465 0.2018 0.0149  -0.0010 -0.0102 338 PHE A CD1 
244  C CD2 . PHE A 15 ? 0.1484 0.1739 0.2159 -0.0027 0.0151  0.0127  338 PHE A CD2 
245  C CE1 . PHE A 15 ? 0.1353 0.1701 0.2354 0.0067  -0.0005 0.0032  338 PHE A CE1 
246  C CE2 . PHE A 15 ? 0.1540 0.1828 0.2541 -0.0065 0.0274  0.0227  338 PHE A CE2 
247  C CZ  . PHE A 15 ? 0.1498 0.1794 0.2702 -0.0060 0.0192  0.0162  338 PHE A CZ  
257  N N   . GLU A 16 ? 0.1718 0.1385 0.1453 0.0276  0.0187  0.0267  339 GLU A N   
258  C CA  . GLU A 16 ? 0.2048 0.1510 0.1549 0.0459  0.0161  0.0228  339 GLU A CA  
259  C C   . GLU A 16 ? 0.1936 0.1643 0.1606 0.0376  -0.0128 0.0183  339 GLU A C   
260  O O   . GLU A 16 ? 0.2160 0.1538 0.1557 0.0480  0.0012  0.0174  339 GLU A O   
261  C CB  . GLU A 16 ? 0.2559 0.1767 0.1767 0.0542  0.0238  0.0406  339 GLU A CB  
262  C CG  . GLU A 16 ? 0.3089 0.2085 0.2433 0.0560  0.0373  0.0406  339 GLU A CG  
263  C CD  . GLU A 16 ? 0.3499 0.2740 0.3419 0.0457  0.0414  0.0467  339 GLU A CD  
264  O OE1 . GLU A 16 ? 0.3857 0.2893 0.3758 0.0336  0.0443  0.0525  339 GLU A OE1 
265  O OE2 . GLU A 16 ? 0.3683 0.3021 0.3928 0.0365  0.0169  0.0463  339 GLU A OE2 
272  N N   . MET A 17 ? 0.1745 0.1748 0.1579 0.0384  -0.0215 -0.0058 340 MET A N   
273  C CA  . MET A 17 ? 0.1482 0.1929 0.1724 0.0236  -0.0326 -0.0173 340 MET A CA  
274  C C   . MET A 17 ? 0.1152 0.1655 0.1642 0.0246  -0.0044 0.0050  340 MET A C   
275  O O   . MET A 17 ? 0.1064 0.1597 0.1696 0.0321  -0.0082 -0.0032 340 MET A O   
276  C CB  . MET A 17 ? 0.1532 0.2270 0.2592 0.0045  -0.0373 -0.0446 340 MET A CB  
277  C CG  . MET A 17 ? 0.2176 0.2622 0.3845 -0.0134 -0.0259 -0.0123 340 MET A CG  
278  S SD  . MET A 17 ? 0.2630 0.3358 0.4010 -0.0169 -0.0022 0.0670  340 MET A SD  
279  C CE  . MET A 17 ? 0.2422 0.3519 0.3561 -0.0098 0.0391  0.1160  340 MET A CE  
289  N N   . LEU A 18 ? 0.1213 0.1303 0.1665 0.0226  -0.0073 0.0150  341 LEU A N   
290  C CA  . LEU A 18 ? 0.1364 0.1257 0.1505 0.0126  -0.0086 -0.0034 341 LEU A CA  
291  C C   . LEU A 18 ? 0.1334 0.1202 0.1426 0.0144  -0.0211 0.0018  341 LEU A C   
292  O O   . LEU A 18 ? 0.1221 0.1380 0.1565 0.0121  -0.0127 0.0007  341 LEU A O   
293  C CB  . LEU A 18 ? 0.1357 0.1327 0.1570 0.0210  -0.0144 0.0096  341 LEU A CB  
294  C CG  . LEU A 18 ? 0.1558 0.1456 0.1654 0.0190  0.0113  0.0250  341 LEU A CG  
295  C CD1 . LEU A 18 ? 0.1995 0.1475 0.1817 0.0086  -0.0068 0.0318  341 LEU A CD1 
296  C CD2 . LEU A 18 ? 0.2003 0.1512 0.2686 0.0234  0.0439  0.0408  341 LEU A CD2 
308  N N   . ARG A 19 ? 0.1244 0.1246 0.1659 0.0131  -0.0034 0.0030  342 ARG A N   
309  C CA  . ARG A 19 ? 0.1180 0.1310 0.1970 0.0206  0.0169  -0.0113 342 ARG A CA  
310  C C   . ARG A 19 ? 0.1245 0.1360 0.1749 0.0208  0.0178  0.0104  342 ARG A C   
311  O O   . ARG A 19 ? 0.1244 0.1387 0.2034 0.0175  0.0095  -0.0057 342 ARG A O   
312  C CB  . ARG A 19 ? 0.1423 0.1453 0.2663 0.0050  0.0234  -0.0036 342 ARG A CB  
313  C CG  . ARG A 19 ? 0.1865 0.1933 0.3135 -0.0093 0.0178  0.0079  342 ARG A CG  
314  C CD  . ARG A 19 ? 0.2536 0.2461 0.4297 -0.0261 0.0109  0.0312  342 ARG A CD  
315  N NE  . ARG A 19 ? 0.2758 0.3184 0.4952 -0.0288 0.0093  0.0528  342 ARG A NE  
316  C CZ  . ARG A 19 ? 0.3169 0.3444 0.5106 -0.0301 0.0117  0.0588  342 ARG A CZ  
317  N NH1 . ARG A 19 ? 0.3375 0.3583 0.5383 -0.0218 0.0087  0.0516  342 ARG A NH1 
318  N NH2 . ARG A 19 ? 0.3230 0.3515 0.4927 -0.0298 0.0118  0.0836  342 ARG A NH2 
332  N N   . GLU A 20 ? 0.1527 0.1249 0.1743 0.0292  0.0105  0.0114  343 GLU A N   
333  C CA  . GLU A 20 ? 0.1602 0.1477 0.1823 0.0362  0.0117  0.0250  343 GLU A CA  
334  C C   . GLU A 20 ? 0.1325 0.1267 0.1668 0.0218  0.0049  0.0130  343 GLU A C   
335  O O   . GLU A 20 ? 0.1329 0.1408 0.1712 0.0186  0.0117  0.0130  343 GLU A O   
336  C CB  . GLU A 20 ? 0.1824 0.2028 0.1895 0.0585  0.0019  0.0232  343 GLU A CB  
337  C CG  . GLU A 20 ? 0.2298 0.2519 0.2409 0.0784  -0.0217 0.0130  343 GLU A CG  
338  C CD  . GLU A 20 ? 0.2971 0.2901 0.3029 0.0844  -0.0328 0.0108  343 GLU A CD  
339  O OE1 . GLU A 20 ? 0.3203 0.3058 0.3318 0.0784  -0.0584 0.0024  343 GLU A OE1 
340  O OE2 . GLU A 20 ? 0.3199 0.3170 0.3357 0.0924  -0.0332 0.0138  343 GLU A OE2 
347  N N   . ILE A 21 ? 0.1262 0.1353 0.1756 0.0237  -0.0026 0.0119  344 ILE A N   
348  C CA  . ILE A 21 ? 0.1244 0.1231 0.1751 0.0169  -0.0020 -0.0071 344 ILE A CA  
349  C C   . ILE A 21 ? 0.1015 0.1219 0.1729 0.0099  0.0081  0.0019  344 ILE A C   
350  O O   . ILE A 21 ? 0.1190 0.1099 0.1910 0.0066  0.0076  -0.0127 344 ILE A O   
351  C CB  . ILE A 21 ? 0.1125 0.1232 0.1654 0.0176  -0.0072 -0.0153 344 ILE A CB  
352  C CG1 . ILE A 21 ? 0.1134 0.1461 0.1425 0.0021  -0.0047 0.0106  344 ILE A CG1 
353  C CG2 . ILE A 21 ? 0.1245 0.1405 0.1629 0.0158  -0.0200 -0.0171 344 ILE A CG2 
354  C CD1 . ILE A 21 ? 0.1188 0.1575 0.1971 0.0074  -0.0014 0.0077  344 ILE A CD1 
366  N N   . ASN A 22 ? 0.1030 0.1284 0.1883 0.0139  0.0101  -0.0041 345 ASN A N   
367  C CA  . ASN A 22 ? 0.1026 0.1358 0.1815 0.0116  -0.0030 -0.0015 345 ASN A CA  
368  C C   . ASN A 22 ? 0.1086 0.1416 0.1906 0.0140  -0.0112 -0.0172 345 ASN A C   
369  O O   . ASN A 22 ? 0.1169 0.1565 0.2157 0.0171  -0.0072 -0.0029 345 ASN A O   
370  C CB  . ASN A 22 ? 0.1178 0.1333 0.1599 0.0208  -0.0086 -0.0115 345 ASN A CB  
371  C CG  . ASN A 22 ? 0.1383 0.1483 0.1584 -0.0120 0.0022  -0.0063 345 ASN A CG  
372  O OD1 . ASN A 22 ? 0.1475 0.1515 0.1691 -0.0175 -0.0032 -0.0027 345 ASN A OD1 
373  N ND2 . ASN A 22 ? 0.1281 0.1994 0.1775 -0.0287 0.0039  -0.0142 345 ASN A ND2 
380  N N   . GLU A 23 ? 0.1110 0.1318 0.1973 0.0102  0.0135  -0.0042 346 GLU A N   
381  C CA  . GLU A 23 ? 0.1336 0.1397 0.2331 0.0065  0.0179  0.0082  346 GLU A CA  
382  C C   . GLU A 23 ? 0.1390 0.1222 0.1971 -0.0004 0.0050  0.0065  346 GLU A C   
383  O O   . GLU A 23 ? 0.1119 0.1310 0.2131 -0.0099 0.0086  0.0002  346 GLU A O   
384  C CB  . GLU A 23 ? 0.1615 0.1693 0.3062 0.0119  0.0350  0.0204  346 GLU A CB  
385  C CG  . GLU A 23 ? 0.2580 0.2084 0.3888 0.0100  0.0306  0.0311  346 GLU A CG  
386  C CD  . GLU A 23 ? 0.3164 0.2701 0.4477 0.0045  0.0325  0.0609  346 GLU A CD  
387  O OE1 . GLU A 23 ? 0.3286 0.3054 0.4434 0.0096  0.0399  0.0425  346 GLU A OE1 
388  O OE2 . GLU A 23 ? 0.3454 0.3218 0.5021 -0.0030 0.0376  0.0769  346 GLU A OE2 
395  N N   . ALA A 24 ? 0.1229 0.1207 0.1647 0.0058  0.0023  0.0042  347 ALA A N   
396  C CA  . ALA A 24 ? 0.1245 0.1187 0.1724 0.0135  -0.0015 0.0114  347 ALA A CA  
397  C C   . ALA A 24 ? 0.0866 0.1292 0.1879 0.0072  -0.0039 0.0149  347 ALA A C   
398  O O   . ALA A 24 ? 0.1022 0.1343 0.2070 0.0094  -0.0109 0.0010  347 ALA A O   
399  C CB  . ALA A 24 ? 0.1190 0.1532 0.1869 0.0194  -0.0050 0.0058  347 ALA A CB  
405  N N   . LEU A 25 ? 0.1147 0.1249 0.1788 0.0135  0.0086  0.0213  348 LEU A N   
406  C CA  . LEU A 25 ? 0.1240 0.1258 0.1832 0.0043  0.0129  0.0222  348 LEU A CA  
407  C C   . LEU A 25 ? 0.1202 0.1338 0.1849 0.0154  0.0114  0.0028  348 LEU A C   
408  O O   . LEU A 25 ? 0.1369 0.1439 0.1759 0.0112  0.0187  0.0045  348 LEU A O   
409  C CB  . LEU A 25 ? 0.1291 0.1300 0.1662 -0.0060 0.0007  0.0179  348 LEU A CB  
410  C CG  . LEU A 25 ? 0.1335 0.1339 0.1806 -0.0124 0.0054  0.0156  348 LEU A CG  
411  C CD1 . LEU A 25 ? 0.1448 0.1281 0.2084 -0.0176 -0.0096 0.0201  348 LEU A CD1 
412  C CD2 . LEU A 25 ? 0.1585 0.1401 0.1959 -0.0176 -0.0072 0.0138  348 LEU A CD2 
424  N N   . GLU A 26 ? 0.1204 0.1353 0.1828 0.0048  0.0058  -0.0040 349 GLU A N   
425  C CA  . GLU A 26 ? 0.1198 0.1396 0.1919 0.0013  0.0015  -0.0050 349 GLU A CA  
426  C C   . GLU A 26 ? 0.1419 0.1355 0.1874 0.0008  0.0017  -0.0144 349 GLU A C   
427  O O   . GLU A 26 ? 0.1340 0.1583 0.2160 -0.0015 -0.0043 -0.0247 349 GLU A O   
428  C CB  . GLU A 26 ? 0.1238 0.1376 0.2032 0.0027  0.0094  -0.0079 349 GLU A CB  
429  C CG  . GLU A 26 ? 0.1379 0.1465 0.2004 0.0051  0.0089  0.0076  349 GLU A CG  
430  C CD  . GLU A 26 ? 0.1451 0.1481 0.2227 0.0058  0.0165  0.0194  349 GLU A CD  
431  O OE1 . GLU A 26 ? 0.1475 0.1892 0.2357 0.0118  0.0206  0.0575  349 GLU A OE1 
432  O OE2 . GLU A 26 ? 0.1321 0.1598 0.2538 0.0062  -0.0009 0.0298  349 GLU A OE2 
439  N N   . LEU A 27 ? 0.1639 0.1205 0.2128 -0.0001 -0.0137 -0.0087 350 LEU A N   
440  C CA  . LEU A 27 ? 0.1677 0.1295 0.2135 -0.0043 -0.0074 0.0026  350 LEU A CA  
441  C C   . LEU A 27 ? 0.1574 0.1417 0.2193 -0.0017 -0.0162 -0.0135 350 LEU A C   
442  O O   . LEU A 27 ? 0.1777 0.1480 0.2346 0.0065  -0.0193 -0.0142 350 LEU A O   
443  C CB  . LEU A 27 ? 0.1748 0.1278 0.2206 -0.0277 -0.0092 0.0134  350 LEU A CB  
444  C CG  . LEU A 27 ? 0.2164 0.1550 0.2648 -0.0322 -0.0113 0.0116  350 LEU A CG  
445  C CD1 . LEU A 27 ? 0.2428 0.1562 0.2741 -0.0364 -0.0130 0.0342  350 LEU A CD1 
446  C CD2 . LEU A 27 ? 0.2364 0.1752 0.2939 -0.0298 -0.0106 0.0184  350 LEU A CD2 
458  N N   . LYS A 28 ? 0.1427 0.1441 0.2340 0.0048  -0.0084 -0.0187 351 LYS A N   
459  C CA  . LYS A 28 ? 0.1571 0.1547 0.2791 -0.0007 0.0263  -0.0269 351 LYS A CA  
460  C C   . LYS A 28 ? 0.1730 0.1451 0.2614 -0.0066 0.0511  -0.0313 351 LYS A C   
461  O O   . LYS A 28 ? 0.1882 0.1427 0.2759 -0.0071 0.0611  -0.0404 351 LYS A O   
462  C CB  . LYS A 28 ? 0.1791 0.2046 0.3227 -0.0007 0.0392  -0.0324 351 LYS A CB  
463  C CG  . LYS A 28 ? 0.2320 0.2693 0.3620 0.0017  0.0257  -0.0333 351 LYS A CG  
464  C CD  . LYS A 28 ? 0.2713 0.3170 0.4121 -0.0007 0.0107  -0.0296 351 LYS A CD  
465  C CE  . LYS A 28 ? 0.3107 0.3575 0.4556 -0.0060 -0.0027 -0.0276 351 LYS A CE  
466  N NZ  . LYS A 28 ? 0.3350 0.3755 0.4887 -0.0118 -0.0166 -0.0198 351 LYS A NZ  
480  N N   . ASP A 29 ? 0.1857 0.1405 0.2247 -0.0101 0.0316  -0.0109 352 ASP A N   
481  C CA  . ASP A 29 ? 0.1902 0.1554 0.2226 -0.0118 0.0264  -0.0097 352 ASP A CA  
482  C C   . ASP A 29 ? 0.1863 0.1572 0.1991 -0.0080 0.0234  -0.0182 352 ASP A C   
483  O O   . ASP A 29 ? 0.2229 0.1558 0.2078 -0.0038 0.0003  -0.0039 352 ASP A O   
484  C CB  . ASP A 29 ? 0.1934 0.1601 0.2214 -0.0058 -0.0050 -0.0152 352 ASP A CB  
485  C CG  . ASP A 29 ? 0.2140 0.1756 0.2244 -0.0051 -0.0004 -0.0126 352 ASP A CG  
486  O OD1 . ASP A 29 ? 0.2391 0.1769 0.2370 -0.0106 0.0324  -0.0008 352 ASP A OD1 
487  O OD2 . ASP A 29 ? 0.2218 0.1539 0.2305 -0.0124 -0.0106 -0.0108 352 ASP A OD2 
492  N N   . ALA A 30 ? 0.1785 0.1546 0.2012 -0.0159 0.0098  -0.0120 353 ALA A N   
493  C CA  . ALA A 30 ? 0.1796 0.1609 0.2343 -0.0247 0.0092  0.0061  353 ALA A CA  
494  C C   . ALA A 30 ? 0.1718 0.1619 0.2577 -0.0243 0.0290  0.0038  353 ALA A C   
495  O O   . ALA A 30 ? 0.1713 0.1686 0.3253 -0.0287 0.0401  -0.0234 353 ALA A O   
496  C CB  . ALA A 30 ? 0.1695 0.1880 0.2558 -0.0152 0.0123  -0.0151 353 ALA A CB  
502  N N   . MET A 31 ? 0.1970 0.1600 0.2413 -0.0090 0.0106  0.0323  354 MET A N   
503  C CA  . MET A 31 ? 0.2261 0.1810 0.2579 0.0164  0.0105  0.0298  354 MET A CA  
504  C C   . MET A 31 ? 0.2418 0.2350 0.2760 0.0476  0.0264  0.0326  354 MET A C   
505  O O   . MET A 31 ? 0.2577 0.2475 0.2916 0.0593  0.0170  0.0210  354 MET A O   
506  C CB  . MET A 31 ? 0.3065 0.2006 0.3061 0.0192  -0.0013 0.0329  354 MET A CB  
507  C CG  . MET A 31 ? 0.4139 0.2004 0.3434 0.0249  -0.0201 0.0335  354 MET A CG  
508  S SD  . MET A 31 ? 0.5174 0.2039 0.3497 0.0247  -0.0096 0.0130  354 MET A SD  
509  C CE  . MET A 31 ? 0.5186 0.2410 0.3978 0.0310  -0.0056 0.0371  354 MET A CE  
519  N N   . ALA A 32 ? 0.2671 0.2705 0.2768 0.0546  0.0497  0.0433  355 ALA A N   
520  C CA  . ALA A 32 ? 0.3275 0.3298 0.3780 0.0488  0.0372  0.0424  355 ALA A CA  
521  C C   . ALA A 32 ? 0.3827 0.3756 0.4573 0.0487  0.0370  0.0262  355 ALA A C   
522  O O   . ALA A 32 ? 0.4179 0.3743 0.4998 0.0513  0.0301  0.0148  355 ALA A O   
523  C CB  . ALA A 32 ? 0.3208 0.3358 0.3792 0.0476  0.0391  0.0511  355 ALA A CB  
529  N N   . GLY A 33 ? 0.3974 0.4111 0.4983 0.0457  0.0384  0.0345  356 GLY A N   
530  C CA  . GLY A 33 ? 0.4005 0.4404 0.5435 0.0436  0.0435  0.0441  356 GLY A CA  
531  C C   . GLY A 33 ? 0.4077 0.4643 0.5893 0.0406  0.0393  0.0503  356 GLY A C   
532  O O   . GLY A 33 ? 0.4106 0.4787 0.6153 0.0353  0.0330  0.0544  356 GLY A O   
536  N N   . SER B 2  ? 0.4474 0.3775 0.4702 -0.0096 0.0688  0.0133  325 SER B N   
537  C CA  . SER B 2  ? 0.4400 0.3773 0.4542 -0.0079 0.0694  -0.0016 325 SER B CA  
538  C C   . SER B 2  ? 0.4202 0.3386 0.3959 -0.0129 0.0800  -0.0014 325 SER B C   
539  O O   . SER B 2  ? 0.4325 0.3371 0.3501 -0.0279 0.0914  0.0186  325 SER B O   
540  C CB  . SER B 2  ? 0.4458 0.4014 0.4855 -0.0041 0.0708  -0.0137 325 SER B CB  
541  O OG  . SER B 2  ? 0.4566 0.4100 0.5017 -0.0056 0.0675  -0.0249 325 SER B OG  
546  N N   . GLU B 3  ? 0.3806 0.3076 0.3683 0.0015  0.0862  -0.0253 326 GLU B N   
547  C CA  . GLU B 3  ? 0.3262 0.2862 0.3511 0.0103  0.0878  -0.0283 326 GLU B CA  
548  C C   . GLU B 3  ? 0.2491 0.2543 0.2962 0.0196  0.0696  -0.0142 326 GLU B C   
549  O O   . GLU B 3  ? 0.2742 0.2667 0.2943 0.0147  0.0271  -0.0114 326 GLU B O   
550  C CB  . GLU B 3  ? 0.3745 0.3075 0.4278 0.0032  0.0662  -0.0340 326 GLU B CB  
551  C CG  . GLU B 3  ? 0.3997 0.3458 0.4843 -0.0009 0.0575  -0.0389 326 GLU B CG  
552  C CD  . GLU B 3  ? 0.4365 0.3703 0.5404 -0.0047 0.0468  -0.0431 326 GLU B CD  
553  O OE1 . GLU B 3  ? 0.4511 0.3907 0.5805 -0.0002 0.0461  -0.0414 326 GLU B OE1 
554  O OE2 . GLU B 3  ? 0.4521 0.3668 0.5508 -0.0125 0.0348  -0.0450 326 GLU B OE2 
561  N N   . TYR B 4  ? 0.1976 0.1796 0.2481 0.0109  0.0522  -0.0038 327 TYR B N   
562  C CA  . TYR B 4  ? 0.1842 0.1364 0.2291 0.0025  0.0420  -0.0088 327 TYR B CA  
563  C C   . TYR B 4  ? 0.1534 0.1385 0.2140 0.0052  0.0579  -0.0024 327 TYR B C   
564  O O   . TYR B 4  ? 0.1717 0.1524 0.3077 0.0077  0.0830  0.0054  327 TYR B O   
565  C CB  . TYR B 4  ? 0.1711 0.1235 0.2107 0.0012  -0.0172 0.0261  327 TYR B CB  
566  C CG  . TYR B 4  ? 0.1482 0.1139 0.2016 0.0026  -0.0079 0.0094  327 TYR B CG  
567  C CD1 . TYR B 4  ? 0.1644 0.1177 0.1551 0.0106  0.0177  0.0311  327 TYR B CD1 
568  C CD2 . TYR B 4  ? 0.1527 0.1201 0.1705 -0.0015 -0.0088 0.0299  327 TYR B CD2 
569  C CE1 . TYR B 4  ? 0.1737 0.1217 0.1460 0.0178  0.0040  0.0184  327 TYR B CE1 
570  C CE2 . TYR B 4  ? 0.1482 0.1125 0.1577 0.0057  -0.0117 0.0269  327 TYR B CE2 
571  C CZ  . TYR B 4  ? 0.1597 0.1107 0.1546 0.0087  0.0006  0.0110  327 TYR B CZ  
572  O OH  . TYR B 4  ? 0.1725 0.1105 0.1458 0.0052  -0.0184 0.0133  327 TYR B OH  
582  N N   . PHE B 5  ? 0.1279 0.1372 0.1541 0.0036  0.0216  0.0057  328 PHE B N   
583  C CA  . PHE B 5  ? 0.1354 0.1250 0.1367 -0.0023 0.0079  0.0104  328 PHE B CA  
584  C C   . PHE B 5  ? 0.1327 0.1260 0.1414 -0.0108 -0.0009 0.0046  328 PHE B C   
585  O O   . PHE B 5  ? 0.1680 0.1341 0.1407 -0.0302 0.0124  0.0042  328 PHE B O   
586  C CB  . PHE B 5  ? 0.1681 0.1215 0.1484 0.0048  -0.0056 0.0057  328 PHE B CB  
587  C CG  . PHE B 5  ? 0.1942 0.1611 0.1390 0.0072  0.0001  0.0169  328 PHE B CG  
588  C CD1 . PHE B 5  ? 0.1721 0.1836 0.1451 0.0191  -0.0018 0.0120  328 PHE B CD1 
589  C CD2 . PHE B 5  ? 0.2591 0.2029 0.1537 -0.0128 0.0155  0.0313  328 PHE B CD2 
590  C CE1 . PHE B 5  ? 0.1960 0.2085 0.1672 0.0139  -0.0093 0.0032  328 PHE B CE1 
591  C CE2 . PHE B 5  ? 0.2637 0.2265 0.1802 -0.0210 0.0155  0.0209  328 PHE B CE2 
592  C CZ  . PHE B 5  ? 0.2449 0.2174 0.1801 -0.0052 -0.0042 0.0072  328 PHE B CZ  
602  N N   . THR B 6  ? 0.1414 0.1187 0.1611 -0.0005 0.0130  0.0103  329 THR B N   
603  C CA  . THR B 6  ? 0.1386 0.1339 0.1718 -0.0023 -0.0068 0.0086  329 THR B CA  
604  C C   . THR B 6  ? 0.1497 0.1109 0.1505 -0.0145 -0.0268 -0.0115 329 THR B C   
605  O O   . THR B 6  ? 0.1774 0.1127 0.1554 -0.0080 0.0061  0.0051  329 THR B O   
606  C CB  . THR B 6  ? 0.1601 0.1762 0.2288 0.0048  -0.0188 0.0247  329 THR B CB  
607  O OG1 . THR B 6  ? 0.1616 0.2091 0.2898 -0.0149 -0.0401 0.0137  329 THR B OG1 
608  C CG2 . THR B 6  ? 0.1730 0.2014 0.2604 0.0187  -0.0369 0.0155  329 THR B CG2 
616  N N   . LEU B 7  ? 0.1347 0.1191 0.1596 -0.0089 -0.0078 -0.0066 330 LEU B N   
617  C CA  . LEU B 7  ? 0.1276 0.1174 0.1755 0.0040  -0.0202 -0.0007 330 LEU B CA  
618  C C   . LEU B 7  ? 0.1207 0.1205 0.1707 0.0001  0.0015  0.0028  330 LEU B C   
619  O O   . LEU B 7  ? 0.1481 0.1378 0.1693 -0.0086 0.0188  0.0066  330 LEU B O   
620  C CB  . LEU B 7  ? 0.1330 0.1299 0.2318 0.0024  -0.0297 -0.0002 330 LEU B CB  
621  C CG  . LEU B 7  ? 0.1370 0.1365 0.2652 0.0031  -0.0567 -0.0057 330 LEU B CG  
622  C CD1 . LEU B 7  ? 0.1752 0.1260 0.2700 0.0012  -0.0643 0.0174  330 LEU B CD1 
623  C CD2 . LEU B 7  ? 0.1291 0.1557 0.2850 0.0071  -0.0583 -0.0020 330 LEU B CD2 
635  N N   . GLN B 8  ? 0.1207 0.1204 0.1518 -0.0098 -0.0043 -0.0071 331 GLN B N   
636  C CA  . GLN B 8  ? 0.1140 0.1413 0.1608 -0.0039 0.0038  0.0129  331 GLN B CA  
637  C C   . GLN B 8  ? 0.1193 0.1403 0.1741 0.0001  0.0005  -0.0029 331 GLN B C   
638  O O   . GLN B 8  ? 0.1233 0.1238 0.2044 -0.0098 -0.0015 0.0150  331 GLN B O   
639  C CB  . GLN B 8  ? 0.1178 0.1571 0.1461 -0.0181 -0.0002 0.0032  331 GLN B CB  
640  C CG  . GLN B 8  ? 0.1106 0.1724 0.1569 -0.0213 0.0044  -0.0005 331 GLN B CG  
641  C CD  . GLN B 8  ? 0.1107 0.1638 0.1638 -0.0149 0.0144  0.0104  331 GLN B CD  
642  O OE1 . GLN B 8  ? 0.1172 0.1595 0.1597 -0.0136 0.0033  0.0060  331 GLN B OE1 
643  N NE2 . GLN B 8  ? 0.1256 0.1698 0.1815 -0.0213 -0.0162 0.0337  331 GLN B NE2 
652  N N   . ILE B 9  ? 0.0983 0.1549 0.1773 -0.0004 -0.0096 -0.0088 332 ILE B N   
653  C CA  . ILE B 9  ? 0.0922 0.1625 0.1702 -0.0050 -0.0197 -0.0098 332 ILE B CA  
654  C C   . ILE B 9  ? 0.1032 0.1695 0.1849 -0.0073 0.0043  -0.0198 332 ILE B C   
655  O O   . ILE B 9  ? 0.1340 0.1625 0.1951 -0.0001 -0.0141 -0.0283 332 ILE B O   
656  C CB  . ILE B 9  ? 0.1149 0.1476 0.2064 -0.0143 -0.0026 -0.0227 332 ILE B CB  
657  C CG1 . ILE B 9  ? 0.1145 0.1537 0.2517 -0.0125 0.0128  -0.0271 332 ILE B CG1 
658  C CG2 . ILE B 9  ? 0.1295 0.1467 0.1954 -0.0060 0.0035  -0.0064 332 ILE B CG2 
659  C CD1 . ILE B 9  ? 0.1511 0.1588 0.2393 0.0018  -0.0004 -0.0194 332 ILE B CD1 
671  N N   . ARG B 10 ? 0.1198 0.1596 0.1890 -0.0022 0.0153  -0.0348 333 ARG B N   
672  C CA  . ARG B 10 ? 0.1532 0.1553 0.1865 -0.0062 0.0098  -0.0424 333 ARG B CA  
673  C C   . ARG B 10 ? 0.1601 0.1519 0.1588 -0.0088 0.0081  -0.0285 333 ARG B C   
674  O O   . ARG B 10 ? 0.1426 0.1749 0.1809 0.0018  0.0030  -0.0246 333 ARG B O   
675  C CB  . ARG B 10 ? 0.1879 0.1558 0.2058 -0.0146 0.0210  -0.0372 333 ARG B CB  
676  C CG  . ARG B 10 ? 0.2243 0.1684 0.2024 -0.0194 0.0084  -0.0272 333 ARG B CG  
677  C CD  . ARG B 10 ? 0.2636 0.1915 0.2411 -0.0110 -0.0065 -0.0410 333 ARG B CD  
678  N NE  . ARG B 10 ? 0.3093 0.2246 0.2526 -0.0098 -0.0251 -0.0434 333 ARG B NE  
679  C CZ  . ARG B 10 ? 0.3567 0.2347 0.2520 -0.0060 -0.0232 -0.0431 333 ARG B CZ  
680  N NH1 . ARG B 10 ? 0.3812 0.2363 0.2718 -0.0058 -0.0337 -0.0465 333 ARG B NH1 
681  N NH2 . ARG B 10 ? 0.3651 0.2673 0.2631 -0.0043 -0.0083 -0.0317 333 ARG B NH2 
695  N N   . GLY B 11 ? 0.1911 0.1501 0.1568 -0.0294 -0.0063 -0.0193 334 GLY B N   
696  C CA  . GLY B 11 ? 0.2134 0.1746 0.1681 -0.0273 -0.0095 -0.0135 334 GLY B CA  
697  C C   . GLY B 11 ? 0.2255 0.1703 0.1466 -0.0295 -0.0079 -0.0046 334 GLY B C   
698  O O   . GLY B 11 ? 0.2245 0.1596 0.1402 -0.0346 -0.0111 -0.0129 334 GLY B O   
702  N N   . ARG B 12 ? 0.2474 0.1719 0.1435 -0.0317 -0.0123 -0.0034 335 ARG B N   
703  C CA  . ARG B 12 ? 0.2469 0.1950 0.1395 -0.0235 -0.0150 -0.0023 335 ARG B CA  
704  C C   . ARG B 12 ? 0.2289 0.1861 0.1292 -0.0152 -0.0106 -0.0014 335 ARG B C   
705  O O   . ARG B 12 ? 0.2307 0.1863 0.1339 -0.0063 -0.0208 -0.0116 335 ARG B O   
706  C CB  . ARG B 12 ? 0.2650 0.2293 0.1446 -0.0245 -0.0314 0.0021  335 ARG B CB  
707  C CG  . ARG B 12 ? 0.3084 0.2725 0.1942 -0.0264 -0.0355 0.0163  335 ARG B CG  
708  C CD  . ARG B 12 ? 0.3397 0.3167 0.1914 -0.0314 -0.0386 0.0300  335 ARG B CD  
709  N NE  . ARG B 12 ? 0.3665 0.3642 0.1836 -0.0299 -0.0426 0.0440  335 ARG B NE  
710  C CZ  . ARG B 12 ? 0.4051 0.3816 0.2260 -0.0327 -0.0394 0.0383  335 ARG B CZ  
711  N NH1 . ARG B 12 ? 0.4239 0.3764 0.2491 -0.0318 -0.0370 0.0250  335 ARG B NH1 
712  N NH2 . ARG B 12 ? 0.4235 0.3990 0.2119 -0.0359 -0.0484 0.0352  335 ARG B NH2 
726  N N   . GLU B 13 ? 0.2141 0.1829 0.1416 -0.0171 0.0104  -0.0161 336 GLU B N   
727  C CA  . GLU B 13 ? 0.2245 0.1977 0.1603 -0.0192 0.0155  -0.0126 336 GLU B CA  
728  C C   . GLU B 13 ? 0.1889 0.1663 0.1543 -0.0079 0.0165  -0.0089 336 GLU B C   
729  O O   . GLU B 13 ? 0.1920 0.1624 0.1595 -0.0167 0.0221  -0.0034 336 GLU B O   
730  C CB  . GLU B 13 ? 0.2766 0.2571 0.2150 -0.0258 0.0260  -0.0045 336 GLU B CB  
731  C CG  . GLU B 13 ? 0.3353 0.3103 0.3167 -0.0248 0.0209  -0.0007 336 GLU B CG  
732  C CD  . GLU B 13 ? 0.3967 0.3506 0.4246 -0.0270 0.0111  0.0116  336 GLU B CD  
733  O OE1 . GLU B 13 ? 0.4286 0.3598 0.4699 -0.0247 0.0099  0.0131  336 GLU B OE1 
734  O OE2 . GLU B 13 ? 0.4175 0.3813 0.4771 -0.0266 0.0005  0.0092  336 GLU B OE2 
741  N N   . ARG B 14 ? 0.1739 0.1462 0.1535 -0.0052 0.0087  -0.0195 337 ARG B N   
742  C CA  . ARG B 14 ? 0.1435 0.1424 0.1450 -0.0056 0.0030  -0.0150 337 ARG B CA  
743  C C   . ARG B 14 ? 0.1488 0.1408 0.1221 -0.0116 -0.0056 -0.0011 337 ARG B C   
744  O O   . ARG B 14 ? 0.1449 0.1447 0.1437 -0.0050 -0.0033 -0.0042 337 ARG B O   
745  C CB  . ARG B 14 ? 0.1318 0.1414 0.1585 -0.0045 -0.0087 -0.0163 337 ARG B CB  
746  C CG  . ARG B 14 ? 0.1207 0.1507 0.1630 -0.0008 0.0066  -0.0012 337 ARG B CG  
747  C CD  . ARG B 14 ? 0.1188 0.1548 0.1804 0.0082  0.0078  -0.0069 337 ARG B CD  
748  N NE  . ARG B 14 ? 0.1407 0.1515 0.1797 0.0096  0.0241  0.0103  337 ARG B NE  
749  C CZ  . ARG B 14 ? 0.1501 0.1701 0.1652 0.0142  0.0175  0.0003  337 ARG B CZ  
750  N NH1 . ARG B 14 ? 0.1699 0.1514 0.1664 -0.0040 0.0113  -0.0094 337 ARG B NH1 
751  N NH2 . ARG B 14 ? 0.1712 0.1815 0.1719 0.0267  0.0342  -0.0057 337 ARG B NH2 
765  N N   . PHE B 15 ? 0.1516 0.1367 0.1425 -0.0121 -0.0150 -0.0062 338 PHE B N   
766  C CA  . PHE B 15 ? 0.1534 0.1384 0.1397 -0.0118 -0.0145 -0.0127 338 PHE B CA  
767  C C   . PHE B 15 ? 0.1596 0.1519 0.1300 0.0007  -0.0216 -0.0048 338 PHE B C   
768  O O   . PHE B 15 ? 0.1436 0.1514 0.1455 0.0011  -0.0212 -0.0204 338 PHE B O   
769  C CB  . PHE B 15 ? 0.1592 0.1468 0.1628 -0.0009 -0.0253 -0.0094 338 PHE B CB  
770  C CG  . PHE B 15 ? 0.1738 0.1683 0.1651 0.0103  -0.0392 -0.0073 338 PHE B CG  
771  C CD1 . PHE B 15 ? 0.1856 0.1707 0.1670 0.0136  -0.0389 -0.0199 338 PHE B CD1 
772  C CD2 . PHE B 15 ? 0.2040 0.1832 0.1954 0.0191  -0.0231 -0.0074 338 PHE B CD2 
773  C CE1 . PHE B 15 ? 0.1874 0.1983 0.1729 0.0154  -0.0335 -0.0221 338 PHE B CE1 
774  C CE2 . PHE B 15 ? 0.2231 0.1944 0.2109 0.0241  -0.0449 -0.0007 338 PHE B CE2 
775  C CZ  . PHE B 15 ? 0.2205 0.1772 0.2100 0.0171  -0.0466 -0.0289 338 PHE B CZ  
785  N N   . GLU B 16 ? 0.1945 0.1596 0.1313 -0.0069 -0.0205 0.0040  339 GLU B N   
786  C CA  . GLU B 16 ? 0.2288 0.1631 0.1450 -0.0185 -0.0071 0.0184  339 GLU B CA  
787  C C   . GLU B 16 ? 0.2085 0.1609 0.1363 -0.0287 -0.0094 0.0099  339 GLU B C   
788  O O   . GLU B 16 ? 0.2195 0.1542 0.1518 -0.0382 -0.0136 0.0101  339 GLU B O   
789  C CB  . GLU B 16 ? 0.2768 0.1740 0.1764 -0.0282 -0.0109 0.0388  339 GLU B CB  
790  C CG  . GLU B 16 ? 0.3307 0.2312 0.2541 -0.0269 -0.0338 0.0373  339 GLU B CG  
791  C CD  . GLU B 16 ? 0.3751 0.2875 0.3806 -0.0167 -0.0657 0.0243  339 GLU B CD  
792  O OE1 . GLU B 16 ? 0.4120 0.2721 0.4289 -0.0125 -0.0801 0.0241  339 GLU B OE1 
793  O OE2 . GLU B 16 ? 0.3884 0.3173 0.4425 -0.0091 -0.0662 0.0260  339 GLU B OE2 
800  N N   . MET B 17 ? 0.1814 0.1546 0.1374 -0.0220 -0.0014 0.0054  340 MET B N   
801  C CA  . MET B 17 ? 0.1467 0.1735 0.1621 -0.0057 0.0023  -0.0172 340 MET B CA  
802  C C   . MET B 17 ? 0.1262 0.1435 0.1573 -0.0011 -0.0123 -0.0196 340 MET B C   
803  O O   . MET B 17 ? 0.1186 0.1463 0.1827 -0.0059 -0.0131 -0.0135 340 MET B O   
804  C CB  . MET B 17 ? 0.1387 0.2375 0.2189 0.0168  -0.0041 -0.0467 340 MET B CB  
805  C CG  . MET B 17 ? 0.2084 0.2826 0.3349 0.0302  0.0035  -0.0399 340 MET B CG  
806  S SD  . MET B 17 ? 0.2338 0.3177 0.3515 0.0175  0.0093  -0.0010 340 MET B SD  
807  C CE  . MET B 17 ? 0.2424 0.3406 0.3524 -0.0012 -0.0160 0.0320  340 MET B CE  
817  N N   . LEU B 18 ? 0.1202 0.1255 0.1479 -0.0110 -0.0115 0.0177  341 LEU B N   
818  C CA  . LEU B 18 ? 0.1202 0.1327 0.1404 -0.0102 -0.0188 0.0111  341 LEU B CA  
819  C C   . LEU B 18 ? 0.1157 0.1333 0.1180 -0.0062 -0.0009 0.0133  341 LEU B C   
820  O O   . LEU B 18 ? 0.1188 0.1314 0.1425 -0.0085 -0.0056 0.0058  341 LEU B O   
821  C CB  . LEU B 18 ? 0.1427 0.1293 0.1485 -0.0155 -0.0247 0.0118  341 LEU B CB  
822  C CG  . LEU B 18 ? 0.1642 0.1348 0.1722 -0.0039 -0.0301 0.0243  341 LEU B CG  
823  C CD1 . LEU B 18 ? 0.1661 0.1405 0.2128 0.0029  -0.0067 0.0140  341 LEU B CD1 
824  C CD2 . LEU B 18 ? 0.1956 0.1424 0.2246 -0.0070 -0.0429 0.0322  341 LEU B CD2 
836  N N   . ARG B 19 ? 0.1367 0.1163 0.1437 -0.0106 -0.0053 -0.0021 342 ARG B N   
837  C CA  . ARG B 19 ? 0.1578 0.1079 0.1658 -0.0063 -0.0225 -0.0122 342 ARG B CA  
838  C C   . ARG B 19 ? 0.1577 0.1344 0.1407 -0.0092 -0.0254 0.0093  342 ARG B C   
839  O O   . ARG B 19 ? 0.1482 0.1290 0.1486 -0.0018 -0.0270 0.0081  342 ARG B O   
840  C CB  . ARG B 19 ? 0.1873 0.1330 0.1894 0.0105  -0.0617 -0.0053 342 ARG B CB  
841  C CG  . ARG B 19 ? 0.2476 0.1362 0.2255 0.0106  -0.1150 -0.0051 342 ARG B CG  
842  C CD  . ARG B 19 ? 0.3146 0.1737 0.2942 0.0294  -0.1356 0.0050  342 ARG B CD  
843  N NE  . ARG B 19 ? 0.3648 0.2055 0.3131 0.0325  -0.1049 0.0184  342 ARG B NE  
844  C CZ  . ARG B 19 ? 0.3583 0.2545 0.3403 0.0374  -0.1065 0.0035  342 ARG B CZ  
845  N NH1 . ARG B 19 ? 0.3827 0.2397 0.3274 0.0439  -0.0984 -0.0265 342 ARG B NH1 
846  N NH2 . ARG B 19 ? 0.3527 0.2810 0.3639 0.0330  -0.0913 -0.0033 342 ARG B NH2 
860  N N   . GLU B 20 ? 0.1577 0.1294 0.1439 -0.0181 0.0017  0.0044  343 GLU B N   
861  C CA  . GLU B 20 ? 0.1674 0.1597 0.1565 -0.0336 0.0065  0.0115  343 GLU B CA  
862  C C   . GLU B 20 ? 0.1324 0.1421 0.1485 -0.0229 -0.0062 -0.0058 343 GLU B C   
863  O O   . GLU B 20 ? 0.1502 0.1413 0.1528 -0.0219 -0.0173 0.0139  343 GLU B O   
864  C CB  . GLU B 20 ? 0.2050 0.2009 0.1547 -0.0562 0.0153  -0.0104 343 GLU B CB  
865  C CG  . GLU B 20 ? 0.2623 0.2621 0.2339 -0.0646 0.0308  -0.0107 343 GLU B CG  
866  C CD  . GLU B 20 ? 0.3083 0.3213 0.3363 -0.0651 0.0392  -0.0239 343 GLU B CD  
867  O OE1 . GLU B 20 ? 0.3411 0.3488 0.4029 -0.0609 0.0475  -0.0178 343 GLU B OE1 
868  O OE2 . GLU B 20 ? 0.3101 0.3752 0.3624 -0.0489 0.0277  -0.0304 343 GLU B OE2 
875  N N   . ILE B 21 ? 0.1080 0.1349 0.1607 -0.0167 0.0074  -0.0025 344 ILE B N   
876  C CA  . ILE B 21 ? 0.1163 0.1261 0.1579 -0.0126 -0.0067 -0.0018 344 ILE B CA  
877  C C   . ILE B 21 ? 0.1226 0.1122 0.1520 -0.0093 -0.0264 0.0001  344 ILE B C   
878  O O   . ILE B 21 ? 0.1146 0.1159 0.1504 -0.0093 -0.0032 0.0118  344 ILE B O   
879  C CB  . ILE B 21 ? 0.0957 0.1364 0.1677 -0.0031 -0.0095 -0.0114 344 ILE B CB  
880  C CG1 . ILE B 21 ? 0.1154 0.1586 0.1679 0.0083  0.0027  -0.0029 344 ILE B CG1 
881  C CG2 . ILE B 21 ? 0.1106 0.1462 0.1708 0.0043  -0.0055 -0.0024 344 ILE B CG2 
882  C CD1 . ILE B 21 ? 0.1278 0.1502 0.1999 0.0102  -0.0112 -0.0139 344 ILE B CD1 
894  N N   . ASN B 22 ? 0.1113 0.1160 0.1477 -0.0074 -0.0267 0.0025  345 ASN B N   
895  C CA  . ASN B 22 ? 0.1093 0.1170 0.1342 -0.0046 -0.0183 0.0123  345 ASN B CA  
896  C C   . ASN B 22 ? 0.0920 0.1341 0.1292 -0.0015 -0.0106 -0.0032 345 ASN B C   
897  O O   . ASN B 22 ? 0.0993 0.1442 0.1413 -0.0059 -0.0014 0.0134  345 ASN B O   
898  C CB  . ASN B 22 ? 0.1117 0.1255 0.1199 -0.0060 -0.0040 -0.0011 345 ASN B CB  
899  C CG  . ASN B 22 ? 0.1210 0.1061 0.1385 0.0004  0.0006  -0.0054 345 ASN B CG  
900  O OD1 . ASN B 22 ? 0.1165 0.1276 0.1375 -0.0018 -0.0052 0.0016  345 ASN B OD1 
901  N ND2 . ASN B 22 ? 0.1178 0.1329 0.1358 -0.0033 -0.0045 0.0139  345 ASN B ND2 
908  N N   . GLU B 23 ? 0.1108 0.1329 0.1306 -0.0016 -0.0126 0.0028  346 GLU B N   
909  C CA  . GLU B 23 ? 0.1241 0.1231 0.1473 0.0015  -0.0209 0.0186  346 GLU B CA  
910  C C   . GLU B 23 ? 0.1220 0.1180 0.1552 -0.0055 -0.0095 0.0182  346 GLU B C   
911  O O   . GLU B 23 ? 0.1453 0.1153 0.1624 -0.0080 -0.0157 0.0134  346 GLU B O   
912  C CB  . GLU B 23 ? 0.1321 0.1383 0.1491 -0.0070 -0.0176 0.0161  346 GLU B CB  
913  C CG  . GLU B 23 ? 0.1273 0.1473 0.1600 -0.0085 -0.0275 0.0181  346 GLU B CG  
914  C CD  . GLU B 23 ? 0.1343 0.1638 0.1516 -0.0106 -0.0271 0.0287  346 GLU B CD  
915  O OE1 . GLU B 23 ? 0.1541 0.2125 0.1650 -0.0219 -0.0206 0.0539  346 GLU B OE1 
916  O OE2 . GLU B 23 ? 0.1169 0.1515 0.1522 -0.0007 -0.0322 0.0154  346 GLU B OE2 
923  N N   . ALA B 24 ? 0.1255 0.1108 0.1545 -0.0139 0.0003  0.0110  347 ALA B N   
924  C CA  . ALA B 24 ? 0.1212 0.1162 0.1541 -0.0158 0.0038  0.0171  347 ALA B CA  
925  C C   . ALA B 24 ? 0.1089 0.1110 0.1538 -0.0082 -0.0241 0.0189  347 ALA B C   
926  O O   . ALA B 24 ? 0.1178 0.1123 0.1578 -0.0062 -0.0051 0.0086  347 ALA B O   
927  C CB  . ALA B 24 ? 0.1314 0.1459 0.1547 -0.0055 -0.0062 0.0086  347 ALA B CB  
933  N N   . LEU B 25 ? 0.1151 0.1195 0.1458 -0.0159 -0.0239 0.0180  348 LEU B N   
934  C CA  . LEU B 25 ? 0.1207 0.1307 0.1462 -0.0117 -0.0231 0.0265  348 LEU B CA  
935  C C   . LEU B 25 ? 0.1197 0.1323 0.1587 -0.0112 -0.0119 0.0188  348 LEU B C   
936  O O   . LEU B 25 ? 0.1428 0.1281 0.1622 -0.0048 -0.0253 0.0160  348 LEU B O   
937  C CB  . LEU B 25 ? 0.1163 0.1403 0.1313 0.0004  -0.0204 0.0261  348 LEU B CB  
938  C CG  . LEU B 25 ? 0.1157 0.1389 0.1406 0.0058  -0.0071 0.0257  348 LEU B CG  
939  C CD1 . LEU B 25 ? 0.1560 0.1112 0.1652 -0.0010 -0.0083 0.0117  348 LEU B CD1 
940  C CD2 . LEU B 25 ? 0.1312 0.1334 0.1818 0.0041  -0.0044 0.0217  348 LEU B CD2 
952  N N   . GLU B 26 ? 0.1182 0.1185 0.1582 -0.0024 -0.0071 0.0086  349 GLU B N   
953  C CA  . GLU B 26 ? 0.1324 0.1245 0.1476 0.0036  -0.0081 0.0159  349 GLU B CA  
954  C C   . GLU B 26 ? 0.1247 0.1317 0.1592 0.0031  -0.0065 0.0034  349 GLU B C   
955  O O   . GLU B 26 ? 0.1274 0.1459 0.1913 0.0050  -0.0111 -0.0040 349 GLU B O   
956  C CB  . GLU B 26 ? 0.1116 0.1526 0.1457 -0.0015 -0.0046 0.0197  349 GLU B CB  
957  C CG  . GLU B 26 ? 0.1183 0.1499 0.1461 0.0002  0.0058  0.0391  349 GLU B CG  
958  C CD  . GLU B 26 ? 0.1184 0.1486 0.1535 0.0072  -0.0081 0.0119  349 GLU B CD  
959  O OE1 . GLU B 26 ? 0.1148 0.1718 0.1679 -0.0047 -0.0181 0.0267  349 GLU B OE1 
960  O OE2 . GLU B 26 ? 0.1162 0.1516 0.1720 -0.0032 -0.0114 0.0064  349 GLU B OE2 
967  N N   . LEU B 27 ? 0.1261 0.1182 0.1719 0.0013  -0.0185 0.0142  350 LEU B N   
968  C CA  . LEU B 27 ? 0.1322 0.1168 0.2026 -0.0010 -0.0024 0.0389  350 LEU B CA  
969  C C   . LEU B 27 ? 0.1273 0.1188 0.2062 -0.0097 0.0060  0.0328  350 LEU B C   
970  O O   . LEU B 27 ? 0.1527 0.1230 0.2222 -0.0119 0.0051  0.0182  350 LEU B O   
971  C CB  . LEU B 27 ? 0.1638 0.1286 0.2215 -0.0023 0.0002  0.0551  350 LEU B CB  
972  C CG  . LEU B 27 ? 0.2068 0.1457 0.2508 0.0042  0.0410  0.0583  350 LEU B CG  
973  C CD1 . LEU B 27 ? 0.2238 0.1742 0.2797 -0.0071 0.0502  0.0785  350 LEU B CD1 
974  C CD2 . LEU B 27 ? 0.2243 0.1737 0.2565 0.0086  0.0417  0.0672  350 LEU B CD2 
986  N N   . LYS B 28 ? 0.1284 0.1181 0.2000 -0.0124 -0.0062 0.0151  351 LYS B N   
987  C CA  . LYS B 28 ? 0.1498 0.1284 0.1947 -0.0185 -0.0283 0.0101  351 LYS B CA  
988  C C   . LYS B 28 ? 0.1640 0.1403 0.1938 -0.0229 -0.0354 0.0143  351 LYS B C   
989  O O   . LYS B 28 ? 0.1817 0.1360 0.2179 -0.0247 -0.0336 -0.0051 351 LYS B O   
990  C CB  . LYS B 28 ? 0.1505 0.1402 0.2218 -0.0107 -0.0317 -0.0003 351 LYS B CB  
991  C CG  . LYS B 28 ? 0.1811 0.1972 0.2407 0.0177  -0.0422 -0.0311 351 LYS B CG  
992  C CD  . LYS B 28 ? 0.2150 0.2519 0.2822 0.0334  -0.0474 -0.0182 351 LYS B CD  
993  C CE  . LYS B 28 ? 0.2581 0.2680 0.3614 0.0318  -0.0273 -0.0070 351 LYS B CE  
994  N NZ  . LYS B 28 ? 0.2838 0.2865 0.4026 0.0329  -0.0201 0.0072  351 LYS B NZ  
1008 N N   . ASP B 29 ? 0.1697 0.1458 0.1833 -0.0345 -0.0186 0.0048  352 ASP B N   
1009 C CA  . ASP B 29 ? 0.1950 0.1480 0.1981 -0.0413 -0.0014 0.0030  352 ASP B CA  
1010 C C   . ASP B 29 ? 0.1847 0.1603 0.2175 -0.0275 0.0221  -0.0059 352 ASP B C   
1011 O O   . ASP B 29 ? 0.2088 0.1804 0.2522 -0.0230 -0.0018 -0.0315 352 ASP B O   
1012 C CB  . ASP B 29 ? 0.2173 0.1630 0.2159 -0.0415 -0.0038 -0.0009 352 ASP B CB  
1013 C CG  . ASP B 29 ? 0.2423 0.1852 0.2370 -0.0441 -0.0280 0.0201  352 ASP B CG  
1014 O OD1 . ASP B 29 ? 0.2622 0.2016 0.2352 -0.0504 -0.0325 0.0506  352 ASP B OD1 
1015 O OD2 . ASP B 29 ? 0.2438 0.1672 0.2483 -0.0467 -0.0266 0.0138  352 ASP B OD2 
1020 N N   . ALA B 30 ? 0.1966 0.1610 0.2277 -0.0178 0.0234  -0.0048 353 ALA B N   
1021 C CA  . ALA B 30 ? 0.2091 0.1580 0.2594 -0.0042 0.0244  -0.0010 353 ALA B CA  
1022 C C   . ALA B 30 ? 0.2197 0.1540 0.3123 -0.0022 0.0460  0.0108  353 ALA B C   
1023 O O   . ALA B 30 ? 0.2584 0.1336 0.3552 0.0025  0.0500  0.0011  353 ALA B O   
1024 C CB  . ALA B 30 ? 0.2229 0.1787 0.2785 0.0059  0.0086  0.0103  353 ALA B CB  
1030 N N   . MET B 31 ? 0.2235 0.1458 0.3562 -0.0111 0.0642  0.0176  354 MET B N   
1031 C CA  . MET B 31 ? 0.2508 0.1615 0.4026 -0.0229 0.0765  0.0192  354 MET B CA  
1032 C C   . MET B 31 ? 0.2196 0.1741 0.4014 -0.0229 0.0782  -0.0133 354 MET B C   
1033 O O   . MET B 31 ? 0.2048 0.1747 0.4168 -0.0387 0.0595  -0.0124 354 MET B O   
1034 C CB  . MET B 31 ? 0.3103 0.2332 0.4786 -0.0314 0.0652  0.0561  354 MET B CB  
1035 C CG  . MET B 31 ? 0.3749 0.3583 0.5567 -0.0150 0.0530  0.0959  354 MET B CG  
1036 S SD  . MET B 31 ? 0.4039 0.4794 0.6303 -0.0051 0.0420  0.1242  354 MET B SD  
1037 C CE  . MET B 31 ? 0.3984 0.5155 0.6496 0.0052  0.0585  0.1365  354 MET B CE  
1047 N N   . ALA B 32 ? 0.2229 0.1646 0.3937 -0.0276 0.0745  -0.0408 355 ALA B N   
1048 C CA  . ALA B 32 ? 0.2522 0.2034 0.4034 -0.0287 0.0576  -0.0365 355 ALA B CA  
1049 C C   . ALA B 32 ? 0.2948 0.2389 0.4167 -0.0267 0.0535  -0.0395 355 ALA B C   
1050 O O   . ALA B 32 ? 0.3331 0.2543 0.4221 -0.0273 0.0170  -0.0438 355 ALA B O   
1051 C CB  . ALA B 32 ? 0.2615 0.2148 0.4113 -0.0200 0.0560  -0.0415 355 ALA B CB  
1057 N N   . GLY B 33 ? 0.3290 0.2459 0.4344 -0.0132 0.0872  -0.0340 356 GLY B N   
1058 C CA  . GLY B 33 ? 0.3708 0.2567 0.4627 -0.0142 0.1074  -0.0067 356 GLY B CA  
1059 C C   . GLY B 33 ? 0.4090 0.2666 0.4925 -0.0194 0.1036  0.0146  356 GLY B C   
1060 O O   . GLY B 33 ? 0.4317 0.2858 0.5209 -0.0212 0.0913  0.0232  356 GLY B O   
1064 S S   . SO4 C .  ? 0.7148 0.4772 0.4540 0.1114  -0.0625 -0.1107 401 SO4 A S   
1065 O O1  . SO4 C .  ? 0.7148 0.4933 0.4571 0.1104  -0.0642 -0.0977 401 SO4 A O1  
1066 O O2  . SO4 C .  ? 0.7115 0.4793 0.4596 0.1149  -0.0440 -0.1253 401 SO4 A O2  
1067 O O3  . SO4 C .  ? 0.7184 0.4929 0.4891 0.1073  -0.0650 -0.0840 401 SO4 A O3  
1068 O O4  . SO4 C .  ? 0.7125 0.4840 0.4744 0.1139  -0.0546 -0.1142 401 SO4 A O4  
# 
loop_
_pdbx_poly_seq_scheme.asym_id 
_pdbx_poly_seq_scheme.entity_id 
_pdbx_poly_seq_scheme.seq_id 
_pdbx_poly_seq_scheme.mon_id 
_pdbx_poly_seq_scheme.ndb_seq_num 
_pdbx_poly_seq_scheme.pdb_seq_num 
_pdbx_poly_seq_scheme.auth_seq_num 
_pdbx_poly_seq_scheme.pdb_mon_id 
_pdbx_poly_seq_scheme.auth_mon_id 
_pdbx_poly_seq_scheme.pdb_strand_id 
_pdbx_poly_seq_scheme.pdb_ins_code 
_pdbx_poly_seq_scheme.hetero 
A 1 1  GLY 1  324 324 GLY GLY A . n 
A 1 2  SER 2  325 325 SER SER A . n 
A 1 3  GLU 3  326 326 GLU GLU A . n 
A 1 4  TYR 4  327 327 TYR TYR A . n 
A 1 5  PHE 5  328 328 PHE PHE A . n 
A 1 6  THR 6  329 329 THR THR A . n 
A 1 7  LEU 7  330 330 LEU LEU A . n 
A 1 8  GLN 8  331 331 GLN GLN A . n 
A 1 9  ILE 9  332 332 ILE ILE A . n 
A 1 10 ARG 10 333 333 ARG ARG A . n 
A 1 11 GLY 11 334 334 GLY GLY A . n 
A 1 12 ARG 12 335 335 ARG ARG A . n 
A 1 13 GLU 13 336 336 GLU GLU A . n 
A 1 14 ARG 14 337 337 ARG ARG A . n 
A 1 15 PHE 15 338 338 PHE PHE A . n 
A 1 16 GLU 16 339 339 GLU GLU A . n 
A 1 17 MET 17 340 340 MET MET A . n 
A 1 18 LEU 18 341 341 LEU LEU A . n 
A 1 19 ARG 19 342 342 ARG ARG A . n 
A 1 20 GLU 20 343 343 GLU GLU A . n 
A 1 21 ILE 21 344 344 ILE ILE A . n 
A 1 22 ASN 22 345 345 ASN ASN A . n 
A 1 23 GLU 23 346 346 GLU GLU A . n 
A 1 24 ALA 24 347 347 ALA ALA A . n 
A 1 25 LEU 25 348 348 LEU LEU A . n 
A 1 26 GLU 26 349 349 GLU GLU A . n 
A 1 27 LEU 27 350 350 LEU LEU A . n 
A 1 28 LYS 28 351 351 LYS LYS A . n 
A 1 29 ASP 29 352 352 ASP ASP A . n 
A 1 30 ALA 30 353 353 ALA ALA A . n 
A 1 31 MET 31 354 354 MET MET A . n 
A 1 32 ALA 32 355 355 ALA ALA A . n 
A 1 33 GLY 33 356 356 GLY GLY A . n 
B 1 1  GLY 1  324 ?   ?   ?   B . n 
B 1 2  SER 2  325 325 SER SER B . n 
B 1 3  GLU 3  326 326 GLU GLU B . n 
B 1 4  TYR 4  327 327 TYR TYR B . n 
B 1 5  PHE 5  328 328 PHE PHE B . n 
B 1 6  THR 6  329 329 THR THR B . n 
B 1 7  LEU 7  330 330 LEU LEU B . n 
B 1 8  GLN 8  331 331 GLN GLN B . n 
B 1 9  ILE 9  332 332 ILE ILE B . n 
B 1 10 ARG 10 333 333 ARG ARG B . n 
B 1 11 GLY 11 334 334 GLY GLY B . n 
B 1 12 ARG 12 335 335 ARG ARG B . n 
B 1 13 GLU 13 336 336 GLU GLU B . n 
B 1 14 ARG 14 337 337 ARG ARG B . n 
B 1 15 PHE 15 338 338 PHE PHE B . n 
B 1 16 GLU 16 339 339 GLU GLU B . n 
B 1 17 MET 17 340 340 MET MET B . n 
B 1 18 LEU 18 341 341 LEU LEU B . n 
B 1 19 ARG 19 342 342 ARG ARG B . n 
B 1 20 GLU 20 343 343 GLU GLU B . n 
B 1 21 ILE 21 344 344 ILE ILE B . n 
B 1 22 ASN 22 345 345 ASN ASN B . n 
B 1 23 GLU 23 346 346 GLU GLU B . n 
B 1 24 ALA 24 347 347 ALA ALA B . n 
B 1 25 LEU 25 348 348 LEU LEU B . n 
B 1 26 GLU 26 349 349 GLU GLU B . n 
B 1 27 LEU 27 350 350 LEU LEU B . n 
B 1 28 LYS 28 351 351 LYS LYS B . n 
B 1 29 ASP 29 352 352 ASP ASP B . n 
B 1 30 ALA 30 353 353 ALA ALA B . n 
B 1 31 MET 31 354 354 MET MET B . n 
B 1 32 ALA 32 355 355 ALA ALA B . n 
B 1 33 GLY 33 356 356 GLY GLY B . n 
# 
_pdbx_contact_author.id                 2 
_pdbx_contact_author.email              jg.omichinski@umontreal.ca 
_pdbx_contact_author.name_first         James 
_pdbx_contact_author.name_last          Omichinski 
_pdbx_contact_author.name_mi            G 
_pdbx_contact_author.role               'principal investigator/group leader' 
_pdbx_contact_author.identifier_ORCID   0000-0002-3543-1914 
# 
loop_
_pdbx_nonpoly_scheme.asym_id 
_pdbx_nonpoly_scheme.entity_id 
_pdbx_nonpoly_scheme.mon_id 
_pdbx_nonpoly_scheme.ndb_seq_num 
_pdbx_nonpoly_scheme.pdb_seq_num 
_pdbx_nonpoly_scheme.auth_seq_num 
_pdbx_nonpoly_scheme.pdb_mon_id 
_pdbx_nonpoly_scheme.auth_mon_id 
_pdbx_nonpoly_scheme.pdb_strand_id 
_pdbx_nonpoly_scheme.pdb_ins_code 
C 2 SO4 1  401 1  SO4 SO4 A . 
D 3 HOH 1  501 90 HOH HOH A . 
D 3 HOH 2  502 41 HOH HOH A . 
D 3 HOH 3  503 37 HOH HOH A . 
D 3 HOH 4  504 94 HOH HOH A . 
D 3 HOH 5  505 75 HOH HOH A . 
D 3 HOH 6  506 74 HOH HOH A . 
D 3 HOH 7  507 39 HOH HOH A . 
D 3 HOH 8  508 42 HOH HOH A . 
D 3 HOH 9  509 76 HOH HOH A . 
D 3 HOH 10 510 99 HOH HOH A . 
D 3 HOH 11 511 63 HOH HOH A . 
D 3 HOH 12 512 20 HOH HOH A . 
D 3 HOH 13 513 1  HOH HOH A . 
D 3 HOH 14 514 22 HOH HOH A . 
D 3 HOH 15 515 53 HOH HOH A . 
D 3 HOH 16 516 6  HOH HOH A . 
D 3 HOH 17 517 56 HOH HOH A . 
D 3 HOH 18 518 54 HOH HOH A . 
D 3 HOH 19 519 11 HOH HOH A . 
D 3 HOH 20 520 14 HOH HOH A . 
D 3 HOH 21 521 95 HOH HOH A . 
D 3 HOH 22 522 3  HOH HOH A . 
D 3 HOH 23 523 29 HOH HOH A . 
D 3 HOH 24 524 21 HOH HOH A . 
D 3 HOH 25 525 57 HOH HOH A . 
D 3 HOH 26 526 35 HOH HOH A . 
D 3 HOH 27 527 26 HOH HOH A . 
D 3 HOH 28 528 52 HOH HOH A . 
D 3 HOH 29 529 18 HOH HOH A . 
D 3 HOH 30 530 23 HOH HOH A . 
D 3 HOH 31 531 46 HOH HOH A . 
D 3 HOH 32 532 67 HOH HOH A . 
D 3 HOH 33 533 8  HOH HOH A . 
D 3 HOH 34 534 49 HOH HOH A . 
D 3 HOH 35 535 25 HOH HOH A . 
D 3 HOH 36 536 85 HOH HOH A . 
D 3 HOH 37 537 13 HOH HOH A . 
D 3 HOH 38 538 58 HOH HOH A . 
D 3 HOH 39 539 87 HOH HOH A . 
D 3 HOH 40 540 12 HOH HOH A . 
D 3 HOH 41 541 44 HOH HOH A . 
D 3 HOH 42 542 40 HOH HOH A . 
D 3 HOH 43 543 77 HOH HOH A . 
D 3 HOH 44 544 98 HOH HOH A . 
D 3 HOH 45 545 91 HOH HOH A . 
D 3 HOH 46 546 83 HOH HOH A . 
D 3 HOH 47 547 92 HOH HOH A . 
D 3 HOH 48 548 82 HOH HOH A . 
D 3 HOH 49 549 89 HOH HOH A . 
E 3 HOH 1  401 45 HOH HOH B . 
E 3 HOH 2  402 70 HOH HOH B . 
E 3 HOH 3  403 61 HOH HOH B . 
E 3 HOH 4  404 36 HOH HOH B . 
E 3 HOH 5  405 7  HOH HOH B . 
E 3 HOH 6  406 5  HOH HOH B . 
E 3 HOH 7  407 84 HOH HOH B . 
E 3 HOH 8  408 4  HOH HOH B . 
E 3 HOH 9  409 16 HOH HOH B . 
E 3 HOH 10 410 38 HOH HOH B . 
E 3 HOH 11 411 30 HOH HOH B . 
E 3 HOH 12 412 15 HOH HOH B . 
E 3 HOH 13 413 62 HOH HOH B . 
E 3 HOH 14 414 66 HOH HOH B . 
E 3 HOH 15 415 2  HOH HOH B . 
E 3 HOH 16 416 68 HOH HOH B . 
E 3 HOH 17 417 50 HOH HOH B . 
E 3 HOH 18 418 17 HOH HOH B . 
E 3 HOH 19 419 32 HOH HOH B . 
E 3 HOH 20 420 60 HOH HOH B . 
E 3 HOH 21 421 69 HOH HOH B . 
E 3 HOH 22 422 47 HOH HOH B . 
E 3 HOH 23 423 78 HOH HOH B . 
E 3 HOH 24 424 48 HOH HOH B . 
E 3 HOH 25 425 10 HOH HOH B . 
E 3 HOH 26 426 19 HOH HOH B . 
E 3 HOH 27 427 24 HOH HOH B . 
E 3 HOH 28 428 51 HOH HOH B . 
E 3 HOH 29 429 28 HOH HOH B . 
E 3 HOH 30 430 55 HOH HOH B . 
E 3 HOH 31 431 9  HOH HOH B . 
E 3 HOH 32 432 27 HOH HOH B . 
E 3 HOH 33 433 96 HOH HOH B . 
E 3 HOH 34 434 72 HOH HOH B . 
E 3 HOH 35 435 34 HOH HOH B . 
E 3 HOH 36 436 64 HOH HOH B . 
E 3 HOH 37 437 33 HOH HOH B . 
E 3 HOH 38 438 31 HOH HOH B . 
E 3 HOH 39 439 65 HOH HOH B . 
E 3 HOH 40 440 97 HOH HOH B . 
E 3 HOH 41 441 73 HOH HOH B . 
E 3 HOH 42 442 79 HOH HOH B . 
E 3 HOH 43 443 88 HOH HOH B . 
E 3 HOH 44 444 43 HOH HOH B . 
E 3 HOH 45 445 59 HOH HOH B . 
E 3 HOH 46 446 93 HOH HOH B . 
E 3 HOH 47 447 80 HOH HOH B . 
E 3 HOH 48 448 71 HOH HOH B . 
E 3 HOH 49 449 86 HOH HOH B . 
E 3 HOH 50 450 81 HOH HOH B . 
# 
_pdbx_struct_assembly.id                   1 
_pdbx_struct_assembly.details              author_and_software_defined_assembly 
_pdbx_struct_assembly.method_details       PISA 
_pdbx_struct_assembly.oligomeric_details   tetrameric 
_pdbx_struct_assembly.oligomeric_count     4 
# 
_pdbx_struct_assembly_gen.assembly_id       1 
_pdbx_struct_assembly_gen.oper_expression   1,2 
_pdbx_struct_assembly_gen.asym_id_list      A,B,C,D,E 
# 
loop_
_pdbx_struct_assembly_prop.biol_id 
_pdbx_struct_assembly_prop.type 
_pdbx_struct_assembly_prop.value 
_pdbx_struct_assembly_prop.details 
1 'ABSA (A^2)' 7230 ? 
1 MORE         -78  ? 
1 'SSA (A^2)'  8010 ? 
# 
loop_
_pdbx_struct_oper_list.id 
_pdbx_struct_oper_list.type 
_pdbx_struct_oper_list.name 
_pdbx_struct_oper_list.symmetry_operation 
_pdbx_struct_oper_list.matrix[1][1] 
_pdbx_struct_oper_list.matrix[1][2] 
_pdbx_struct_oper_list.matrix[1][3] 
_pdbx_struct_oper_list.vector[1] 
_pdbx_struct_oper_list.matrix[2][1] 
_pdbx_struct_oper_list.matrix[2][2] 
_pdbx_struct_oper_list.matrix[2][3] 
_pdbx_struct_oper_list.vector[2] 
_pdbx_struct_oper_list.matrix[3][1] 
_pdbx_struct_oper_list.matrix[3][2] 
_pdbx_struct_oper_list.matrix[3][3] 
_pdbx_struct_oper_list.vector[3] 
1 'identity operation'         1_555 x,y,z           1.0000000000  0.0000000000  0.0000000000  0.0000000000   0.0000000000  1.0000000000  0.0000000000 0.0000000000 0.0000000000  0.0000000000 1.0000000000 0.0000000000  
2 'crystal symmetry operation' 6_445 -x-1/2,-y-1/2,z -0.9573578723 -0.0344109371 -0.2868480289 -14.8056510693 -0.0344109371 -0.9722313905 0.2314778841 0.4793470960 -0.2868480289 0.2314778841 0.9295892628 -2.2584755013 
# 
loop_
_pdbx_struct_special_symmetry.id 
_pdbx_struct_special_symmetry.PDB_model_num 
_pdbx_struct_special_symmetry.auth_asym_id 
_pdbx_struct_special_symmetry.auth_comp_id 
_pdbx_struct_special_symmetry.auth_seq_id 
_pdbx_struct_special_symmetry.PDB_ins_code 
_pdbx_struct_special_symmetry.label_asym_id 
_pdbx_struct_special_symmetry.label_comp_id 
_pdbx_struct_special_symmetry.label_seq_id 
1 1 A HOH 505 ? D HOH . 
2 1 A HOH 512 ? D HOH . 
3 1 A HOH 527 ? D HOH . 
4 1 A HOH 546 ? D HOH . 
# 
_pdbx_audit_revision_history.ordinal             1 
_pdbx_audit_revision_history.data_content_type   'Structure model' 
_pdbx_audit_revision_history.major_revision      1 
_pdbx_audit_revision_history.minor_revision      0 
_pdbx_audit_revision_history.revision_date       2023-12-20 
# 
_pdbx_audit_revision_details.ordinal             1 
_pdbx_audit_revision_details.revision_ordinal    1 
_pdbx_audit_revision_details.data_content_type   'Structure model' 
_pdbx_audit_revision_details.provider            repository 
_pdbx_audit_revision_details.type                'Initial release' 
_pdbx_audit_revision_details.description         ? 
_pdbx_audit_revision_details.details             ? 
# 
loop_
_software.citation_id 
_software.classification 
_software.compiler_name 
_software.compiler_version 
_software.contact_author 
_software.contact_author_email 
_software.date 
_software.description 
_software.dependencies 
_software.hardware 
_software.language 
_software.location 
_software.mods 
_software.name 
_software.os 
_software.os_version 
_software.type 
_software.version 
_software.pdbx_ordinal 
? refinement       ? ? ? ? ? ? ? ? ? ? ? PHENIX   ? ? ? '(1.19.2_4158: ???)' 1 
? 'data reduction' ? ? ? ? ? ? ? ? ? ? ? HKL-2000 ? ? ? .                    2 
? 'data scaling'   ? ? ? ? ? ? ? ? ? ? ? HKL-2000 ? ? ? .                    3 
? phasing          ? ? ? ? ? ? ? ? ? ? ? PHASER   ? ? ? .                    4 
# 
_pdbx_entry_details.entry_id                 8UQT 
_pdbx_entry_details.has_ligand_of_interest   Y 
_pdbx_entry_details.compound_details         ? 
_pdbx_entry_details.source_details           ? 
_pdbx_entry_details.nonpolymer_details       ? 
_pdbx_entry_details.sequence_details         ? 
# 
loop_
_pdbx_validate_close_contact.id 
_pdbx_validate_close_contact.PDB_model_num 
_pdbx_validate_close_contact.auth_atom_id_1 
_pdbx_validate_close_contact.auth_asym_id_1 
_pdbx_validate_close_contact.auth_comp_id_1 
_pdbx_validate_close_contact.auth_seq_id_1 
_pdbx_validate_close_contact.PDB_ins_code_1 
_pdbx_validate_close_contact.label_alt_id_1 
_pdbx_validate_close_contact.auth_atom_id_2 
_pdbx_validate_close_contact.auth_asym_id_2 
_pdbx_validate_close_contact.auth_comp_id_2 
_pdbx_validate_close_contact.auth_seq_id_2 
_pdbx_validate_close_contact.PDB_ins_code_2 
_pdbx_validate_close_contact.label_alt_id_2 
_pdbx_validate_close_contact.dist 
1 1 HH11 A ARG 335 ? ? O    A HOH 503 ? ? 1.53 
2 1 OE1  A GLU 339 ? ? HH11 A ARG 342 ? ? 1.59 
3 1 OE2  A GLU 343 ? ? O    A HOH 501 ? ? 1.91 
4 1 O    B HOH 421 ? ? O    B HOH 422 ? ? 1.99 
5 1 OE1  A GLU 339 ? ? NH1  A ARG 342 ? ? 2.03 
6 1 O    A HOH 504 ? ? O    B HOH 433 ? ? 2.05 
7 1 OE2  A GLU 346 ? ? O    A HOH 502 ? ? 2.05 
# 
loop_
_pdbx_validate_symm_contact.id 
_pdbx_validate_symm_contact.PDB_model_num 
_pdbx_validate_symm_contact.auth_atom_id_1 
_pdbx_validate_symm_contact.auth_asym_id_1 
_pdbx_validate_symm_contact.auth_comp_id_1 
_pdbx_validate_symm_contact.auth_seq_id_1 
_pdbx_validate_symm_contact.PDB_ins_code_1 
_pdbx_validate_symm_contact.label_alt_id_1 
_pdbx_validate_symm_contact.site_symmetry_1 
_pdbx_validate_symm_contact.auth_atom_id_2 
_pdbx_validate_symm_contact.auth_asym_id_2 
_pdbx_validate_symm_contact.auth_comp_id_2 
_pdbx_validate_symm_contact.auth_seq_id_2 
_pdbx_validate_symm_contact.PDB_ins_code_2 
_pdbx_validate_symm_contact.label_alt_id_2 
_pdbx_validate_symm_contact.site_symmetry_2 
_pdbx_validate_symm_contact.dist 
1 1 HE2 B MET 354 ? ? 1_555 HE2 B MET 354 ? ? 4_546 0.98 
2 1 CE  B MET 354 ? ? 1_555 HE2 B MET 354 ? ? 4_546 1.34 
3 1 O   B HOH 441 ? ? 1_555 O   B HOH 441 ? ? 4_546 1.51 
4 1 O   B HOH 421 ? ? 1_555 O   B HOH 429 ? ? 4_546 1.99 
5 1 CE  B MET 354 ? ? 1_555 CE  B MET 354 ? ? 4_546 2.06 
# 
_pdbx_unobs_or_zero_occ_residues.id               1 
_pdbx_unobs_or_zero_occ_residues.PDB_model_num    1 
_pdbx_unobs_or_zero_occ_residues.polymer_flag     Y 
_pdbx_unobs_or_zero_occ_residues.occupancy_flag   1 
_pdbx_unobs_or_zero_occ_residues.auth_asym_id     B 
_pdbx_unobs_or_zero_occ_residues.auth_comp_id     GLY 
_pdbx_unobs_or_zero_occ_residues.auth_seq_id      324 
_pdbx_unobs_or_zero_occ_residues.PDB_ins_code     ? 
_pdbx_unobs_or_zero_occ_residues.label_asym_id    B 
_pdbx_unobs_or_zero_occ_residues.label_comp_id    GLY 
_pdbx_unobs_or_zero_occ_residues.label_seq_id     1 
# 
loop_
_chem_comp_atom.comp_id 
_chem_comp_atom.atom_id 
_chem_comp_atom.type_symbol 
_chem_comp_atom.pdbx_aromatic_flag 
_chem_comp_atom.pdbx_stereo_config 
_chem_comp_atom.pdbx_ordinal 
ALA N    N N N 1   
ALA CA   C N S 2   
ALA C    C N N 3   
ALA O    O N N 4   
ALA CB   C N N 5   
ALA OXT  O N N 6   
ALA H    H N N 7   
ALA H2   H N N 8   
ALA HA   H N N 9   
ALA HB1  H N N 10  
ALA HB2  H N N 11  
ALA HB3  H N N 12  
ALA HXT  H N N 13  
ARG N    N N N 14  
ARG CA   C N S 15  
ARG C    C N N 16  
ARG O    O N N 17  
ARG CB   C N N 18  
ARG CG   C N N 19  
ARG CD   C N N 20  
ARG NE   N N N 21  
ARG CZ   C N N 22  
ARG NH1  N N N 23  
ARG NH2  N N N 24  
ARG OXT  O N N 25  
ARG H    H N N 26  
ARG H2   H N N 27  
ARG HA   H N N 28  
ARG HB2  H N N 29  
ARG HB3  H N N 30  
ARG HG2  H N N 31  
ARG HG3  H N N 32  
ARG HD2  H N N 33  
ARG HD3  H N N 34  
ARG HE   H N N 35  
ARG HH11 H N N 36  
ARG HH12 H N N 37  
ARG HH21 H N N 38  
ARG HH22 H N N 39  
ARG HXT  H N N 40  
ASN N    N N N 41  
ASN CA   C N S 42  
ASN C    C N N 43  
ASN O    O N N 44  
ASN CB   C N N 45  
ASN CG   C N N 46  
ASN OD1  O N N 47  
ASN ND2  N N N 48  
ASN OXT  O N N 49  
ASN H    H N N 50  
ASN H2   H N N 51  
ASN HA   H N N 52  
ASN HB2  H N N 53  
ASN HB3  H N N 54  
ASN HD21 H N N 55  
ASN HD22 H N N 56  
ASN HXT  H N N 57  
ASP N    N N N 58  
ASP CA   C N S 59  
ASP C    C N N 60  
ASP O    O N N 61  
ASP CB   C N N 62  
ASP CG   C N N 63  
ASP OD1  O N N 64  
ASP OD2  O N N 65  
ASP OXT  O N N 66  
ASP H    H N N 67  
ASP H2   H N N 68  
ASP HA   H N N 69  
ASP HB2  H N N 70  
ASP HB3  H N N 71  
ASP HD2  H N N 72  
ASP HXT  H N N 73  
GLN N    N N N 74  
GLN CA   C N S 75  
GLN C    C N N 76  
GLN O    O N N 77  
GLN CB   C N N 78  
GLN CG   C N N 79  
GLN CD   C N N 80  
GLN OE1  O N N 81  
GLN NE2  N N N 82  
GLN OXT  O N N 83  
GLN H    H N N 84  
GLN H2   H N N 85  
GLN HA   H N N 86  
GLN HB2  H N N 87  
GLN HB3  H N N 88  
GLN HG2  H N N 89  
GLN HG3  H N N 90  
GLN HE21 H N N 91  
GLN HE22 H N N 92  
GLN HXT  H N N 93  
GLU N    N N N 94  
GLU CA   C N S 95  
GLU C    C N N 96  
GLU O    O N N 97  
GLU CB   C N N 98  
GLU CG   C N N 99  
GLU CD   C N N 100 
GLU OE1  O N N 101 
GLU OE2  O N N 102 
GLU OXT  O N N 103 
GLU H    H N N 104 
GLU H2   H N N 105 
GLU HA   H N N 106 
GLU HB2  H N N 107 
GLU HB3  H N N 108 
GLU HG2  H N N 109 
GLU HG3  H N N 110 
GLU HE2  H N N 111 
GLU HXT  H N N 112 
GLY N    N N N 113 
GLY CA   C N N 114 
GLY C    C N N 115 
GLY O    O N N 116 
GLY OXT  O N N 117 
GLY H    H N N 118 
GLY H2   H N N 119 
GLY HA2  H N N 120 
GLY HA3  H N N 121 
GLY HXT  H N N 122 
HOH O    O N N 123 
HOH H1   H N N 124 
HOH H2   H N N 125 
ILE N    N N N 126 
ILE CA   C N S 127 
ILE C    C N N 128 
ILE O    O N N 129 
ILE CB   C N S 130 
ILE CG1  C N N 131 
ILE CG2  C N N 132 
ILE CD1  C N N 133 
ILE OXT  O N N 134 
ILE H    H N N 135 
ILE H2   H N N 136 
ILE HA   H N N 137 
ILE HB   H N N 138 
ILE HG12 H N N 139 
ILE HG13 H N N 140 
ILE HG21 H N N 141 
ILE HG22 H N N 142 
ILE HG23 H N N 143 
ILE HD11 H N N 144 
ILE HD12 H N N 145 
ILE HD13 H N N 146 
ILE HXT  H N N 147 
LEU N    N N N 148 
LEU CA   C N S 149 
LEU C    C N N 150 
LEU O    O N N 151 
LEU CB   C N N 152 
LEU CG   C N N 153 
LEU CD1  C N N 154 
LEU CD2  C N N 155 
LEU OXT  O N N 156 
LEU H    H N N 157 
LEU H2   H N N 158 
LEU HA   H N N 159 
LEU HB2  H N N 160 
LEU HB3  H N N 161 
LEU HG   H N N 162 
LEU HD11 H N N 163 
LEU HD12 H N N 164 
LEU HD13 H N N 165 
LEU HD21 H N N 166 
LEU HD22 H N N 167 
LEU HD23 H N N 168 
LEU HXT  H N N 169 
LYS N    N N N 170 
LYS CA   C N S 171 
LYS C    C N N 172 
LYS O    O N N 173 
LYS CB   C N N 174 
LYS CG   C N N 175 
LYS CD   C N N 176 
LYS CE   C N N 177 
LYS NZ   N N N 178 
LYS OXT  O N N 179 
LYS H    H N N 180 
LYS H2   H N N 181 
LYS HA   H N N 182 
LYS HB2  H N N 183 
LYS HB3  H N N 184 
LYS HG2  H N N 185 
LYS HG3  H N N 186 
LYS HD2  H N N 187 
LYS HD3  H N N 188 
LYS HE2  H N N 189 
LYS HE3  H N N 190 
LYS HZ1  H N N 191 
LYS HZ2  H N N 192 
LYS HZ3  H N N 193 
LYS HXT  H N N 194 
MET N    N N N 195 
MET CA   C N S 196 
MET C    C N N 197 
MET O    O N N 198 
MET CB   C N N 199 
MET CG   C N N 200 
MET SD   S N N 201 
MET CE   C N N 202 
MET OXT  O N N 203 
MET H    H N N 204 
MET H2   H N N 205 
MET HA   H N N 206 
MET HB2  H N N 207 
MET HB3  H N N 208 
MET HG2  H N N 209 
MET HG3  H N N 210 
MET HE1  H N N 211 
MET HE2  H N N 212 
MET HE3  H N N 213 
MET HXT  H N N 214 
PHE N    N N N 215 
PHE CA   C N S 216 
PHE C    C N N 217 
PHE O    O N N 218 
PHE CB   C N N 219 
PHE CG   C Y N 220 
PHE CD1  C Y N 221 
PHE CD2  C Y N 222 
PHE CE1  C Y N 223 
PHE CE2  C Y N 224 
PHE CZ   C Y N 225 
PHE OXT  O N N 226 
PHE H    H N N 227 
PHE H2   H N N 228 
PHE HA   H N N 229 
PHE HB2  H N N 230 
PHE HB3  H N N 231 
PHE HD1  H N N 232 
PHE HD2  H N N 233 
PHE HE1  H N N 234 
PHE HE2  H N N 235 
PHE HZ   H N N 236 
PHE HXT  H N N 237 
SER N    N N N 238 
SER CA   C N S 239 
SER C    C N N 240 
SER O    O N N 241 
SER CB   C N N 242 
SER OG   O N N 243 
SER OXT  O N N 244 
SER H    H N N 245 
SER H2   H N N 246 
SER HA   H N N 247 
SER HB2  H N N 248 
SER HB3  H N N 249 
SER HG   H N N 250 
SER HXT  H N N 251 
SO4 S    S N N 252 
SO4 O1   O N N 253 
SO4 O2   O N N 254 
SO4 O3   O N N 255 
SO4 O4   O N N 256 
THR N    N N N 257 
THR CA   C N S 258 
THR C    C N N 259 
THR O    O N N 260 
THR CB   C N R 261 
THR OG1  O N N 262 
THR CG2  C N N 263 
THR OXT  O N N 264 
THR H    H N N 265 
THR H2   H N N 266 
THR HA   H N N 267 
THR HB   H N N 268 
THR HG1  H N N 269 
THR HG21 H N N 270 
THR HG22 H N N 271 
THR HG23 H N N 272 
THR HXT  H N N 273 
TYR N    N N N 274 
TYR CA   C N S 275 
TYR C    C N N 276 
TYR O    O N N 277 
TYR CB   C N N 278 
TYR CG   C Y N 279 
TYR CD1  C Y N 280 
TYR CD2  C Y N 281 
TYR CE1  C Y N 282 
TYR CE2  C Y N 283 
TYR CZ   C Y N 284 
TYR OH   O N N 285 
TYR OXT  O N N 286 
TYR H    H N N 287 
TYR H2   H N N 288 
TYR HA   H N N 289 
TYR HB2  H N N 290 
TYR HB3  H N N 291 
TYR HD1  H N N 292 
TYR HD2  H N N 293 
TYR HE1  H N N 294 
TYR HE2  H N N 295 
TYR HH   H N N 296 
TYR HXT  H N N 297 
# 
loop_
_chem_comp_bond.comp_id 
_chem_comp_bond.atom_id_1 
_chem_comp_bond.atom_id_2 
_chem_comp_bond.value_order 
_chem_comp_bond.pdbx_aromatic_flag 
_chem_comp_bond.pdbx_stereo_config 
_chem_comp_bond.pdbx_ordinal 
ALA N   CA   sing N N 1   
ALA N   H    sing N N 2   
ALA N   H2   sing N N 3   
ALA CA  C    sing N N 4   
ALA CA  CB   sing N N 5   
ALA CA  HA   sing N N 6   
ALA C   O    doub N N 7   
ALA C   OXT  sing N N 8   
ALA CB  HB1  sing N N 9   
ALA CB  HB2  sing N N 10  
ALA CB  HB3  sing N N 11  
ALA OXT HXT  sing N N 12  
ARG N   CA   sing N N 13  
ARG N   H    sing N N 14  
ARG N   H2   sing N N 15  
ARG CA  C    sing N N 16  
ARG CA  CB   sing N N 17  
ARG CA  HA   sing N N 18  
ARG C   O    doub N N 19  
ARG C   OXT  sing N N 20  
ARG CB  CG   sing N N 21  
ARG CB  HB2  sing N N 22  
ARG CB  HB3  sing N N 23  
ARG CG  CD   sing N N 24  
ARG CG  HG2  sing N N 25  
ARG CG  HG3  sing N N 26  
ARG CD  NE   sing N N 27  
ARG CD  HD2  sing N N 28  
ARG CD  HD3  sing N N 29  
ARG NE  CZ   sing N N 30  
ARG NE  HE   sing N N 31  
ARG CZ  NH1  sing N N 32  
ARG CZ  NH2  doub N N 33  
ARG NH1 HH11 sing N N 34  
ARG NH1 HH12 sing N N 35  
ARG NH2 HH21 sing N N 36  
ARG NH2 HH22 sing N N 37  
ARG OXT HXT  sing N N 38  
ASN N   CA   sing N N 39  
ASN N   H    sing N N 40  
ASN N   H2   sing N N 41  
ASN CA  C    sing N N 42  
ASN CA  CB   sing N N 43  
ASN CA  HA   sing N N 44  
ASN C   O    doub N N 45  
ASN C   OXT  sing N N 46  
ASN CB  CG   sing N N 47  
ASN CB  HB2  sing N N 48  
ASN CB  HB3  sing N N 49  
ASN CG  OD1  doub N N 50  
ASN CG  ND2  sing N N 51  
ASN ND2 HD21 sing N N 52  
ASN ND2 HD22 sing N N 53  
ASN OXT HXT  sing N N 54  
ASP N   CA   sing N N 55  
ASP N   H    sing N N 56  
ASP N   H2   sing N N 57  
ASP CA  C    sing N N 58  
ASP CA  CB   sing N N 59  
ASP CA  HA   sing N N 60  
ASP C   O    doub N N 61  
ASP C   OXT  sing N N 62  
ASP CB  CG   sing N N 63  
ASP CB  HB2  sing N N 64  
ASP CB  HB3  sing N N 65  
ASP CG  OD1  doub N N 66  
ASP CG  OD2  sing N N 67  
ASP OD2 HD2  sing N N 68  
ASP OXT HXT  sing N N 69  
GLN N   CA   sing N N 70  
GLN N   H    sing N N 71  
GLN N   H2   sing N N 72  
GLN CA  C    sing N N 73  
GLN CA  CB   sing N N 74  
GLN CA  HA   sing N N 75  
GLN C   O    doub N N 76  
GLN C   OXT  sing N N 77  
GLN CB  CG   sing N N 78  
GLN CB  HB2  sing N N 79  
GLN CB  HB3  sing N N 80  
GLN CG  CD   sing N N 81  
GLN CG  HG2  sing N N 82  
GLN CG  HG3  sing N N 83  
GLN CD  OE1  doub N N 84  
GLN CD  NE2  sing N N 85  
GLN NE2 HE21 sing N N 86  
GLN NE2 HE22 sing N N 87  
GLN OXT HXT  sing N N 88  
GLU N   CA   sing N N 89  
GLU N   H    sing N N 90  
GLU N   H2   sing N N 91  
GLU CA  C    sing N N 92  
GLU CA  CB   sing N N 93  
GLU CA  HA   sing N N 94  
GLU C   O    doub N N 95  
GLU C   OXT  sing N N 96  
GLU CB  CG   sing N N 97  
GLU CB  HB2  sing N N 98  
GLU CB  HB3  sing N N 99  
GLU CG  CD   sing N N 100 
GLU CG  HG2  sing N N 101 
GLU CG  HG3  sing N N 102 
GLU CD  OE1  doub N N 103 
GLU CD  OE2  sing N N 104 
GLU OE2 HE2  sing N N 105 
GLU OXT HXT  sing N N 106 
GLY N   CA   sing N N 107 
GLY N   H    sing N N 108 
GLY N   H2   sing N N 109 
GLY CA  C    sing N N 110 
GLY CA  HA2  sing N N 111 
GLY CA  HA3  sing N N 112 
GLY C   O    doub N N 113 
GLY C   OXT  sing N N 114 
GLY OXT HXT  sing N N 115 
HOH O   H1   sing N N 116 
HOH O   H2   sing N N 117 
ILE N   CA   sing N N 118 
ILE N   H    sing N N 119 
ILE N   H2   sing N N 120 
ILE CA  C    sing N N 121 
ILE CA  CB   sing N N 122 
ILE CA  HA   sing N N 123 
ILE C   O    doub N N 124 
ILE C   OXT  sing N N 125 
ILE CB  CG1  sing N N 126 
ILE CB  CG2  sing N N 127 
ILE CB  HB   sing N N 128 
ILE CG1 CD1  sing N N 129 
ILE CG1 HG12 sing N N 130 
ILE CG1 HG13 sing N N 131 
ILE CG2 HG21 sing N N 132 
ILE CG2 HG22 sing N N 133 
ILE CG2 HG23 sing N N 134 
ILE CD1 HD11 sing N N 135 
ILE CD1 HD12 sing N N 136 
ILE CD1 HD13 sing N N 137 
ILE OXT HXT  sing N N 138 
LEU N   CA   sing N N 139 
LEU N   H    sing N N 140 
LEU N   H2   sing N N 141 
LEU CA  C    sing N N 142 
LEU CA  CB   sing N N 143 
LEU CA  HA   sing N N 144 
LEU C   O    doub N N 145 
LEU C   OXT  sing N N 146 
LEU CB  CG   sing N N 147 
LEU CB  HB2  sing N N 148 
LEU CB  HB3  sing N N 149 
LEU CG  CD1  sing N N 150 
LEU CG  CD2  sing N N 151 
LEU CG  HG   sing N N 152 
LEU CD1 HD11 sing N N 153 
LEU CD1 HD12 sing N N 154 
LEU CD1 HD13 sing N N 155 
LEU CD2 HD21 sing N N 156 
LEU CD2 HD22 sing N N 157 
LEU CD2 HD23 sing N N 158 
LEU OXT HXT  sing N N 159 
LYS N   CA   sing N N 160 
LYS N   H    sing N N 161 
LYS N   H2   sing N N 162 
LYS CA  C    sing N N 163 
LYS CA  CB   sing N N 164 
LYS CA  HA   sing N N 165 
LYS C   O    doub N N 166 
LYS C   OXT  sing N N 167 
LYS CB  CG   sing N N 168 
LYS CB  HB2  sing N N 169 
LYS CB  HB3  sing N N 170 
LYS CG  CD   sing N N 171 
LYS CG  HG2  sing N N 172 
LYS CG  HG3  sing N N 173 
LYS CD  CE   sing N N 174 
LYS CD  HD2  sing N N 175 
LYS CD  HD3  sing N N 176 
LYS CE  NZ   sing N N 177 
LYS CE  HE2  sing N N 178 
LYS CE  HE3  sing N N 179 
LYS NZ  HZ1  sing N N 180 
LYS NZ  HZ2  sing N N 181 
LYS NZ  HZ3  sing N N 182 
LYS OXT HXT  sing N N 183 
MET N   CA   sing N N 184 
MET N   H    sing N N 185 
MET N   H2   sing N N 186 
MET CA  C    sing N N 187 
MET CA  CB   sing N N 188 
MET CA  HA   sing N N 189 
MET C   O    doub N N 190 
MET C   OXT  sing N N 191 
MET CB  CG   sing N N 192 
MET CB  HB2  sing N N 193 
MET CB  HB3  sing N N 194 
MET CG  SD   sing N N 195 
MET CG  HG2  sing N N 196 
MET CG  HG3  sing N N 197 
MET SD  CE   sing N N 198 
MET CE  HE1  sing N N 199 
MET CE  HE2  sing N N 200 
MET CE  HE3  sing N N 201 
MET OXT HXT  sing N N 202 
PHE N   CA   sing N N 203 
PHE N   H    sing N N 204 
PHE N   H2   sing N N 205 
PHE CA  C    sing N N 206 
PHE CA  CB   sing N N 207 
PHE CA  HA   sing N N 208 
PHE C   O    doub N N 209 
PHE C   OXT  sing N N 210 
PHE CB  CG   sing N N 211 
PHE CB  HB2  sing N N 212 
PHE CB  HB3  sing N N 213 
PHE CG  CD1  doub Y N 214 
PHE CG  CD2  sing Y N 215 
PHE CD1 CE1  sing Y N 216 
PHE CD1 HD1  sing N N 217 
PHE CD2 CE2  doub Y N 218 
PHE CD2 HD2  sing N N 219 
PHE CE1 CZ   doub Y N 220 
PHE CE1 HE1  sing N N 221 
PHE CE2 CZ   sing Y N 222 
PHE CE2 HE2  sing N N 223 
PHE CZ  HZ   sing N N 224 
PHE OXT HXT  sing N N 225 
SER N   CA   sing N N 226 
SER N   H    sing N N 227 
SER N   H2   sing N N 228 
SER CA  C    sing N N 229 
SER CA  CB   sing N N 230 
SER CA  HA   sing N N 231 
SER C   O    doub N N 232 
SER C   OXT  sing N N 233 
SER CB  OG   sing N N 234 
SER CB  HB2  sing N N 235 
SER CB  HB3  sing N N 236 
SER OG  HG   sing N N 237 
SER OXT HXT  sing N N 238 
SO4 S   O1   doub N N 239 
SO4 S   O2   doub N N 240 
SO4 S   O3   sing N N 241 
SO4 S   O4   sing N N 242 
THR N   CA   sing N N 243 
THR N   H    sing N N 244 
THR N   H2   sing N N 245 
THR CA  C    sing N N 246 
THR CA  CB   sing N N 247 
THR CA  HA   sing N N 248 
THR C   O    doub N N 249 
THR C   OXT  sing N N 250 
THR CB  OG1  sing N N 251 
THR CB  CG2  sing N N 252 
THR CB  HB   sing N N 253 
THR OG1 HG1  sing N N 254 
THR CG2 HG21 sing N N 255 
THR CG2 HG22 sing N N 256 
THR CG2 HG23 sing N N 257 
THR OXT HXT  sing N N 258 
TYR N   CA   sing N N 259 
TYR N   H    sing N N 260 
TYR N   H2   sing N N 261 
TYR CA  C    sing N N 262 
TYR CA  CB   sing N N 263 
TYR CA  HA   sing N N 264 
TYR C   O    doub N N 265 
TYR C   OXT  sing N N 266 
TYR CB  CG   sing N N 267 
TYR CB  HB2  sing N N 268 
TYR CB  HB3  sing N N 269 
TYR CG  CD1  doub Y N 270 
TYR CG  CD2  sing Y N 271 
TYR CD1 CE1  sing Y N 272 
TYR CD1 HD1  sing N N 273 
TYR CD2 CE2  doub Y N 274 
TYR CD2 HD2  sing N N 275 
TYR CE1 CZ   doub Y N 276 
TYR CE1 HE1  sing N N 277 
TYR CE2 CZ   sing Y N 278 
TYR CE2 HE2  sing N N 279 
TYR CZ  OH   sing N N 280 
TYR OH  HH   sing N N 281 
TYR OXT HXT  sing N N 282 
# 
_pdbx_audit_support.funding_organization   'Natural Sciences and Engineering Research Council (NSERC, Canada)' 
_pdbx_audit_support.country                Canada 
_pdbx_audit_support.grant_number           RGPIN-2023-03837 
_pdbx_audit_support.ordinal                1 
# 
_pdbx_entity_instance_feature.ordinal        1 
_pdbx_entity_instance_feature.comp_id        SO4 
_pdbx_entity_instance_feature.asym_id        ? 
_pdbx_entity_instance_feature.seq_num        ? 
_pdbx_entity_instance_feature.auth_comp_id   SO4 
_pdbx_entity_instance_feature.auth_asym_id   ? 
_pdbx_entity_instance_feature.auth_seq_num   ? 
_pdbx_entity_instance_feature.feature_type   'SUBJECT OF INVESTIGATION' 
_pdbx_entity_instance_feature.details        ? 
# 
loop_
_pdbx_entity_nonpoly.entity_id 
_pdbx_entity_nonpoly.name 
_pdbx_entity_nonpoly.comp_id 
2 'SULFATE ION' SO4 
3 water         HOH 
# 
_pdbx_initial_refinement_model.id               1 
_pdbx_initial_refinement_model.entity_id_list   ? 
_pdbx_initial_refinement_model.type             'experimental model' 
_pdbx_initial_refinement_model.source_name      PDB 
_pdbx_initial_refinement_model.accession_code   1AIE 
_pdbx_initial_refinement_model.details          ? 
# 
